data_1X61
#
_entry.id   1X61
#
loop_
_entity.id
_entity.type
_entity.pdbx_description
1 polymer 'Thyroid receptor interacting protein 6'
2 non-polymer 'ZINC ION'
#
_entity_poly.entity_id   1
_entity_poly.type   'polypeptide(L)'
_entity_poly.pdbx_seq_one_letter_code
;GSSGSSGCGGCGEDVVGDGAGVVALDRVFHVGCFVCSTCRAQLRGQHFYAVERRAYCEGCYVATLESGPSSG
;
_entity_poly.pdbx_strand_id   A
#
# COMPACT_ATOMS: atom_id res chain seq x y z
N GLY A 1 10.54 16.60 13.15
CA GLY A 1 10.96 16.84 14.52
C GLY A 1 9.78 16.90 15.47
N SER A 2 9.81 17.88 16.37
CA SER A 2 8.75 18.04 17.36
C SER A 2 7.40 18.20 16.66
N SER A 3 7.29 19.21 15.80
CA SER A 3 6.06 19.48 15.08
C SER A 3 5.79 18.39 14.05
N GLY A 4 4.54 18.35 13.55
CA GLY A 4 4.17 17.34 12.57
C GLY A 4 2.85 16.70 12.87
N SER A 5 2.14 16.28 11.83
CA SER A 5 0.84 15.63 12.00
C SER A 5 0.81 14.28 11.31
N SER A 6 0.18 13.30 11.95
CA SER A 6 0.08 11.96 11.40
C SER A 6 -1.26 11.75 10.70
N GLY A 7 -1.40 10.60 10.03
CA GLY A 7 -2.62 10.31 9.32
C GLY A 7 -2.51 9.07 8.46
N CYS A 8 -3.58 8.29 8.39
CA CYS A 8 -3.60 7.06 7.60
C CYS A 8 -4.27 7.30 6.25
N GLY A 9 -3.47 7.31 5.19
CA GLY A 9 -3.99 7.53 3.86
C GLY A 9 -5.12 6.57 3.51
N GLY A 10 -5.09 5.38 4.10
CA GLY A 10 -6.12 4.40 3.85
C GLY A 10 -7.45 4.78 4.45
N CYS A 11 -7.56 4.66 5.78
CA CYS A 11 -8.79 5.00 6.49
C CYS A 11 -8.86 6.49 6.77
N GLY A 12 -7.77 7.04 7.30
CA GLY A 12 -7.73 8.46 7.61
C GLY A 12 -7.24 8.72 9.03
N GLU A 13 -7.65 7.87 9.96
CA GLU A 13 -7.26 8.02 11.36
C GLU A 13 -5.74 8.15 11.48
N ASP A 14 -5.29 8.78 12.57
CA ASP A 14 -3.87 8.96 12.80
C ASP A 14 -3.18 7.63 13.07
N VAL A 15 -1.94 7.51 12.62
CA VAL A 15 -1.17 6.28 12.80
C VAL A 15 -0.18 6.42 13.95
N VAL A 16 -0.47 5.77 15.07
CA VAL A 16 0.39 5.81 16.25
C VAL A 16 0.17 4.61 17.14
N GLY A 17 1.26 3.97 17.55
CA GLY A 17 1.16 2.80 18.41
C GLY A 17 2.48 2.46 19.08
N ASP A 18 3.12 3.47 19.65
CA ASP A 18 4.40 3.28 20.32
C ASP A 18 5.46 2.75 19.35
N GLY A 19 5.45 3.27 18.13
CA GLY A 19 6.40 2.84 17.12
C GLY A 19 5.78 1.96 16.06
N ALA A 20 4.62 2.38 15.56
CA ALA A 20 3.92 1.62 14.53
C ALA A 20 3.48 2.53 13.39
N GLY A 21 3.52 2.00 12.17
CA GLY A 21 3.12 2.78 11.00
C GLY A 21 3.89 2.38 9.76
N VAL A 22 3.17 2.19 8.65
CA VAL A 22 3.79 1.81 7.40
C VAL A 22 3.86 3.00 6.44
N VAL A 23 5.07 3.42 6.12
CA VAL A 23 5.29 4.55 5.22
C VAL A 23 5.53 4.06 3.79
N ALA A 24 4.67 4.49 2.87
CA ALA A 24 4.80 4.10 1.47
C ALA A 24 4.22 5.17 0.56
N LEU A 25 4.94 5.49 -0.50
CA LEU A 25 4.51 6.49 -1.46
C LEU A 25 4.35 7.86 -0.79
N ASP A 26 5.32 8.20 0.06
CA ASP A 26 5.29 9.48 0.77
C ASP A 26 4.00 9.62 1.59
N ARG A 27 3.49 8.50 2.08
CA ARG A 27 2.27 8.50 2.87
C ARG A 27 2.38 7.53 4.04
N VAL A 28 1.34 7.50 4.87
CA VAL A 28 1.32 6.62 6.03
C VAL A 28 0.06 5.76 6.05
N PHE A 29 0.24 4.45 6.20
CA PHE A 29 -0.88 3.52 6.23
C PHE A 29 -0.73 2.53 7.38
N HIS A 30 -1.86 2.01 7.85
CA HIS A 30 -1.85 1.05 8.95
C HIS A 30 -1.46 -0.34 8.46
N VAL A 31 -0.64 -1.03 9.24
CA VAL A 31 -0.18 -2.37 8.88
C VAL A 31 -1.30 -3.18 8.25
N GLY A 32 -2.53 -2.92 8.69
CA GLY A 32 -3.68 -3.64 8.16
C GLY A 32 -4.19 -3.03 6.86
N CYS A 33 -4.39 -1.71 6.88
CA CYS A 33 -4.89 -1.01 5.70
C CYS A 33 -3.99 -1.24 4.50
N PHE A 34 -2.69 -0.99 4.68
CA PHE A 34 -1.72 -1.18 3.61
C PHE A 34 -1.80 -2.59 3.05
N VAL A 35 -2.43 -2.73 1.88
CA VAL A 35 -2.56 -4.03 1.24
C VAL A 35 -2.63 -3.89 -0.28
N CYS A 36 -2.57 -5.01 -0.98
CA CYS A 36 -2.63 -5.01 -2.43
C CYS A 36 -3.96 -4.45 -2.93
N SER A 37 -4.01 -4.14 -4.23
CA SER A 37 -5.22 -3.59 -4.82
C SER A 37 -6.01 -4.67 -5.55
N THR A 38 -5.32 -5.76 -5.89
CA THR A 38 -5.96 -6.87 -6.59
C THR A 38 -6.36 -7.97 -5.62
N CYS A 39 -5.37 -8.64 -5.02
CA CYS A 39 -5.63 -9.71 -4.08
C CYS A 39 -5.85 -9.16 -2.67
N ARG A 40 -5.50 -7.89 -2.47
CA ARG A 40 -5.66 -7.24 -1.18
C ARG A 40 -4.93 -8.02 -0.08
N ALA A 41 -3.70 -8.41 -0.38
CA ALA A 41 -2.89 -9.16 0.57
C ALA A 41 -2.19 -8.22 1.56
N GLN A 42 -1.90 -8.72 2.75
CA GLN A 42 -1.23 -7.93 3.77
C GLN A 42 0.19 -7.57 3.36
N LEU A 43 0.41 -6.29 3.08
CA LEU A 43 1.73 -5.82 2.67
C LEU A 43 2.42 -5.07 3.80
N ARG A 44 1.93 -5.28 5.01
CA ARG A 44 2.50 -4.62 6.19
C ARG A 44 4.02 -4.66 6.15
N GLY A 45 4.57 -5.78 5.68
CA GLY A 45 6.01 -5.92 5.60
C GLY A 45 6.43 -6.94 4.55
N GLN A 46 6.53 -6.50 3.30
CA GLN A 46 6.92 -7.38 2.21
C GLN A 46 7.24 -6.58 0.95
N HIS A 47 7.69 -7.28 -0.09
CA HIS A 47 8.03 -6.64 -1.35
C HIS A 47 6.78 -6.38 -2.20
N PHE A 48 6.55 -5.12 -2.53
CA PHE A 48 5.39 -4.75 -3.34
C PHE A 48 5.78 -3.77 -4.44
N TYR A 49 4.81 -3.42 -5.28
CA TYR A 49 5.05 -2.49 -6.38
C TYR A 49 4.16 -1.26 -6.26
N ALA A 50 4.39 -0.29 -7.14
CA ALA A 50 3.60 0.94 -7.13
C ALA A 50 3.19 1.32 -8.55
N VAL A 51 1.89 1.20 -8.83
CA VAL A 51 1.37 1.53 -10.16
C VAL A 51 0.04 2.28 -10.04
N GLU A 52 0.00 3.50 -10.59
CA GLU A 52 -1.22 4.31 -10.55
C GLU A 52 -1.59 4.64 -9.11
N ARG A 53 -0.60 4.94 -8.29
CA ARG A 53 -0.83 5.28 -6.89
C ARG A 53 -1.48 4.10 -6.15
N ARG A 54 -1.09 2.89 -6.52
CA ARG A 54 -1.62 1.69 -5.89
C ARG A 54 -0.50 0.77 -5.41
N ALA A 55 -0.87 -0.32 -4.74
CA ALA A 55 0.10 -1.27 -4.23
C ALA A 55 -0.17 -2.67 -4.78
N TYR A 56 0.82 -3.23 -5.46
CA TYR A 56 0.69 -4.56 -6.04
C TYR A 56 1.81 -5.48 -5.56
N CYS A 57 1.43 -6.56 -4.88
CA CYS A 57 2.41 -7.52 -4.37
C CYS A 57 3.16 -8.20 -5.51
N GLU A 58 4.45 -8.43 -5.30
CA GLU A 58 5.29 -9.07 -6.31
C GLU A 58 4.48 -10.09 -7.12
N GLY A 59 3.79 -10.98 -6.41
CA GLY A 59 2.98 -11.99 -7.07
C GLY A 59 2.06 -11.40 -8.12
N CYS A 60 1.19 -10.49 -7.69
CA CYS A 60 0.24 -9.84 -8.60
C CYS A 60 0.97 -9.13 -9.72
N TYR A 61 1.85 -8.20 -9.36
CA TYR A 61 2.60 -7.44 -10.34
C TYR A 61 3.05 -8.33 -11.50
N VAL A 62 3.41 -9.57 -11.18
CA VAL A 62 3.85 -10.52 -12.19
C VAL A 62 2.66 -11.13 -12.93
N ALA A 63 1.56 -11.32 -12.21
CA ALA A 63 0.36 -11.88 -12.79
C ALA A 63 -0.28 -10.92 -13.80
N THR A 64 -0.31 -9.64 -13.45
CA THR A 64 -0.88 -8.63 -14.31
C THR A 64 -0.24 -8.65 -15.69
N LEU A 65 1.07 -8.84 -15.72
CA LEU A 65 1.81 -8.88 -16.98
C LEU A 65 1.20 -9.90 -17.94
N GLU A 66 1.01 -11.12 -17.45
CA GLU A 66 0.43 -12.18 -18.26
C GLU A 66 -0.64 -11.63 -19.21
N SER A 67 -1.51 -10.77 -18.66
CA SER A 67 -2.58 -10.18 -19.46
C SER A 67 -2.11 -9.92 -20.89
N GLY A 68 -0.97 -9.25 -21.02
CA GLY A 68 -0.44 -8.95 -22.34
C GLY A 68 0.85 -8.14 -22.27
N PRO A 69 1.80 -8.47 -23.15
CA PRO A 69 3.10 -7.78 -23.22
C PRO A 69 2.97 -6.35 -23.73
N SER A 70 2.10 -6.16 -24.72
CA SER A 70 1.89 -4.83 -25.30
C SER A 70 1.55 -3.82 -24.23
N SER A 71 1.78 -2.55 -24.53
CA SER A 71 1.49 -1.46 -23.58
C SER A 71 2.19 -1.72 -22.25
N GLY A 72 3.44 -2.17 -22.32
CA GLY A 72 4.20 -2.43 -21.12
C GLY A 72 3.70 -3.67 -20.39
N GLY A 1 -3.37 21.30 13.98
CA GLY A 1 -2.82 20.14 13.29
C GLY A 1 -2.45 20.46 11.85
N SER A 2 -1.45 21.31 11.68
CA SER A 2 -1.00 21.70 10.35
C SER A 2 -0.41 20.50 9.60
N SER A 3 0.49 19.78 10.27
CA SER A 3 1.13 18.61 9.67
C SER A 3 0.18 17.41 9.67
N GLY A 4 -0.23 16.99 8.48
CA GLY A 4 -1.13 15.86 8.36
C GLY A 4 -0.49 14.68 7.65
N SER A 5 0.67 14.26 8.14
CA SER A 5 1.38 13.14 7.56
C SER A 5 1.01 11.83 8.25
N SER A 6 0.90 11.88 9.57
CA SER A 6 0.56 10.69 10.35
C SER A 6 -0.74 10.08 9.85
N GLY A 7 -1.71 10.93 9.53
CA GLY A 7 -2.99 10.45 9.05
C GLY A 7 -2.86 9.18 8.21
N CYS A 8 -3.88 8.33 8.25
CA CYS A 8 -3.87 7.09 7.50
C CYS A 8 -4.53 7.28 6.13
N GLY A 9 -3.70 7.27 5.08
CA GLY A 9 -4.22 7.44 3.74
C GLY A 9 -5.34 6.46 3.42
N GLY A 10 -5.27 5.27 4.01
CA GLY A 10 -6.29 4.27 3.77
C GLY A 10 -7.63 4.65 4.35
N CYS A 11 -7.75 4.55 5.67
CA CYS A 11 -8.99 4.88 6.35
C CYS A 11 -9.10 6.38 6.58
N GLY A 12 -8.02 6.97 7.10
CA GLY A 12 -8.01 8.41 7.36
C GLY A 12 -7.57 8.73 8.77
N GLU A 13 -8.00 7.91 9.72
CA GLU A 13 -7.65 8.12 11.12
C GLU A 13 -6.14 8.26 11.29
N ASP A 14 -5.73 8.92 12.37
CA ASP A 14 -4.32 9.13 12.65
C ASP A 14 -3.62 7.81 12.94
N VAL A 15 -2.31 7.75 12.66
CA VAL A 15 -1.54 6.54 12.89
C VAL A 15 -0.57 6.73 14.06
N VAL A 16 -0.90 6.11 15.20
CA VAL A 16 -0.07 6.21 16.38
C VAL A 16 0.46 4.85 16.80
N GLY A 17 1.68 4.82 17.34
CA GLY A 17 2.28 3.57 17.78
C GLY A 17 3.80 3.60 17.70
N ASP A 18 4.43 3.74 18.86
CA ASP A 18 5.89 3.79 18.92
C ASP A 18 6.50 2.87 17.87
N GLY A 19 6.00 1.65 17.77
CA GLY A 19 6.51 0.69 16.80
C GLY A 19 5.48 0.30 15.77
N ALA A 20 4.80 1.30 15.20
CA ALA A 20 3.79 1.05 14.19
C ALA A 20 3.72 2.21 13.18
N GLY A 21 3.08 1.96 12.05
CA GLY A 21 2.95 2.98 11.03
C GLY A 21 3.74 2.62 9.77
N VAL A 22 3.03 2.21 8.73
CA VAL A 22 3.66 1.85 7.47
C VAL A 22 3.74 3.04 6.54
N VAL A 23 4.96 3.49 6.26
CA VAL A 23 5.17 4.63 5.37
C VAL A 23 5.51 4.17 3.96
N ALA A 24 4.66 4.54 3.01
CA ALA A 24 4.85 4.17 1.61
C ALA A 24 4.26 5.21 0.67
N LEU A 25 4.98 5.51 -0.40
CA LEU A 25 4.52 6.50 -1.38
C LEU A 25 4.31 7.85 -0.72
N ASP A 26 5.22 8.23 0.17
CA ASP A 26 5.13 9.50 0.86
C ASP A 26 3.82 9.62 1.62
N ARG A 27 3.33 8.49 2.12
CA ARG A 27 2.08 8.45 2.86
C ARG A 27 2.18 7.51 4.06
N VAL A 28 1.11 7.44 4.85
CA VAL A 28 1.09 6.56 6.02
C VAL A 28 -0.18 5.71 6.05
N PHE A 29 -0.01 4.41 6.22
CA PHE A 29 -1.14 3.49 6.26
C PHE A 29 -0.99 2.50 7.42
N HIS A 30 -2.12 2.07 7.97
CA HIS A 30 -2.12 1.12 9.08
C HIS A 30 -1.68 -0.27 8.61
N VAL A 31 -0.87 -0.93 9.43
CA VAL A 31 -0.39 -2.26 9.10
C VAL A 31 -1.47 -3.11 8.43
N GLY A 32 -2.72 -2.87 8.83
CA GLY A 32 -3.83 -3.61 8.27
C GLY A 32 -4.32 -3.01 6.96
N CYS A 33 -4.58 -1.71 6.98
CA CYS A 33 -5.06 -1.01 5.79
C CYS A 33 -4.13 -1.25 4.60
N PHE A 34 -2.84 -0.99 4.80
CA PHE A 34 -1.86 -1.18 3.75
C PHE A 34 -1.91 -2.60 3.19
N VAL A 35 -2.47 -2.74 2.00
CA VAL A 35 -2.58 -4.06 1.37
C VAL A 35 -2.63 -3.92 -0.16
N CYS A 36 -2.58 -5.06 -0.85
CA CYS A 36 -2.63 -5.07 -2.31
C CYS A 36 -3.93 -4.47 -2.82
N SER A 37 -3.97 -4.20 -4.12
CA SER A 37 -5.16 -3.62 -4.74
C SER A 37 -5.96 -4.68 -5.49
N THR A 38 -5.29 -5.77 -5.86
CA THR A 38 -5.93 -6.85 -6.58
C THR A 38 -6.35 -7.97 -5.65
N CYS A 39 -5.39 -8.54 -4.93
CA CYS A 39 -5.65 -9.62 -3.99
C CYS A 39 -5.90 -9.07 -2.59
N ARG A 40 -5.57 -7.80 -2.39
CA ARG A 40 -5.76 -7.15 -1.10
C ARG A 40 -5.06 -7.95 0.00
N ALA A 41 -3.85 -8.39 -0.28
CA ALA A 41 -3.07 -9.16 0.68
C ALA A 41 -2.28 -8.24 1.62
N GLN A 42 -1.99 -8.74 2.82
CA GLN A 42 -1.24 -7.95 3.79
C GLN A 42 0.15 -7.64 3.28
N LEU A 43 0.42 -6.34 3.10
CA LEU A 43 1.73 -5.89 2.62
C LEU A 43 2.52 -5.20 3.72
N ARG A 44 2.11 -5.43 4.97
CA ARG A 44 2.78 -4.83 6.11
C ARG A 44 4.29 -4.84 5.93
N GLY A 45 4.84 -6.03 5.71
CA GLY A 45 6.27 -6.15 5.52
C GLY A 45 6.63 -7.17 4.45
N GLN A 46 6.75 -6.70 3.21
CA GLN A 46 7.08 -7.58 2.09
C GLN A 46 7.45 -6.78 0.86
N HIS A 47 7.84 -7.47 -0.20
CA HIS A 47 8.22 -6.81 -1.46
C HIS A 47 6.98 -6.53 -2.31
N PHE A 48 6.67 -5.24 -2.49
CA PHE A 48 5.53 -4.84 -3.28
C PHE A 48 5.93 -3.84 -4.36
N TYR A 49 4.97 -3.47 -5.20
CA TYR A 49 5.24 -2.52 -6.28
C TYR A 49 4.30 -1.32 -6.20
N ALA A 50 4.68 -0.24 -6.86
CA ALA A 50 3.86 0.98 -6.86
C ALA A 50 3.51 1.41 -8.28
N VAL A 51 2.23 1.31 -8.61
CA VAL A 51 1.76 1.68 -9.95
C VAL A 51 0.44 2.43 -9.88
N GLU A 52 0.42 3.65 -10.40
CA GLU A 52 -0.78 4.48 -10.40
C GLU A 52 -1.20 4.80 -8.97
N ARG A 53 -0.23 5.04 -8.10
CA ARG A 53 -0.50 5.36 -6.71
C ARG A 53 -1.21 4.20 -6.02
N ARG A 54 -0.80 2.98 -6.35
CA ARG A 54 -1.39 1.79 -5.76
C ARG A 54 -0.32 0.83 -5.25
N ALA A 55 -0.74 -0.24 -4.61
CA ALA A 55 0.20 -1.23 -4.08
C ALA A 55 -0.12 -2.63 -4.62
N TYR A 56 0.83 -3.20 -5.34
CA TYR A 56 0.65 -4.53 -5.91
C TYR A 56 1.76 -5.48 -5.46
N CYS A 57 1.38 -6.56 -4.79
CA CYS A 57 2.34 -7.54 -4.29
C CYS A 57 3.09 -8.18 -5.45
N GLU A 58 4.38 -8.47 -5.22
CA GLU A 58 5.21 -9.09 -6.24
C GLU A 58 4.40 -10.06 -7.09
N GLY A 59 3.77 -11.03 -6.44
CA GLY A 59 2.97 -12.00 -7.15
C GLY A 59 2.02 -11.37 -8.14
N CYS A 60 1.13 -10.51 -7.64
CA CYS A 60 0.16 -9.84 -8.49
C CYS A 60 0.85 -9.07 -9.61
N TYR A 61 1.70 -8.12 -9.23
CA TYR A 61 2.42 -7.30 -10.20
C TYR A 61 2.88 -8.15 -11.38
N VAL A 62 3.32 -9.37 -11.09
CA VAL A 62 3.79 -10.28 -12.13
C VAL A 62 2.62 -10.89 -12.89
N ALA A 63 1.58 -11.29 -12.16
CA ALA A 63 0.40 -11.88 -12.78
C ALA A 63 -0.25 -10.91 -13.76
N THR A 64 -0.32 -9.64 -13.38
CA THR A 64 -0.92 -8.61 -14.21
C THR A 64 -0.29 -8.60 -15.60
N LEU A 65 1.04 -8.61 -15.63
CA LEU A 65 1.77 -8.60 -16.90
C LEU A 65 1.29 -9.72 -17.81
N GLU A 66 1.14 -10.92 -17.26
CA GLU A 66 0.68 -12.07 -18.03
C GLU A 66 -0.63 -11.77 -18.75
N SER A 67 -1.60 -11.29 -17.99
CA SER A 67 -2.92 -10.96 -18.55
C SER A 67 -3.55 -9.79 -17.80
N GLY A 68 -3.50 -8.62 -18.41
CA GLY A 68 -4.08 -7.44 -17.79
C GLY A 68 -4.14 -6.25 -18.74
N PRO A 69 -3.80 -5.06 -18.21
CA PRO A 69 -3.80 -3.82 -19.00
C PRO A 69 -2.69 -3.80 -20.05
N SER A 70 -1.95 -4.89 -20.14
CA SER A 70 -0.86 -5.00 -21.11
C SER A 70 -1.29 -4.45 -22.47
N SER A 71 -2.29 -5.07 -23.07
CA SER A 71 -2.80 -4.65 -24.36
C SER A 71 -3.99 -3.71 -24.21
N GLY A 72 -4.22 -2.90 -25.23
CA GLY A 72 -5.34 -1.95 -25.20
C GLY A 72 -4.92 -0.58 -24.72
N GLY A 1 5.25 23.28 3.30
CA GLY A 1 4.05 22.49 3.48
C GLY A 1 4.35 21.08 3.95
N SER A 2 3.51 20.13 3.53
CA SER A 2 3.69 18.74 3.92
C SER A 2 3.79 18.60 5.43
N SER A 3 2.94 19.34 6.14
CA SER A 3 2.94 19.31 7.60
C SER A 3 1.55 18.96 8.13
N GLY A 4 1.49 18.53 9.39
CA GLY A 4 0.23 18.17 10.00
C GLY A 4 0.35 17.00 10.96
N SER A 5 -0.78 16.43 11.34
CA SER A 5 -0.80 15.30 12.26
C SER A 5 -0.74 13.98 11.49
N SER A 6 -0.20 12.95 12.16
CA SER A 6 -0.08 11.63 11.54
C SER A 6 -1.46 11.05 11.21
N GLY A 7 -1.72 10.89 9.92
CA GLY A 7 -2.99 10.34 9.50
C GLY A 7 -2.85 9.09 8.65
N CYS A 8 -3.94 8.37 8.46
CA CYS A 8 -3.92 7.14 7.68
C CYS A 8 -4.60 7.35 6.33
N GLY A 9 -3.80 7.33 5.26
CA GLY A 9 -4.34 7.52 3.93
C GLY A 9 -5.41 6.50 3.59
N GLY A 10 -5.35 5.34 4.23
CA GLY A 10 -6.32 4.30 3.97
C GLY A 10 -7.67 4.60 4.58
N CYS A 11 -7.76 4.48 5.91
CA CYS A 11 -9.01 4.75 6.61
C CYS A 11 -9.15 6.24 6.93
N GLY A 12 -8.08 6.83 7.45
CA GLY A 12 -8.10 8.24 7.79
C GLY A 12 -7.73 8.50 9.24
N GLU A 13 -7.92 7.50 10.09
CA GLU A 13 -7.61 7.63 11.51
C GLU A 13 -6.14 7.98 11.70
N ASP A 14 -5.83 8.59 12.85
CA ASP A 14 -4.46 8.98 13.15
C ASP A 14 -3.57 7.76 13.32
N VAL A 15 -2.37 7.82 12.74
CA VAL A 15 -1.42 6.72 12.83
C VAL A 15 -0.31 7.04 13.82
N VAL A 16 -0.26 6.29 14.92
CA VAL A 16 0.76 6.49 15.94
C VAL A 16 0.99 5.21 16.74
N GLY A 17 2.25 4.93 17.06
CA GLY A 17 2.57 3.74 17.83
C GLY A 17 4.06 3.55 17.98
N ASP A 18 4.47 2.96 19.10
CA ASP A 18 5.88 2.72 19.38
C ASP A 18 6.37 1.48 18.64
N GLY A 19 5.55 0.98 17.72
CA GLY A 19 5.92 -0.19 16.95
C GLY A 19 4.97 -0.45 15.79
N ALA A 20 4.60 0.61 15.09
CA ALA A 20 3.69 0.49 13.95
C ALA A 20 3.78 1.72 13.05
N GLY A 21 3.03 1.68 11.94
CA GLY A 21 3.05 2.79 11.01
C GLY A 21 3.85 2.50 9.76
N VAL A 22 3.15 2.23 8.66
CA VAL A 22 3.80 1.92 7.40
C VAL A 22 3.81 3.13 6.48
N VAL A 23 5.01 3.59 6.10
CA VAL A 23 5.16 4.74 5.23
C VAL A 23 5.40 4.30 3.79
N ALA A 24 4.47 4.64 2.90
CA ALA A 24 4.59 4.28 1.49
C ALA A 24 4.01 5.37 0.60
N LEU A 25 4.66 5.61 -0.53
CA LEU A 25 4.20 6.64 -1.47
C LEU A 25 4.02 7.98 -0.77
N ASP A 26 4.98 8.32 0.08
CA ASP A 26 4.92 9.59 0.81
C ASP A 26 3.65 9.69 1.63
N ARG A 27 3.17 8.55 2.10
CA ARG A 27 1.94 8.51 2.90
C ARG A 27 2.08 7.52 4.06
N VAL A 28 1.10 7.52 4.95
CA VAL A 28 1.11 6.62 6.10
C VAL A 28 -0.14 5.75 6.13
N PHE A 29 0.06 4.44 6.17
CA PHE A 29 -1.06 3.50 6.21
C PHE A 29 -0.84 2.45 7.30
N HIS A 30 -1.93 2.07 7.97
CA HIS A 30 -1.86 1.08 9.03
C HIS A 30 -1.44 -0.28 8.48
N VAL A 31 -0.56 -0.96 9.21
CA VAL A 31 -0.07 -2.27 8.79
C VAL A 31 -1.20 -3.11 8.21
N GLY A 32 -2.42 -2.88 8.68
CA GLY A 32 -3.56 -3.64 8.20
C GLY A 32 -4.18 -3.00 6.97
N CYS A 33 -4.42 -1.70 7.03
CA CYS A 33 -5.02 -0.98 5.92
C CYS A 33 -4.19 -1.16 4.64
N PHE A 34 -2.89 -0.91 4.76
CA PHE A 34 -1.99 -1.05 3.62
C PHE A 34 -2.04 -2.47 3.05
N VAL A 35 -2.75 -2.64 1.94
CA VAL A 35 -2.87 -3.93 1.30
C VAL A 35 -2.84 -3.80 -0.22
N CYS A 36 -2.73 -4.93 -0.91
CA CYS A 36 -2.68 -4.95 -2.36
C CYS A 36 -3.97 -4.36 -2.95
N SER A 37 -3.95 -4.11 -4.26
CA SER A 37 -5.11 -3.55 -4.94
C SER A 37 -5.89 -4.62 -5.67
N THR A 38 -5.22 -5.73 -5.97
CA THR A 38 -5.84 -6.84 -6.67
C THR A 38 -6.30 -7.93 -5.71
N CYS A 39 -5.33 -8.51 -4.99
CA CYS A 39 -5.63 -9.56 -4.03
C CYS A 39 -5.94 -8.97 -2.65
N ARG A 40 -5.61 -7.69 -2.48
CA ARG A 40 -5.84 -7.01 -1.22
C ARG A 40 -5.18 -7.75 -0.06
N ALA A 41 -3.91 -8.10 -0.25
CA ALA A 41 -3.15 -8.82 0.77
C ALA A 41 -2.37 -7.84 1.65
N GLN A 42 -2.17 -8.23 2.91
CA GLN A 42 -1.44 -7.39 3.85
C GLN A 42 -0.03 -7.10 3.35
N LEU A 43 0.25 -5.82 3.09
CA LEU A 43 1.56 -5.41 2.60
C LEU A 43 2.33 -4.67 3.69
N ARG A 44 1.90 -4.82 4.93
CA ARG A 44 2.55 -4.16 6.05
C ARG A 44 4.07 -4.18 5.89
N GLY A 45 4.63 -5.37 5.74
CA GLY A 45 6.06 -5.51 5.57
C GLY A 45 6.44 -6.59 4.58
N GLN A 46 6.55 -6.20 3.31
CA GLN A 46 6.91 -7.15 2.26
C GLN A 46 7.26 -6.41 0.97
N HIS A 47 7.66 -7.17 -0.04
CA HIS A 47 8.02 -6.60 -1.33
C HIS A 47 6.77 -6.37 -2.19
N PHE A 48 6.59 -5.11 -2.60
CA PHE A 48 5.44 -4.74 -3.42
C PHE A 48 5.87 -3.86 -4.59
N TYR A 49 4.91 -3.49 -5.43
CA TYR A 49 5.18 -2.64 -6.58
C TYR A 49 4.26 -1.43 -6.60
N ALA A 50 4.74 -0.34 -7.19
CA ALA A 50 3.96 0.88 -7.28
C ALA A 50 3.58 1.19 -8.73
N VAL A 51 2.29 1.08 -9.03
CA VAL A 51 1.80 1.35 -10.38
C VAL A 51 0.49 2.14 -10.34
N GLU A 52 0.50 3.31 -10.97
CA GLU A 52 -0.67 4.16 -11.01
C GLU A 52 -1.08 4.60 -9.60
N ARG A 53 -0.08 4.85 -8.75
CA ARG A 53 -0.33 5.28 -7.39
C ARG A 53 -1.03 4.18 -6.59
N ARG A 54 -0.64 2.93 -6.84
CA ARG A 54 -1.22 1.80 -6.15
C ARG A 54 -0.15 0.87 -5.60
N ALA A 55 -0.57 -0.17 -4.89
CA ALA A 55 0.37 -1.11 -4.31
C ALA A 55 0.03 -2.54 -4.74
N TYR A 56 0.92 -3.16 -5.50
CA TYR A 56 0.72 -4.52 -5.99
C TYR A 56 1.83 -5.44 -5.48
N CYS A 57 1.44 -6.46 -4.71
CA CYS A 57 2.38 -7.42 -4.17
C CYS A 57 3.14 -8.13 -5.28
N GLU A 58 4.40 -8.47 -5.02
CA GLU A 58 5.23 -9.17 -6.00
C GLU A 58 4.39 -10.14 -6.83
N GLY A 59 3.75 -11.08 -6.15
CA GLY A 59 2.94 -12.07 -6.84
C GLY A 59 2.02 -11.44 -7.87
N CYS A 60 1.06 -10.64 -7.41
CA CYS A 60 0.13 -9.98 -8.30
C CYS A 60 0.86 -9.24 -9.41
N TYR A 61 1.71 -8.30 -9.04
CA TYR A 61 2.48 -7.53 -10.00
C TYR A 61 2.91 -8.40 -11.18
N VAL A 62 3.35 -9.62 -10.88
CA VAL A 62 3.80 -10.55 -11.90
C VAL A 62 2.62 -11.13 -12.67
N ALA A 63 1.54 -11.41 -11.95
CA ALA A 63 0.34 -11.97 -12.56
C ALA A 63 -0.28 -10.98 -13.55
N THR A 64 -0.27 -9.70 -13.18
CA THR A 64 -0.83 -8.66 -14.04
C THR A 64 -0.10 -8.59 -15.37
N LEU A 65 1.21 -8.82 -15.34
CA LEU A 65 2.02 -8.79 -16.55
C LEU A 65 1.57 -9.86 -17.54
N GLU A 66 1.34 -11.07 -17.04
CA GLU A 66 0.91 -12.18 -17.87
C GLU A 66 -0.22 -11.74 -18.81
N SER A 67 -1.27 -11.17 -18.24
CA SER A 67 -2.41 -10.71 -19.01
C SER A 67 -1.99 -9.68 -20.05
N GLY A 68 -2.24 -9.99 -21.33
CA GLY A 68 -1.87 -9.08 -22.40
C GLY A 68 -2.12 -7.63 -22.03
N PRO A 69 -1.19 -6.74 -22.42
CA PRO A 69 -1.30 -5.31 -22.14
C PRO A 69 -2.41 -4.64 -22.96
N SER A 70 -2.69 -3.38 -22.65
CA SER A 70 -3.72 -2.63 -23.35
C SER A 70 -3.19 -2.05 -24.66
N SER A 71 -3.83 -2.41 -25.77
CA SER A 71 -3.42 -1.93 -27.08
C SER A 71 -4.30 -0.78 -27.53
N GLY A 72 -3.70 0.19 -28.22
CA GLY A 72 -4.44 1.34 -28.70
C GLY A 72 -3.54 2.41 -29.30
N GLY A 1 -10.70 17.39 6.86
CA GLY A 1 -11.57 16.73 7.82
C GLY A 1 -10.79 16.14 8.99
N SER A 2 -10.10 15.03 8.75
CA SER A 2 -9.33 14.37 9.78
C SER A 2 -8.13 15.22 10.19
N SER A 3 -8.17 15.74 11.41
CA SER A 3 -7.08 16.58 11.92
C SER A 3 -6.09 15.75 12.73
N GLY A 4 -4.82 16.09 12.63
CA GLY A 4 -3.79 15.37 13.36
C GLY A 4 -2.44 15.44 12.68
N SER A 5 -1.39 15.07 13.41
CA SER A 5 -0.04 15.10 12.87
C SER A 5 0.20 13.91 11.94
N SER A 6 -0.12 12.71 12.42
CA SER A 6 0.06 11.51 11.63
C SER A 6 -1.29 10.87 11.30
N GLY A 7 -1.68 10.98 10.03
CA GLY A 7 -2.95 10.41 9.60
C GLY A 7 -2.77 9.24 8.66
N CYS A 8 -3.81 8.43 8.51
CA CYS A 8 -3.75 7.26 7.64
C CYS A 8 -4.40 7.57 6.29
N GLY A 9 -3.88 6.96 5.24
CA GLY A 9 -4.42 7.17 3.91
C GLY A 9 -5.49 6.17 3.54
N GLY A 10 -5.43 4.99 4.17
CA GLY A 10 -6.40 3.96 3.89
C GLY A 10 -7.71 4.18 4.61
N CYS A 11 -7.65 4.22 5.94
CA CYS A 11 -8.83 4.43 6.75
C CYS A 11 -9.03 5.91 7.06
N GLY A 12 -7.95 6.57 7.47
CA GLY A 12 -8.02 7.99 7.78
C GLY A 12 -7.58 8.29 9.20
N GLU A 13 -7.90 7.39 10.12
CA GLU A 13 -7.53 7.55 11.53
C GLU A 13 -6.04 7.83 11.66
N ASP A 14 -5.65 8.34 12.82
CA ASP A 14 -4.25 8.65 13.08
C ASP A 14 -3.42 7.37 13.18
N VAL A 15 -2.19 7.43 12.69
CA VAL A 15 -1.30 6.27 12.72
C VAL A 15 -0.26 6.42 13.84
N VAL A 16 -0.46 5.66 14.91
CA VAL A 16 0.45 5.69 16.05
C VAL A 16 0.38 4.40 16.85
N GLY A 17 1.54 3.91 17.27
CA GLY A 17 1.59 2.68 18.04
C GLY A 17 2.96 2.42 18.63
N ASP A 18 3.49 3.39 19.36
CA ASP A 18 4.80 3.25 19.97
C ASP A 18 5.86 2.88 18.94
N GLY A 19 5.76 3.49 17.76
CA GLY A 19 6.71 3.21 16.70
C GLY A 19 6.13 2.30 15.63
N ALA A 20 4.92 2.62 15.18
CA ALA A 20 4.24 1.83 14.15
C ALA A 20 3.70 2.73 13.04
N GLY A 21 3.64 2.18 11.83
CA GLY A 21 3.13 2.94 10.71
C GLY A 21 3.86 2.62 9.41
N VAL A 22 3.10 2.30 8.37
CA VAL A 22 3.68 1.96 7.07
C VAL A 22 3.70 3.18 6.16
N VAL A 23 4.89 3.73 5.93
CA VAL A 23 5.03 4.89 5.06
C VAL A 23 5.39 4.48 3.64
N ALA A 24 4.49 4.79 2.70
CA ALA A 24 4.71 4.45 1.31
C ALA A 24 4.03 5.45 0.39
N LEU A 25 4.63 5.71 -0.76
CA LEU A 25 4.08 6.65 -1.74
C LEU A 25 3.81 8.00 -1.09
N ASP A 26 4.74 8.44 -0.24
CA ASP A 26 4.59 9.72 0.45
C ASP A 26 3.31 9.76 1.28
N ARG A 27 2.91 8.60 1.79
CA ARG A 27 1.70 8.51 2.58
C ARG A 27 1.90 7.57 3.78
N VAL A 28 0.89 7.47 4.63
CA VAL A 28 0.96 6.61 5.81
C VAL A 28 -0.27 5.72 5.92
N PHE A 29 -0.04 4.42 6.02
CA PHE A 29 -1.14 3.46 6.12
C PHE A 29 -0.88 2.46 7.24
N HIS A 30 -1.94 2.09 7.96
CA HIS A 30 -1.82 1.15 9.06
C HIS A 30 -1.31 -0.21 8.57
N VAL A 31 -0.56 -0.91 9.42
CA VAL A 31 -0.01 -2.20 9.07
C VAL A 31 -1.05 -3.07 8.37
N GLY A 32 -2.33 -2.82 8.67
CA GLY A 32 -3.40 -3.58 8.06
C GLY A 32 -3.93 -2.93 6.80
N CYS A 33 -4.20 -1.63 6.88
CA CYS A 33 -4.71 -0.89 5.74
C CYS A 33 -3.86 -1.11 4.50
N PHE A 34 -2.54 -0.96 4.67
CA PHE A 34 -1.61 -1.15 3.56
C PHE A 34 -1.71 -2.56 3.00
N VAL A 35 -2.37 -2.68 1.84
CA VAL A 35 -2.54 -3.97 1.18
C VAL A 35 -2.57 -3.83 -0.33
N CYS A 36 -2.52 -4.94 -1.03
CA CYS A 36 -2.54 -4.94 -2.49
C CYS A 36 -3.79 -4.22 -3.01
N SER A 37 -3.79 -3.91 -4.31
CA SER A 37 -4.90 -3.23 -4.93
C SER A 37 -5.84 -4.21 -5.62
N THR A 38 -5.30 -5.38 -5.95
CA THR A 38 -6.09 -6.42 -6.61
C THR A 38 -6.59 -7.45 -5.61
N CYS A 39 -5.68 -8.24 -5.07
CA CYS A 39 -6.03 -9.27 -4.10
C CYS A 39 -6.24 -8.66 -2.71
N ARG A 40 -5.74 -7.44 -2.52
CA ARG A 40 -5.88 -6.75 -1.25
C ARG A 40 -5.26 -7.57 -0.11
N ALA A 41 -4.08 -8.11 -0.37
CA ALA A 41 -3.37 -8.91 0.63
C ALA A 41 -2.47 -8.04 1.49
N GLN A 42 -2.17 -8.52 2.69
CA GLN A 42 -1.31 -7.78 3.61
C GLN A 42 0.09 -7.61 3.04
N LEU A 43 0.52 -6.37 2.90
CA LEU A 43 1.83 -6.06 2.36
C LEU A 43 2.79 -5.61 3.46
N ARG A 44 2.40 -5.86 4.70
CA ARG A 44 3.22 -5.48 5.85
C ARG A 44 4.44 -6.38 5.98
N GLY A 45 5.56 -5.80 6.37
CA GLY A 45 6.78 -6.58 6.52
C GLY A 45 7.10 -7.41 5.31
N GLN A 46 6.89 -6.83 4.13
CA GLN A 46 7.16 -7.53 2.88
C GLN A 46 7.30 -6.54 1.71
N HIS A 47 7.87 -7.02 0.62
CA HIS A 47 8.07 -6.18 -0.56
C HIS A 47 6.77 -6.01 -1.34
N PHE A 48 6.73 -5.02 -2.22
CA PHE A 48 5.54 -4.75 -3.02
C PHE A 48 5.90 -3.89 -4.24
N TYR A 49 4.90 -3.65 -5.09
CA TYR A 49 5.10 -2.84 -6.29
C TYR A 49 4.22 -1.60 -6.26
N ALA A 50 4.70 -0.52 -6.87
CA ALA A 50 3.95 0.73 -6.93
C ALA A 50 3.69 1.14 -8.37
N VAL A 51 2.42 1.11 -8.77
CA VAL A 51 2.03 1.49 -10.12
C VAL A 51 0.82 2.41 -10.11
N GLU A 52 1.01 3.65 -10.53
CA GLU A 52 -0.06 4.63 -10.57
C GLU A 52 -0.57 4.94 -9.16
N ARG A 53 0.35 5.09 -8.23
CA ARG A 53 0.01 5.39 -6.85
C ARG A 53 -0.80 4.25 -6.24
N ARG A 54 -0.39 3.02 -6.52
CA ARG A 54 -1.08 1.84 -6.00
C ARG A 54 -0.08 0.85 -5.39
N ALA A 55 -0.60 -0.24 -4.85
CA ALA A 55 0.24 -1.26 -4.24
C ALA A 55 -0.10 -2.65 -4.78
N TYR A 56 0.88 -3.29 -5.41
CA TYR A 56 0.69 -4.62 -5.96
C TYR A 56 1.73 -5.60 -5.44
N CYS A 57 1.27 -6.72 -4.91
CA CYS A 57 2.17 -7.74 -4.36
C CYS A 57 2.86 -8.50 -5.48
N GLU A 58 4.10 -8.91 -5.24
CA GLU A 58 4.87 -9.65 -6.22
C GLU A 58 3.97 -10.57 -7.05
N GLY A 59 3.12 -11.33 -6.36
CA GLY A 59 2.22 -12.23 -7.04
C GLY A 59 1.37 -11.52 -8.10
N CYS A 60 0.50 -10.64 -7.64
CA CYS A 60 -0.37 -9.90 -8.56
C CYS A 60 0.45 -9.19 -9.63
N TYR A 61 1.41 -8.38 -9.21
CA TYR A 61 2.26 -7.66 -10.15
C TYR A 61 2.70 -8.55 -11.31
N VAL A 62 3.05 -9.79 -10.98
CA VAL A 62 3.48 -10.75 -11.99
C VAL A 62 2.31 -11.19 -12.87
N ALA A 63 1.16 -11.42 -12.23
CA ALA A 63 -0.03 -11.85 -12.96
C ALA A 63 -0.51 -10.77 -13.92
N THR A 64 -0.38 -9.51 -13.50
CA THR A 64 -0.79 -8.39 -14.33
C THR A 64 -0.02 -8.37 -15.65
N LEU A 65 1.30 -8.45 -15.56
CA LEU A 65 2.15 -8.43 -16.75
C LEU A 65 1.67 -9.47 -17.77
N GLU A 66 1.31 -10.65 -17.27
CA GLU A 66 0.85 -11.72 -18.14
C GLU A 66 -0.53 -11.40 -18.71
N SER A 67 -1.47 -11.11 -17.82
CA SER A 67 -2.84 -10.79 -18.23
C SER A 67 -2.86 -9.61 -19.21
N GLY A 68 -2.38 -8.46 -18.74
CA GLY A 68 -2.34 -7.28 -19.59
C GLY A 68 -1.44 -7.46 -20.80
N PRO A 69 -1.39 -6.43 -21.64
CA PRO A 69 -0.56 -6.45 -22.87
C PRO A 69 0.94 -6.41 -22.55
N SER A 70 1.71 -7.20 -23.30
CA SER A 70 3.15 -7.26 -23.10
C SER A 70 3.86 -6.34 -24.08
N SER A 71 3.60 -6.53 -25.37
CA SER A 71 4.22 -5.72 -26.40
C SER A 71 3.52 -4.37 -26.54
N GLY A 72 4.30 -3.33 -26.82
CA GLY A 72 3.74 -2.00 -26.97
C GLY A 72 3.90 -1.46 -28.37
N GLY A 1 2.54 24.21 3.05
CA GLY A 1 3.56 23.26 2.63
C GLY A 1 4.05 22.39 3.77
N SER A 2 4.24 22.99 4.94
CA SER A 2 4.72 22.26 6.10
C SER A 2 3.83 21.04 6.39
N SER A 3 4.28 20.20 7.30
CA SER A 3 3.53 18.99 7.65
C SER A 3 2.56 19.27 8.79
N GLY A 4 1.49 18.49 8.86
CA GLY A 4 0.50 18.67 9.90
C GLY A 4 0.54 17.57 10.95
N SER A 5 -0.47 16.70 10.93
CA SER A 5 -0.54 15.60 11.89
C SER A 5 -0.38 14.25 11.19
N SER A 6 -0.33 13.19 11.97
CA SER A 6 -0.18 11.84 11.44
C SER A 6 -1.53 11.22 11.14
N GLY A 7 -1.90 11.20 9.85
CA GLY A 7 -3.18 10.63 9.47
C GLY A 7 -3.02 9.42 8.56
N CYS A 8 -4.06 8.61 8.47
CA CYS A 8 -4.03 7.42 7.63
C CYS A 8 -4.62 7.71 6.26
N GLY A 9 -3.98 7.17 5.22
CA GLY A 9 -4.46 7.38 3.87
C GLY A 9 -5.52 6.37 3.46
N GLY A 10 -5.55 5.24 4.15
CA GLY A 10 -6.53 4.21 3.83
C GLY A 10 -7.88 4.51 4.45
N CYS A 11 -7.93 4.58 5.78
CA CYS A 11 -9.17 4.86 6.49
C CYS A 11 -9.31 6.35 6.77
N GLY A 12 -8.26 6.95 7.32
CA GLY A 12 -8.29 8.37 7.64
C GLY A 12 -7.93 8.65 9.07
N GLU A 13 -8.15 7.68 9.94
CA GLU A 13 -7.83 7.82 11.36
C GLU A 13 -6.34 7.98 11.57
N ASP A 14 -5.96 8.68 12.64
CA ASP A 14 -4.56 8.90 12.96
C ASP A 14 -3.82 7.58 13.13
N VAL A 15 -2.54 7.58 12.79
CA VAL A 15 -1.71 6.37 12.90
C VAL A 15 -0.63 6.55 13.97
N VAL A 16 -0.64 5.68 14.96
CA VAL A 16 0.34 5.73 16.03
C VAL A 16 0.84 4.34 16.41
N GLY A 17 2.15 4.20 16.60
CA GLY A 17 2.72 2.92 16.96
C GLY A 17 4.12 2.74 16.40
N ASP A 18 5.12 2.93 17.25
CA ASP A 18 6.51 2.78 16.83
C ASP A 18 6.74 1.44 16.15
N GLY A 19 6.88 1.47 14.84
CA GLY A 19 7.10 0.25 14.08
C GLY A 19 5.89 -0.16 13.26
N ALA A 20 4.69 0.08 13.82
CA ALA A 20 3.46 -0.26 13.14
C ALA A 20 3.24 0.62 11.91
N GLY A 21 3.09 1.92 12.14
CA GLY A 21 2.88 2.85 11.06
C GLY A 21 3.62 2.45 9.80
N VAL A 22 2.90 2.36 8.68
CA VAL A 22 3.50 1.98 7.41
C VAL A 22 3.58 3.17 6.46
N VAL A 23 4.79 3.71 6.28
CA VAL A 23 4.99 4.85 5.40
C VAL A 23 5.31 4.40 3.99
N ALA A 24 4.40 4.65 3.06
CA ALA A 24 4.58 4.28 1.66
C ALA A 24 3.96 5.31 0.73
N LEU A 25 4.66 5.60 -0.36
CA LEU A 25 4.18 6.58 -1.34
C LEU A 25 3.95 7.94 -0.68
N ASP A 26 4.87 8.34 0.17
CA ASP A 26 4.77 9.63 0.86
C ASP A 26 3.47 9.72 1.65
N ARG A 27 3.01 8.58 2.14
CA ARG A 27 1.76 8.52 2.90
C ARG A 27 1.90 7.57 4.09
N VAL A 28 0.84 7.49 4.90
CA VAL A 28 0.83 6.62 6.07
C VAL A 28 -0.44 5.79 6.13
N PHE A 29 -0.27 4.48 6.25
CA PHE A 29 -1.42 3.56 6.32
C PHE A 29 -1.22 2.53 7.44
N HIS A 30 -2.31 2.23 8.14
CA HIS A 30 -2.25 1.25 9.22
C HIS A 30 -1.76 -0.10 8.72
N VAL A 31 -0.95 -0.77 9.53
CA VAL A 31 -0.41 -2.08 9.17
C VAL A 31 -1.46 -2.93 8.49
N GLY A 32 -2.73 -2.70 8.82
CA GLY A 32 -3.82 -3.45 8.22
C GLY A 32 -4.34 -2.81 6.95
N CYS A 33 -4.50 -1.49 6.99
CA CYS A 33 -5.01 -0.75 5.84
C CYS A 33 -4.11 -0.94 4.63
N PHE A 34 -2.80 -0.86 4.85
CA PHE A 34 -1.83 -1.03 3.78
C PHE A 34 -1.88 -2.44 3.21
N VAL A 35 -2.52 -2.58 2.05
CA VAL A 35 -2.64 -3.89 1.41
C VAL A 35 -2.69 -3.74 -0.11
N CYS A 36 -2.50 -4.85 -0.82
CA CYS A 36 -2.52 -4.84 -2.27
C CYS A 36 -3.83 -4.24 -2.80
N SER A 37 -3.85 -3.94 -4.09
CA SER A 37 -5.03 -3.34 -4.71
C SER A 37 -5.88 -4.42 -5.39
N THR A 38 -5.25 -5.52 -5.75
CA THR A 38 -5.95 -6.63 -6.40
C THR A 38 -6.32 -7.71 -5.40
N CYS A 39 -5.31 -8.41 -4.89
CA CYS A 39 -5.53 -9.48 -3.93
C CYS A 39 -5.76 -8.91 -2.53
N ARG A 40 -5.43 -7.64 -2.35
CA ARG A 40 -5.61 -6.97 -1.07
C ARG A 40 -4.90 -7.74 0.05
N ALA A 41 -3.67 -8.16 -0.22
CA ALA A 41 -2.89 -8.90 0.75
C ALA A 41 -2.22 -7.96 1.76
N GLN A 42 -1.91 -8.49 2.94
CA GLN A 42 -1.27 -7.70 3.99
C GLN A 42 0.15 -7.31 3.58
N LEU A 43 0.35 -6.02 3.31
CA LEU A 43 1.67 -5.51 2.91
C LEU A 43 2.33 -4.76 4.06
N ARG A 44 1.81 -4.97 5.27
CA ARG A 44 2.36 -4.31 6.45
C ARG A 44 3.89 -4.33 6.43
N GLY A 45 4.45 -5.45 6.00
CA GLY A 45 5.90 -5.57 5.94
C GLY A 45 6.35 -6.65 4.97
N GLN A 46 6.51 -6.27 3.70
CA GLN A 46 6.95 -7.21 2.67
C GLN A 46 7.33 -6.49 1.40
N HIS A 47 7.80 -7.24 0.40
CA HIS A 47 8.21 -6.67 -0.87
C HIS A 47 7.00 -6.43 -1.77
N PHE A 48 6.69 -5.16 -2.01
CA PHE A 48 5.55 -4.80 -2.84
C PHE A 48 6.00 -3.89 -3.99
N TYR A 49 5.06 -3.56 -4.88
CA TYR A 49 5.35 -2.71 -6.02
C TYR A 49 4.51 -1.44 -5.98
N ALA A 50 4.88 -0.46 -6.80
CA ALA A 50 4.15 0.80 -6.86
C ALA A 50 3.82 1.17 -8.31
N VAL A 51 2.53 1.16 -8.63
CA VAL A 51 2.08 1.50 -9.98
C VAL A 51 0.83 2.36 -9.94
N GLU A 52 0.96 3.59 -10.44
CA GLU A 52 -0.16 4.53 -10.46
C GLU A 52 -0.59 4.90 -9.04
N ARG A 53 0.39 5.10 -8.17
CA ARG A 53 0.13 5.46 -6.79
C ARG A 53 -0.67 4.35 -6.08
N ARG A 54 -0.30 3.11 -6.37
CA ARG A 54 -0.97 1.96 -5.77
C ARG A 54 0.05 0.96 -5.22
N ALA A 55 -0.45 -0.10 -4.59
CA ALA A 55 0.41 -1.13 -4.02
C ALA A 55 0.07 -2.50 -4.58
N TYR A 56 1.03 -3.13 -5.22
CA TYR A 56 0.83 -4.46 -5.80
C TYR A 56 1.90 -5.44 -5.32
N CYS A 57 1.46 -6.50 -4.66
CA CYS A 57 2.38 -7.50 -4.13
C CYS A 57 3.11 -8.21 -5.27
N GLU A 58 4.37 -8.57 -5.03
CA GLU A 58 5.18 -9.26 -6.04
C GLU A 58 4.31 -10.19 -6.89
N GLY A 59 3.58 -11.07 -6.23
CA GLY A 59 2.72 -12.00 -6.95
C GLY A 59 1.86 -11.31 -7.99
N CYS A 60 0.92 -10.49 -7.52
CA CYS A 60 0.03 -9.77 -8.41
C CYS A 60 0.80 -9.05 -9.50
N TYR A 61 1.70 -8.15 -9.09
CA TYR A 61 2.51 -7.39 -10.03
C TYR A 61 2.91 -8.26 -11.22
N VAL A 62 3.34 -9.49 -10.93
CA VAL A 62 3.75 -10.42 -11.97
C VAL A 62 2.55 -10.99 -12.72
N ALA A 63 1.51 -11.32 -11.97
CA ALA A 63 0.29 -11.88 -12.56
C ALA A 63 -0.28 -10.94 -13.62
N THR A 64 -0.35 -9.65 -13.28
CA THR A 64 -0.89 -8.64 -14.18
C THR A 64 -0.19 -8.70 -15.54
N LEU A 65 1.13 -8.76 -15.52
CA LEU A 65 1.92 -8.83 -16.75
C LEU A 65 1.45 -9.98 -17.63
N GLU A 66 1.29 -11.16 -17.03
CA GLU A 66 0.84 -12.34 -17.76
C GLU A 66 -0.48 -12.07 -18.47
N SER A 67 -1.47 -11.61 -17.71
CA SER A 67 -2.79 -11.32 -18.27
C SER A 67 -3.36 -12.55 -18.98
N GLY A 68 -3.19 -13.71 -18.36
CA GLY A 68 -3.70 -14.94 -18.94
C GLY A 68 -2.88 -15.39 -20.13
N PRO A 69 -2.27 -16.58 -20.02
CA PRO A 69 -1.45 -17.15 -21.09
C PRO A 69 -2.27 -17.58 -22.29
N SER A 70 -3.32 -18.35 -22.04
CA SER A 70 -4.20 -18.84 -23.11
C SER A 70 -5.09 -17.72 -23.63
N SER A 71 -5.80 -17.06 -22.71
CA SER A 71 -6.70 -15.98 -23.07
C SER A 71 -5.94 -14.87 -23.79
N GLY A 72 -6.61 -14.24 -24.76
CA GLY A 72 -5.99 -13.16 -25.51
C GLY A 72 -5.39 -12.09 -24.61
N GLY A 1 -12.54 15.57 5.30
CA GLY A 1 -11.84 15.35 6.55
C GLY A 1 -10.49 16.04 6.60
N SER A 2 -10.06 16.39 7.80
CA SER A 2 -8.78 17.08 7.98
C SER A 2 -7.83 16.23 8.83
N SER A 3 -6.61 16.05 8.34
CA SER A 3 -5.61 15.27 9.05
C SER A 3 -4.86 16.12 10.07
N GLY A 4 -4.20 15.46 11.02
CA GLY A 4 -3.45 16.18 12.04
C GLY A 4 -2.00 15.75 12.10
N SER A 5 -1.56 15.36 13.30
CA SER A 5 -0.19 14.92 13.50
C SER A 5 0.13 13.69 12.65
N SER A 6 -0.65 12.64 12.85
CA SER A 6 -0.45 11.39 12.12
C SER A 6 -1.78 10.86 11.59
N GLY A 7 -1.88 10.73 10.27
CA GLY A 7 -3.10 10.24 9.66
C GLY A 7 -2.86 9.02 8.80
N CYS A 8 -3.94 8.30 8.46
CA CYS A 8 -3.84 7.11 7.64
C CYS A 8 -4.42 7.36 6.26
N GLY A 9 -3.54 7.33 5.25
CA GLY A 9 -3.98 7.56 3.89
C GLY A 9 -5.01 6.55 3.43
N GLY A 10 -4.94 5.34 4.00
CA GLY A 10 -5.88 4.29 3.63
C GLY A 10 -7.30 4.62 4.01
N CYS A 11 -7.58 4.63 5.31
CA CYS A 11 -8.91 4.94 5.81
C CYS A 11 -9.02 6.39 6.24
N GLY A 12 -8.02 6.85 7.00
CA GLY A 12 -8.01 8.23 7.46
C GLY A 12 -7.69 8.34 8.94
N GLU A 13 -8.09 7.33 9.71
CA GLU A 13 -7.86 7.32 11.14
C GLU A 13 -6.37 7.52 11.44
N ASP A 14 -6.09 8.20 12.55
CA ASP A 14 -4.71 8.46 12.95
C ASP A 14 -3.95 7.15 13.17
N VAL A 15 -2.65 7.17 12.90
CA VAL A 15 -1.81 5.98 13.07
C VAL A 15 -0.82 6.18 14.20
N VAL A 16 -0.94 5.37 15.24
CA VAL A 16 -0.04 5.45 16.39
C VAL A 16 0.73 4.15 16.58
N GLY A 17 1.95 4.26 17.10
CA GLY A 17 2.77 3.09 17.33
C GLY A 17 4.23 3.34 16.99
N ASP A 18 5.01 3.70 17.99
CA ASP A 18 6.43 3.97 17.80
C ASP A 18 7.03 3.02 16.76
N GLY A 19 6.65 1.76 16.84
CA GLY A 19 7.15 0.77 15.90
C GLY A 19 6.23 0.56 14.72
N ALA A 20 4.93 0.59 14.98
CA ALA A 20 3.93 0.41 13.93
C ALA A 20 3.83 1.64 13.04
N GLY A 21 3.20 1.48 11.88
CA GLY A 21 3.05 2.59 10.96
C GLY A 21 3.71 2.33 9.62
N VAL A 22 3.01 1.59 8.76
CA VAL A 22 3.53 1.26 7.44
C VAL A 22 3.32 2.42 6.46
N VAL A 23 4.41 3.06 6.08
CA VAL A 23 4.35 4.18 5.13
C VAL A 23 4.61 3.73 3.71
N ALA A 24 3.99 4.41 2.75
CA ALA A 24 4.16 4.07 1.34
C ALA A 24 3.87 5.27 0.46
N LEU A 25 4.72 5.48 -0.54
CA LEU A 25 4.55 6.60 -1.46
C LEU A 25 4.48 7.93 -0.71
N ASP A 26 5.33 8.06 0.30
CA ASP A 26 5.36 9.29 1.10
C ASP A 26 4.06 9.49 1.86
N ARG A 27 3.45 8.37 2.28
CA ARG A 27 2.19 8.42 3.02
C ARG A 27 2.20 7.41 4.16
N VAL A 28 1.19 7.50 5.03
CA VAL A 28 1.08 6.60 6.17
C VAL A 28 -0.12 5.67 6.02
N PHE A 29 0.04 4.43 6.46
CA PHE A 29 -1.05 3.45 6.37
C PHE A 29 -1.02 2.51 7.57
N HIS A 30 -2.20 2.02 7.96
CA HIS A 30 -2.31 1.12 9.09
C HIS A 30 -1.87 -0.29 8.71
N VAL A 31 -1.13 -0.94 9.61
CA VAL A 31 -0.65 -2.29 9.37
C VAL A 31 -1.67 -3.12 8.61
N GLY A 32 -2.95 -2.83 8.84
CA GLY A 32 -4.01 -3.56 8.17
C GLY A 32 -4.47 -2.86 6.90
N CYS A 33 -4.62 -1.55 6.98
CA CYS A 33 -5.07 -0.76 5.83
C CYS A 33 -4.17 -1.02 4.62
N PHE A 34 -2.87 -0.80 4.81
CA PHE A 34 -1.91 -0.99 3.73
C PHE A 34 -2.00 -2.41 3.17
N VAL A 35 -2.58 -2.54 1.98
CA VAL A 35 -2.73 -3.83 1.33
C VAL A 35 -2.74 -3.69 -0.18
N CYS A 36 -2.69 -4.82 -0.87
CA CYS A 36 -2.70 -4.83 -2.34
C CYS A 36 -3.98 -4.20 -2.87
N SER A 37 -3.99 -3.93 -4.18
CA SER A 37 -5.16 -3.32 -4.81
C SER A 37 -5.95 -4.36 -5.60
N THR A 38 -5.29 -5.46 -5.95
CA THR A 38 -5.93 -6.53 -6.70
C THR A 38 -6.39 -7.65 -5.79
N CYS A 39 -5.47 -8.19 -5.00
CA CYS A 39 -5.79 -9.27 -4.07
C CYS A 39 -6.06 -8.72 -2.68
N ARG A 40 -5.71 -7.46 -2.46
CA ARG A 40 -5.91 -6.82 -1.17
C ARG A 40 -5.27 -7.63 -0.05
N ALA A 41 -4.03 -8.06 -0.28
CA ALA A 41 -3.30 -8.85 0.71
C ALA A 41 -2.47 -7.95 1.62
N GLN A 42 -2.17 -8.45 2.82
CA GLN A 42 -1.38 -7.69 3.79
C GLN A 42 0.03 -7.43 3.27
N LEU A 43 0.36 -6.15 3.11
CA LEU A 43 1.68 -5.76 2.61
C LEU A 43 2.55 -5.23 3.75
N ARG A 44 2.16 -5.53 4.98
CA ARG A 44 2.91 -5.08 6.15
C ARG A 44 4.33 -5.64 6.14
N GLY A 45 5.31 -4.76 6.22
CA GLY A 45 6.70 -5.19 6.23
C GLY A 45 6.98 -6.23 5.16
N GLN A 46 6.99 -5.79 3.90
CA GLN A 46 7.24 -6.69 2.78
C GLN A 46 7.51 -5.91 1.50
N HIS A 47 7.86 -6.62 0.44
CA HIS A 47 8.15 -5.99 -0.85
C HIS A 47 6.86 -5.79 -1.65
N PHE A 48 6.69 -4.58 -2.18
CA PHE A 48 5.50 -4.26 -2.97
C PHE A 48 5.87 -3.40 -4.18
N TYR A 49 4.91 -3.22 -5.07
CA TYR A 49 5.12 -2.42 -6.28
C TYR A 49 4.22 -1.20 -6.29
N ALA A 50 4.69 -0.11 -6.91
CA ALA A 50 3.92 1.11 -7.00
C ALA A 50 3.58 1.44 -8.46
N VAL A 51 2.29 1.37 -8.78
CA VAL A 51 1.83 1.66 -10.14
C VAL A 51 0.54 2.48 -10.12
N GLU A 52 0.61 3.69 -10.65
CA GLU A 52 -0.55 4.57 -10.70
C GLU A 52 -0.98 4.96 -9.29
N ARG A 53 -0.01 5.21 -8.42
CA ARG A 53 -0.29 5.59 -7.05
C ARG A 53 -1.04 4.48 -6.31
N ARG A 54 -0.64 3.23 -6.58
CA ARG A 54 -1.26 2.08 -5.94
C ARG A 54 -0.21 1.13 -5.39
N ALA A 55 -0.67 0.05 -4.75
CA ALA A 55 0.24 -0.93 -4.16
C ALA A 55 -0.11 -2.34 -4.63
N TYR A 56 0.83 -2.97 -5.33
CA TYR A 56 0.62 -4.31 -5.84
C TYR A 56 1.71 -5.26 -5.34
N CYS A 57 1.29 -6.39 -4.77
CA CYS A 57 2.22 -7.37 -4.24
C CYS A 57 2.94 -8.10 -5.37
N GLU A 58 4.20 -8.44 -5.15
CA GLU A 58 4.99 -9.13 -6.16
C GLU A 58 4.14 -10.12 -6.94
N GLY A 59 3.45 -11.01 -6.22
CA GLY A 59 2.60 -11.99 -6.87
C GLY A 59 1.69 -11.37 -7.91
N CYS A 60 0.89 -10.40 -7.51
CA CYS A 60 -0.02 -9.73 -8.43
C CYS A 60 0.73 -9.05 -9.56
N TYR A 61 1.61 -8.12 -9.21
CA TYR A 61 2.40 -7.40 -10.19
C TYR A 61 2.86 -8.33 -11.31
N VAL A 62 3.28 -9.53 -10.95
CA VAL A 62 3.74 -10.51 -11.91
C VAL A 62 2.56 -11.16 -12.64
N ALA A 63 1.50 -11.45 -11.90
CA ALA A 63 0.31 -12.06 -12.47
C ALA A 63 -0.30 -11.17 -13.55
N THR A 64 -0.28 -9.87 -13.31
CA THR A 64 -0.84 -8.90 -14.26
C THR A 64 -0.09 -8.96 -15.59
N LEU A 65 1.22 -9.12 -15.52
CA LEU A 65 2.05 -9.18 -16.72
C LEU A 65 1.66 -10.37 -17.59
N GLU A 66 1.59 -11.54 -16.98
CA GLU A 66 1.22 -12.77 -17.69
C GLU A 66 -0.23 -12.71 -18.14
N SER A 67 -1.12 -12.33 -17.23
CA SER A 67 -2.54 -12.24 -17.53
C SER A 67 -2.81 -11.20 -18.61
N GLY A 68 -3.84 -11.43 -19.41
CA GLY A 68 -4.19 -10.50 -20.47
C GLY A 68 -5.21 -9.47 -20.04
N PRO A 69 -4.84 -8.19 -20.15
CA PRO A 69 -5.72 -7.08 -19.76
C PRO A 69 -6.90 -6.92 -20.71
N SER A 70 -7.87 -6.09 -20.32
CA SER A 70 -9.05 -5.86 -21.13
C SER A 70 -8.94 -4.52 -21.87
N SER A 71 -9.15 -4.56 -23.18
CA SER A 71 -9.08 -3.36 -24.00
C SER A 71 -7.74 -2.65 -23.81
N GLY A 72 -6.67 -3.44 -23.76
CA GLY A 72 -5.34 -2.87 -23.59
C GLY A 72 -4.30 -3.92 -23.26
N GLY A 1 -1.27 26.29 12.85
CA GLY A 1 -1.41 26.11 11.42
C GLY A 1 -1.57 24.66 11.02
N SER A 2 -0.49 24.05 10.53
CA SER A 2 -0.52 22.65 10.12
C SER A 2 -0.86 21.75 11.30
N SER A 3 -1.30 20.52 10.98
CA SER A 3 -1.66 19.56 12.02
C SER A 3 -0.57 18.50 12.16
N GLY A 4 -0.06 18.35 13.39
CA GLY A 4 0.97 17.38 13.65
C GLY A 4 0.43 15.97 13.75
N SER A 5 -0.27 15.53 12.71
CA SER A 5 -0.86 14.19 12.68
C SER A 5 -0.55 13.49 11.37
N SER A 6 -0.18 12.22 11.45
CA SER A 6 0.15 11.43 10.27
C SER A 6 -1.12 10.95 9.57
N GLY A 7 -2.05 10.42 10.36
CA GLY A 7 -3.29 9.93 9.80
C GLY A 7 -3.08 8.79 8.83
N CYS A 8 -4.11 7.96 8.67
CA CYS A 8 -4.03 6.83 7.76
C CYS A 8 -4.62 7.17 6.40
N GLY A 9 -3.85 6.95 5.35
CA GLY A 9 -4.32 7.24 4.00
C GLY A 9 -5.37 6.27 3.53
N GLY A 10 -5.44 5.10 4.18
CA GLY A 10 -6.41 4.10 3.80
C GLY A 10 -7.79 4.38 4.37
N CYS A 11 -7.90 4.39 5.69
CA CYS A 11 -9.16 4.65 6.35
C CYS A 11 -9.31 6.14 6.68
N GLY A 12 -8.29 6.70 7.32
CA GLY A 12 -8.34 8.10 7.68
C GLY A 12 -8.28 8.32 9.19
N GLU A 13 -7.71 7.35 9.90
CA GLU A 13 -7.61 7.44 11.35
C GLU A 13 -6.18 7.81 11.77
N ASP A 14 -6.03 8.28 13.01
CA ASP A 14 -4.74 8.66 13.52
C ASP A 14 -3.81 7.45 13.63
N VAL A 15 -2.64 7.55 13.01
CA VAL A 15 -1.68 6.46 13.03
C VAL A 15 -0.55 6.75 14.01
N VAL A 16 -0.58 6.08 15.16
CA VAL A 16 0.44 6.27 16.19
C VAL A 16 0.62 4.99 17.02
N GLY A 17 1.87 4.65 17.28
CA GLY A 17 2.17 3.46 18.06
C GLY A 17 3.65 3.22 18.22
N ASP A 18 4.41 4.29 18.41
CA ASP A 18 5.86 4.19 18.58
C ASP A 18 6.49 3.52 17.37
N GLY A 19 6.03 3.89 16.17
CA GLY A 19 6.57 3.32 14.96
C GLY A 19 5.81 2.08 14.52
N ALA A 20 4.49 2.14 14.60
CA ALA A 20 3.65 1.00 14.21
C ALA A 20 3.16 1.15 12.78
N GLY A 21 2.58 2.31 12.47
CA GLY A 21 2.08 2.56 11.13
C GLY A 21 3.07 2.16 10.06
N VAL A 22 2.65 2.24 8.80
CA VAL A 22 3.50 1.88 7.68
C VAL A 22 3.62 3.03 6.68
N VAL A 23 4.82 3.59 6.55
CA VAL A 23 5.06 4.69 5.63
C VAL A 23 5.43 4.19 4.24
N ALA A 24 4.64 4.59 3.25
CA ALA A 24 4.88 4.18 1.86
C ALA A 24 4.28 5.18 0.88
N LEU A 25 5.02 5.47 -0.18
CA LEU A 25 4.57 6.41 -1.20
C LEU A 25 4.25 7.77 -0.58
N ASP A 26 5.13 8.22 0.33
CA ASP A 26 4.95 9.50 0.99
C ASP A 26 3.61 9.56 1.72
N ARG A 27 3.18 8.41 2.23
CA ARG A 27 1.91 8.32 2.95
C ARG A 27 2.04 7.42 4.19
N VAL A 28 0.98 7.35 4.97
CA VAL A 28 0.97 6.52 6.17
C VAL A 28 -0.25 5.62 6.22
N PHE A 29 -0.01 4.31 6.24
CA PHE A 29 -1.10 3.33 6.28
C PHE A 29 -0.91 2.34 7.43
N HIS A 30 -2.01 1.92 8.03
CA HIS A 30 -1.95 0.98 9.15
C HIS A 30 -1.50 -0.40 8.66
N VAL A 31 -0.74 -1.09 9.50
CA VAL A 31 -0.23 -2.42 9.16
C VAL A 31 -1.30 -3.24 8.45
N GLY A 32 -2.56 -2.90 8.70
CA GLY A 32 -3.66 -3.62 8.07
C GLY A 32 -4.17 -2.93 6.82
N CYS A 33 -4.43 -1.63 6.93
CA CYS A 33 -4.93 -0.85 5.81
C CYS A 33 -4.03 -1.03 4.59
N PHE A 34 -2.72 -1.07 4.83
CA PHE A 34 -1.75 -1.23 3.75
C PHE A 34 -1.85 -2.63 3.14
N VAL A 35 -2.40 -2.71 1.94
CA VAL A 35 -2.55 -3.99 1.24
C VAL A 35 -2.61 -3.79 -0.27
N CYS A 36 -2.53 -4.89 -1.01
CA CYS A 36 -2.58 -4.84 -2.46
C CYS A 36 -3.87 -4.18 -2.94
N SER A 37 -3.90 -3.83 -4.22
CA SER A 37 -5.08 -3.20 -4.81
C SER A 37 -5.98 -4.22 -5.48
N THR A 38 -5.39 -5.35 -5.87
CA THR A 38 -6.14 -6.41 -6.53
C THR A 38 -6.53 -7.50 -5.54
N CYS A 39 -5.54 -8.24 -5.07
CA CYS A 39 -5.78 -9.32 -4.11
C CYS A 39 -5.98 -8.76 -2.70
N ARG A 40 -5.59 -7.51 -2.51
CA ARG A 40 -5.73 -6.86 -1.21
C ARG A 40 -5.07 -7.69 -0.11
N ALA A 41 -3.84 -8.13 -0.38
CA ALA A 41 -3.10 -8.94 0.60
C ALA A 41 -2.24 -8.06 1.50
N GLN A 42 -1.97 -8.54 2.70
CA GLN A 42 -1.16 -7.80 3.67
C GLN A 42 0.25 -7.59 3.14
N LEU A 43 0.58 -6.34 2.85
CA LEU A 43 1.91 -6.00 2.33
C LEU A 43 2.80 -5.45 3.45
N ARG A 44 2.40 -5.71 4.69
CA ARG A 44 3.16 -5.25 5.84
C ARG A 44 4.40 -6.12 6.07
N GLY A 45 5.57 -5.50 6.03
CA GLY A 45 6.81 -6.23 6.23
C GLY A 45 7.15 -7.12 5.06
N GLN A 46 7.05 -6.57 3.85
CA GLN A 46 7.35 -7.34 2.64
C GLN A 46 7.52 -6.41 1.44
N HIS A 47 8.01 -6.96 0.33
CA HIS A 47 8.22 -6.18 -0.88
C HIS A 47 6.91 -5.99 -1.63
N PHE A 48 6.86 -4.96 -2.46
CA PHE A 48 5.67 -4.66 -3.24
C PHE A 48 6.01 -3.80 -4.46
N TYR A 49 5.03 -3.60 -5.33
CA TYR A 49 5.22 -2.80 -6.54
C TYR A 49 4.37 -1.54 -6.51
N ALA A 50 4.94 -0.44 -6.97
CA ALA A 50 4.24 0.84 -7.00
C ALA A 50 3.86 1.22 -8.42
N VAL A 51 2.57 1.20 -8.71
CA VAL A 51 2.07 1.55 -10.05
C VAL A 51 0.88 2.49 -9.95
N GLU A 52 1.08 3.73 -10.38
CA GLU A 52 0.00 4.72 -10.35
C GLU A 52 -0.40 5.04 -8.91
N ARG A 53 0.59 5.20 -8.05
CA ARG A 53 0.33 5.50 -6.63
C ARG A 53 -0.45 4.37 -5.97
N ARG A 54 -0.10 3.14 -6.31
CA ARG A 54 -0.77 1.97 -5.75
C ARG A 54 0.24 0.95 -5.25
N ALA A 55 -0.26 -0.14 -4.66
CA ALA A 55 0.61 -1.19 -4.14
C ALA A 55 0.20 -2.56 -4.68
N TYR A 56 1.08 -3.18 -5.45
CA TYR A 56 0.81 -4.49 -6.04
C TYR A 56 1.88 -5.50 -5.62
N CYS A 57 1.43 -6.57 -4.96
CA CYS A 57 2.33 -7.62 -4.50
C CYS A 57 2.90 -8.40 -5.69
N GLU A 58 4.13 -8.88 -5.53
CA GLU A 58 4.78 -9.64 -6.59
C GLU A 58 3.78 -10.49 -7.35
N GLY A 59 3.13 -11.41 -6.64
CA GLY A 59 2.14 -12.28 -7.26
C GLY A 59 1.28 -11.55 -8.26
N CYS A 60 0.55 -10.54 -7.78
CA CYS A 60 -0.32 -9.76 -8.65
C CYS A 60 0.47 -9.08 -9.77
N TYR A 61 1.44 -8.27 -9.38
CA TYR A 61 2.28 -7.56 -10.35
C TYR A 61 2.63 -8.46 -11.52
N VAL A 62 2.97 -9.72 -11.21
CA VAL A 62 3.32 -10.68 -12.25
C VAL A 62 2.09 -11.17 -13.00
N ALA A 63 1.00 -11.36 -12.27
CA ALA A 63 -0.25 -11.82 -12.86
C ALA A 63 -0.75 -10.85 -13.92
N THR A 64 -0.58 -9.55 -13.66
CA THR A 64 -1.02 -8.52 -14.58
C THR A 64 -0.27 -8.61 -15.90
N LEU A 65 1.04 -8.82 -15.82
CA LEU A 65 1.88 -8.92 -17.00
C LEU A 65 1.42 -10.07 -17.89
N GLU A 66 1.25 -11.24 -17.30
CA GLU A 66 0.80 -12.42 -18.04
C GLU A 66 -0.62 -12.24 -18.55
N SER A 67 -1.49 -11.70 -17.69
CA SER A 67 -2.88 -11.47 -18.04
C SER A 67 -2.99 -10.76 -19.39
N GLY A 68 -2.21 -9.70 -19.56
CA GLY A 68 -2.23 -8.95 -20.80
C GLY A 68 -1.37 -9.58 -21.87
N PRO A 69 -1.86 -9.56 -23.12
CA PRO A 69 -1.14 -10.12 -24.27
C PRO A 69 0.10 -9.31 -24.64
N SER A 70 1.05 -9.96 -25.31
CA SER A 70 2.27 -9.30 -25.73
C SER A 70 2.96 -10.08 -26.83
N SER A 71 3.85 -9.41 -27.56
CA SER A 71 4.58 -10.04 -28.65
C SER A 71 6.00 -10.40 -28.23
N GLY A 72 6.51 -11.51 -28.76
CA GLY A 72 7.85 -11.95 -28.41
C GLY A 72 8.91 -11.00 -28.94
N GLY A 1 -4.79 22.84 7.97
CA GLY A 1 -4.08 22.73 6.71
C GLY A 1 -4.03 21.31 6.20
N SER A 2 -3.67 21.16 4.92
CA SER A 2 -3.59 19.84 4.30
C SER A 2 -2.95 18.83 5.25
N SER A 3 -1.75 19.15 5.73
CA SER A 3 -1.03 18.27 6.64
C SER A 3 -1.04 18.84 8.07
N GLY A 4 -0.59 18.03 9.02
CA GLY A 4 -0.55 18.47 10.40
C GLY A 4 -0.31 17.32 11.37
N SER A 5 -1.34 16.51 11.60
CA SER A 5 -1.23 15.38 12.51
C SER A 5 -1.09 14.07 11.73
N SER A 6 -0.84 12.98 12.46
CA SER A 6 -0.68 11.67 11.84
C SER A 6 -2.04 11.14 11.37
N GLY A 7 -2.12 10.81 10.07
CA GLY A 7 -3.35 10.29 9.52
C GLY A 7 -3.14 9.03 8.71
N CYS A 8 -4.21 8.31 8.44
CA CYS A 8 -4.14 7.08 7.66
C CYS A 8 -4.77 7.25 6.29
N GLY A 9 -3.94 7.25 5.25
CA GLY A 9 -4.44 7.41 3.90
C GLY A 9 -5.45 6.34 3.52
N GLY A 10 -5.34 5.18 4.16
CA GLY A 10 -6.26 4.09 3.87
C GLY A 10 -7.66 4.36 4.38
N CYS A 11 -7.84 4.29 5.68
CA CYS A 11 -9.14 4.54 6.30
C CYS A 11 -9.33 6.01 6.64
N GLY A 12 -8.30 6.59 7.27
CA GLY A 12 -8.38 7.99 7.64
C GLY A 12 -7.95 8.23 9.08
N GLU A 13 -8.19 7.23 9.94
CA GLU A 13 -7.83 7.34 11.34
C GLU A 13 -6.34 7.63 11.50
N ASP A 14 -5.96 8.19 12.65
CA ASP A 14 -4.58 8.51 12.94
C ASP A 14 -3.73 7.24 13.02
N VAL A 15 -2.48 7.34 12.58
CA VAL A 15 -1.58 6.20 12.61
C VAL A 15 -0.41 6.44 13.57
N VAL A 16 -0.46 5.79 14.72
CA VAL A 16 0.60 5.93 15.73
C VAL A 16 0.69 4.70 16.61
N GLY A 17 1.86 4.07 16.61
CA GLY A 17 2.06 2.88 17.41
C GLY A 17 3.52 2.62 17.71
N ASP A 18 4.28 3.68 17.94
CA ASP A 18 5.70 3.56 18.23
C ASP A 18 6.43 2.82 17.11
N GLY A 19 6.06 3.12 15.87
CA GLY A 19 6.68 2.47 14.73
C GLY A 19 5.67 1.79 13.82
N ALA A 20 4.69 1.13 14.43
CA ALA A 20 3.66 0.43 13.66
C ALA A 20 3.34 1.18 12.37
N GLY A 21 3.13 2.49 12.49
CA GLY A 21 2.82 3.29 11.31
C GLY A 21 3.67 2.93 10.11
N VAL A 22 3.00 2.61 9.01
CA VAL A 22 3.71 2.24 7.78
C VAL A 22 3.70 3.39 6.77
N VAL A 23 4.89 3.89 6.45
CA VAL A 23 5.01 4.99 5.50
C VAL A 23 5.33 4.47 4.10
N ALA A 24 4.41 4.71 3.16
CA ALA A 24 4.59 4.28 1.79
C ALA A 24 4.02 5.29 0.81
N LEU A 25 4.74 5.50 -0.29
CA LEU A 25 4.30 6.45 -1.32
C LEU A 25 4.04 7.83 -0.70
N ASP A 26 4.94 8.25 0.16
CA ASP A 26 4.82 9.56 0.81
C ASP A 26 3.50 9.65 1.57
N ARG A 27 3.03 8.52 2.08
CA ARG A 27 1.77 8.48 2.82
C ARG A 27 1.88 7.57 4.04
N VAL A 28 0.81 7.50 4.83
CA VAL A 28 0.80 6.67 6.03
C VAL A 28 -0.40 5.72 6.02
N PHE A 29 -0.14 4.44 6.25
CA PHE A 29 -1.19 3.44 6.26
C PHE A 29 -0.97 2.44 7.40
N HIS A 30 -2.06 2.05 8.05
CA HIS A 30 -1.99 1.10 9.15
C HIS A 30 -1.47 -0.25 8.68
N VAL A 31 -0.70 -0.92 9.53
CA VAL A 31 -0.14 -2.22 9.20
C VAL A 31 -1.18 -3.11 8.54
N GLY A 32 -2.43 -2.93 8.91
CA GLY A 32 -3.50 -3.73 8.34
C GLY A 32 -4.10 -3.09 7.10
N CYS A 33 -4.37 -1.80 7.18
CA CYS A 33 -4.96 -1.07 6.06
C CYS A 33 -4.08 -1.22 4.81
N PHE A 34 -2.78 -1.00 4.97
CA PHE A 34 -1.85 -1.11 3.85
C PHE A 34 -1.90 -2.50 3.24
N VAL A 35 -2.57 -2.63 2.11
CA VAL A 35 -2.68 -3.91 1.43
C VAL A 35 -2.66 -3.74 -0.09
N CYS A 36 -2.70 -4.85 -0.81
CA CYS A 36 -2.67 -4.82 -2.27
C CYS A 36 -3.94 -4.15 -2.82
N SER A 37 -3.92 -3.85 -4.11
CA SER A 37 -5.06 -3.21 -4.76
C SER A 37 -5.91 -4.24 -5.51
N THR A 38 -5.29 -5.35 -5.86
CA THR A 38 -6.00 -6.42 -6.58
C THR A 38 -6.45 -7.51 -5.64
N CYS A 39 -5.50 -8.19 -5.01
CA CYS A 39 -5.80 -9.26 -4.07
C CYS A 39 -6.09 -8.70 -2.67
N ARG A 40 -5.73 -7.43 -2.46
CA ARG A 40 -5.95 -6.78 -1.18
C ARG A 40 -5.30 -7.58 -0.05
N ALA A 41 -4.05 -7.96 -0.26
CA ALA A 41 -3.31 -8.72 0.75
C ALA A 41 -2.40 -7.81 1.56
N GLN A 42 -2.13 -8.21 2.81
CA GLN A 42 -1.27 -7.43 3.68
C GLN A 42 0.12 -7.26 3.08
N LEU A 43 0.58 -6.02 3.00
CA LEU A 43 1.89 -5.72 2.44
C LEU A 43 2.84 -5.21 3.52
N ARG A 44 2.48 -5.45 4.78
CA ARG A 44 3.30 -5.01 5.90
C ARG A 44 4.50 -5.93 6.08
N GLY A 45 5.70 -5.33 6.15
CA GLY A 45 6.91 -6.11 6.31
C GLY A 45 7.13 -7.08 5.17
N GLN A 46 7.09 -6.58 3.94
CA GLN A 46 7.28 -7.41 2.77
C GLN A 46 7.50 -6.55 1.52
N HIS A 47 7.93 -7.19 0.43
CA HIS A 47 8.17 -6.49 -0.82
C HIS A 47 6.86 -6.22 -1.56
N PHE A 48 6.87 -5.20 -2.40
CA PHE A 48 5.68 -4.84 -3.17
C PHE A 48 6.04 -3.92 -4.33
N TYR A 49 5.12 -3.78 -5.27
CA TYR A 49 5.34 -2.94 -6.45
C TYR A 49 4.48 -1.69 -6.39
N ALA A 50 5.04 -0.57 -6.83
CA ALA A 50 4.33 0.70 -6.83
C ALA A 50 4.00 1.14 -8.25
N VAL A 51 2.71 1.11 -8.59
CA VAL A 51 2.26 1.51 -9.93
C VAL A 51 1.02 2.38 -9.84
N GLU A 52 1.10 3.58 -10.39
CA GLU A 52 -0.02 4.52 -10.38
C GLU A 52 -0.40 4.89 -8.95
N ARG A 53 0.60 5.01 -8.09
CA ARG A 53 0.37 5.35 -6.68
C ARG A 53 -0.41 4.26 -5.97
N ARG A 54 -0.11 3.01 -6.30
CA ARG A 54 -0.78 1.87 -5.69
C ARG A 54 0.23 0.84 -5.19
N ALA A 55 -0.27 -0.22 -4.56
CA ALA A 55 0.59 -1.27 -4.04
C ALA A 55 0.18 -2.64 -4.58
N TYR A 56 1.06 -3.26 -5.35
CA TYR A 56 0.79 -4.56 -5.94
C TYR A 56 1.81 -5.59 -5.47
N CYS A 57 1.33 -6.64 -4.82
CA CYS A 57 2.19 -7.70 -4.31
C CYS A 57 2.85 -8.46 -5.46
N GLU A 58 4.09 -8.88 -5.25
CA GLU A 58 4.84 -9.62 -6.27
C GLU A 58 3.90 -10.50 -7.09
N GLY A 59 3.14 -11.35 -6.40
CA GLY A 59 2.21 -12.24 -7.07
C GLY A 59 1.35 -11.51 -8.09
N CYS A 60 0.59 -10.52 -7.61
CA CYS A 60 -0.29 -9.76 -8.48
C CYS A 60 0.51 -9.07 -9.59
N TYR A 61 1.47 -8.25 -9.19
CA TYR A 61 2.31 -7.53 -10.15
C TYR A 61 2.68 -8.43 -11.32
N VAL A 62 3.02 -9.68 -11.03
CA VAL A 62 3.41 -10.64 -12.05
C VAL A 62 2.19 -11.10 -12.85
N ALA A 63 1.07 -11.28 -12.16
CA ALA A 63 -0.16 -11.71 -12.80
C ALA A 63 -0.66 -10.69 -13.80
N THR A 64 -0.49 -9.41 -13.46
CA THR A 64 -0.92 -8.32 -14.33
C THR A 64 -0.16 -8.34 -15.65
N LEU A 65 1.14 -8.57 -15.57
CA LEU A 65 1.99 -8.62 -16.77
C LEU A 65 1.48 -9.66 -17.75
N GLU A 66 1.23 -10.87 -17.25
CA GLU A 66 0.74 -11.97 -18.08
C GLU A 66 -0.70 -11.70 -18.53
N SER A 67 -1.51 -11.16 -17.63
CA SER A 67 -2.90 -10.87 -17.94
C SER A 67 -3.04 -9.47 -18.55
N GLY A 68 -3.32 -9.44 -19.85
CA GLY A 68 -3.47 -8.16 -20.54
C GLY A 68 -2.17 -7.64 -21.09
N PRO A 69 -2.22 -6.51 -21.81
CA PRO A 69 -1.05 -5.89 -22.42
C PRO A 69 -0.11 -5.29 -21.36
N SER A 70 1.12 -5.00 -21.78
CA SER A 70 2.12 -4.42 -20.88
C SER A 70 1.85 -2.94 -20.65
N SER A 71 2.63 -2.32 -19.79
CA SER A 71 2.49 -0.91 -19.48
C SER A 71 3.43 -0.07 -20.33
N GLY A 72 4.74 -0.32 -20.19
CA GLY A 72 5.72 0.42 -20.95
C GLY A 72 5.32 1.87 -21.15
N GLY A 1 0.32 17.38 24.71
CA GLY A 1 1.51 18.17 24.42
C GLY A 1 1.49 18.74 23.02
N SER A 2 2.09 18.02 22.07
CA SER A 2 2.15 18.47 20.69
C SER A 2 0.95 17.96 19.90
N SER A 3 0.38 18.83 19.08
CA SER A 3 -0.79 18.47 18.28
C SER A 3 -0.38 18.19 16.82
N GLY A 4 -0.88 17.09 16.27
CA GLY A 4 -0.56 16.74 14.91
C GLY A 4 0.05 15.36 14.80
N SER A 5 -0.55 14.51 13.97
CA SER A 5 -0.06 13.15 13.77
C SER A 5 -0.21 12.72 12.32
N SER A 6 0.35 11.56 11.99
CA SER A 6 0.30 11.04 10.63
C SER A 6 -1.02 10.31 10.39
N GLY A 7 -1.85 10.87 9.51
CA GLY A 7 -3.13 10.26 9.20
C GLY A 7 -2.99 9.02 8.35
N CYS A 8 -4.01 8.17 8.38
CA CYS A 8 -4.00 6.93 7.60
C CYS A 8 -4.70 7.12 6.27
N GLY A 9 -3.93 7.12 5.18
CA GLY A 9 -4.50 7.30 3.86
C GLY A 9 -5.56 6.26 3.54
N GLY A 10 -5.43 5.08 4.14
CA GLY A 10 -6.38 4.02 3.91
C GLY A 10 -7.75 4.34 4.48
N CYS A 11 -7.88 4.28 5.79
CA CYS A 11 -9.15 4.57 6.46
C CYS A 11 -9.28 6.05 6.76
N GLY A 12 -8.23 6.64 7.31
CA GLY A 12 -8.25 8.05 7.64
C GLY A 12 -7.86 8.32 9.08
N GLU A 13 -8.21 7.40 9.97
CA GLU A 13 -7.89 7.54 11.39
C GLU A 13 -6.39 7.77 11.59
N ASP A 14 -6.07 8.64 12.54
CA ASP A 14 -4.66 8.94 12.83
C ASP A 14 -3.88 7.68 13.12
N VAL A 15 -2.59 7.70 12.78
CA VAL A 15 -1.73 6.54 13.00
C VAL A 15 -0.71 6.82 14.11
N VAL A 16 -0.89 6.16 15.25
CA VAL A 16 0.01 6.34 16.38
C VAL A 16 0.64 5.01 16.80
N GLY A 17 1.89 5.06 17.21
CA GLY A 17 2.59 3.84 17.63
C GLY A 17 4.09 3.99 17.58
N ASP A 18 4.71 4.12 18.75
CA ASP A 18 6.16 4.27 18.84
C ASP A 18 6.86 3.42 17.79
N GLY A 19 6.38 2.19 17.61
CA GLY A 19 6.97 1.29 16.64
C GLY A 19 5.96 0.78 15.64
N ALA A 20 5.10 1.67 15.16
CA ALA A 20 4.08 1.31 14.18
C ALA A 20 3.91 2.38 13.13
N GLY A 21 3.05 2.13 12.15
CA GLY A 21 2.81 3.09 11.09
C GLY A 21 3.61 2.77 9.84
N VAL A 22 2.92 2.32 8.80
CA VAL A 22 3.57 1.98 7.53
C VAL A 22 3.62 3.18 6.60
N VAL A 23 4.83 3.55 6.19
CA VAL A 23 5.02 4.68 5.29
C VAL A 23 5.35 4.22 3.88
N ALA A 24 4.44 4.47 2.95
CA ALA A 24 4.64 4.09 1.56
C ALA A 24 4.01 5.10 0.60
N LEU A 25 4.69 5.37 -0.50
CA LEU A 25 4.20 6.32 -1.49
C LEU A 25 3.96 7.69 -0.85
N ASP A 26 4.86 8.10 0.02
CA ASP A 26 4.74 9.39 0.69
C ASP A 26 3.43 9.47 1.47
N ARG A 27 2.98 8.33 1.98
CA ARG A 27 1.73 8.27 2.74
C ARG A 27 1.87 7.34 3.94
N VAL A 28 0.83 7.29 4.77
CA VAL A 28 0.84 6.44 5.96
C VAL A 28 -0.40 5.57 6.00
N PHE A 29 -0.19 4.27 6.20
CA PHE A 29 -1.30 3.31 6.27
C PHE A 29 -1.09 2.33 7.41
N HIS A 30 -2.18 1.95 8.07
CA HIS A 30 -2.13 1.01 9.18
C HIS A 30 -1.65 -0.37 8.71
N VAL A 31 -0.77 -0.98 9.49
CA VAL A 31 -0.24 -2.30 9.15
C VAL A 31 -1.29 -3.14 8.46
N GLY A 32 -2.53 -3.03 8.92
CA GLY A 32 -3.62 -3.81 8.33
C GLY A 32 -4.15 -3.17 7.06
N CYS A 33 -4.48 -1.89 7.13
CA CYS A 33 -5.01 -1.17 5.98
C CYS A 33 -4.12 -1.37 4.76
N PHE A 34 -2.82 -1.14 4.94
CA PHE A 34 -1.86 -1.30 3.84
C PHE A 34 -1.98 -2.68 3.21
N VAL A 35 -2.53 -2.73 2.01
CA VAL A 35 -2.71 -3.99 1.30
C VAL A 35 -2.73 -3.78 -0.21
N CYS A 36 -2.67 -4.87 -0.96
CA CYS A 36 -2.68 -4.80 -2.42
C CYS A 36 -3.96 -4.13 -2.92
N SER A 37 -3.97 -3.77 -4.19
CA SER A 37 -5.13 -3.13 -4.80
C SER A 37 -6.01 -4.15 -5.52
N THR A 38 -5.40 -5.27 -5.92
CA THR A 38 -6.12 -6.32 -6.61
C THR A 38 -6.54 -7.43 -5.65
N CYS A 39 -5.55 -8.17 -5.16
CA CYS A 39 -5.82 -9.27 -4.23
C CYS A 39 -6.10 -8.74 -2.83
N ARG A 40 -5.71 -7.49 -2.58
CA ARG A 40 -5.91 -6.86 -1.28
C ARG A 40 -5.27 -7.69 -0.17
N ALA A 41 -4.02 -8.09 -0.39
CA ALA A 41 -3.29 -8.89 0.58
C ALA A 41 -2.37 -8.00 1.43
N GLN A 42 -2.05 -8.47 2.63
CA GLN A 42 -1.18 -7.73 3.53
C GLN A 42 0.17 -7.46 2.89
N LEU A 43 0.59 -6.20 2.92
CA LEU A 43 1.87 -5.81 2.34
C LEU A 43 2.84 -5.33 3.42
N ARG A 44 2.55 -5.70 4.67
CA ARG A 44 3.40 -5.31 5.79
C ARG A 44 4.64 -6.19 5.85
N GLY A 45 5.77 -5.58 6.19
CA GLY A 45 7.02 -6.32 6.29
C GLY A 45 7.22 -7.27 5.12
N GLN A 46 7.03 -6.76 3.91
CA GLN A 46 7.18 -7.57 2.70
C GLN A 46 7.49 -6.69 1.50
N HIS A 47 7.80 -7.34 0.37
CA HIS A 47 8.11 -6.61 -0.86
C HIS A 47 6.85 -6.32 -1.66
N PHE A 48 6.73 -5.09 -2.14
CA PHE A 48 5.56 -4.68 -2.91
C PHE A 48 5.98 -3.82 -4.10
N TYR A 49 5.02 -3.53 -4.98
CA TYR A 49 5.28 -2.72 -6.16
C TYR A 49 4.43 -1.46 -6.15
N ALA A 50 4.97 -0.38 -6.72
CA ALA A 50 4.25 0.89 -6.78
C ALA A 50 3.99 1.31 -8.22
N VAL A 51 2.72 1.26 -8.62
CA VAL A 51 2.32 1.62 -9.98
C VAL A 51 1.06 2.47 -9.97
N GLU A 52 1.17 3.68 -10.48
CA GLU A 52 0.03 4.60 -10.53
C GLU A 52 -0.43 4.97 -9.13
N ARG A 53 0.52 5.16 -8.23
CA ARG A 53 0.20 5.52 -6.84
C ARG A 53 -0.60 4.41 -6.18
N ARG A 54 -0.24 3.16 -6.47
CA ARG A 54 -0.93 2.01 -5.89
C ARG A 54 0.06 1.01 -5.32
N ALA A 55 -0.45 -0.05 -4.69
CA ALA A 55 0.39 -1.08 -4.10
C ALA A 55 0.03 -2.46 -4.63
N TYR A 56 0.95 -3.06 -5.38
CA TYR A 56 0.73 -4.38 -5.94
C TYR A 56 1.77 -5.37 -5.44
N CYS A 57 1.30 -6.50 -4.91
CA CYS A 57 2.19 -7.53 -4.39
C CYS A 57 2.93 -8.23 -5.54
N GLU A 58 4.11 -8.77 -5.23
CA GLU A 58 4.91 -9.47 -6.22
C GLU A 58 4.04 -10.36 -7.10
N GLY A 59 3.14 -11.11 -6.47
CA GLY A 59 2.27 -12.00 -7.22
C GLY A 59 1.48 -11.26 -8.29
N CYS A 60 0.53 -10.43 -7.85
CA CYS A 60 -0.30 -9.66 -8.78
C CYS A 60 0.56 -9.00 -9.85
N TYR A 61 1.54 -8.20 -9.41
CA TYR A 61 2.43 -7.50 -10.33
C TYR A 61 2.82 -8.41 -11.50
N VAL A 62 3.12 -9.67 -11.19
CA VAL A 62 3.52 -10.63 -12.21
C VAL A 62 2.30 -11.12 -13.00
N ALA A 63 1.22 -11.39 -12.29
CA ALA A 63 -0.01 -11.87 -12.92
C ALA A 63 -0.49 -10.89 -13.99
N THR A 64 -0.49 -9.61 -13.66
CA THR A 64 -0.92 -8.58 -14.59
C THR A 64 -0.17 -8.69 -15.92
N LEU A 65 1.15 -8.79 -15.84
CA LEU A 65 1.97 -8.90 -17.04
C LEU A 65 1.49 -10.04 -17.93
N GLU A 66 1.19 -11.19 -17.32
CA GLU A 66 0.72 -12.35 -18.06
C GLU A 66 -0.52 -12.00 -18.88
N SER A 67 -1.60 -11.64 -18.17
CA SER A 67 -2.85 -11.28 -18.84
C SER A 67 -2.64 -10.19 -19.87
N GLY A 68 -1.94 -9.12 -19.46
CA GLY A 68 -1.67 -8.02 -20.37
C GLY A 68 -0.98 -8.47 -21.64
N PRO A 69 -1.35 -7.85 -22.77
CA PRO A 69 -0.77 -8.18 -24.08
C PRO A 69 0.68 -7.73 -24.20
N SER A 70 1.35 -8.15 -25.26
CA SER A 70 2.74 -7.80 -25.49
C SER A 70 3.10 -7.93 -26.96
N SER A 71 4.26 -7.39 -27.33
CA SER A 71 4.72 -7.44 -28.72
C SER A 71 5.40 -8.77 -29.01
N GLY A 72 5.10 -9.35 -30.17
CA GLY A 72 5.69 -10.61 -30.56
C GLY A 72 4.92 -11.29 -31.67
N GLY A 1 -8.33 24.10 12.94
CA GLY A 1 -7.32 23.30 12.28
C GLY A 1 -7.91 22.08 11.60
N SER A 2 -8.35 22.26 10.36
CA SER A 2 -8.94 21.16 9.59
C SER A 2 -8.21 19.85 9.87
N SER A 3 -6.89 19.88 9.74
CA SER A 3 -6.07 18.69 9.98
C SER A 3 -4.71 19.07 10.56
N GLY A 4 -4.14 18.17 11.35
CA GLY A 4 -2.85 18.43 11.95
C GLY A 4 -2.28 17.20 12.63
N SER A 5 -2.28 16.07 11.93
CA SER A 5 -1.76 14.83 12.45
C SER A 5 -1.37 13.87 11.34
N SER A 6 -0.55 12.87 11.67
CA SER A 6 -0.11 11.89 10.69
C SER A 6 -1.30 11.24 9.99
N GLY A 7 -2.32 10.90 10.77
CA GLY A 7 -3.51 10.27 10.21
C GLY A 7 -3.17 9.07 9.35
N CYS A 8 -4.20 8.37 8.89
CA CYS A 8 -4.00 7.18 8.05
C CYS A 8 -4.55 7.43 6.64
N GLY A 9 -3.65 7.59 5.68
CA GLY A 9 -4.05 7.82 4.31
C GLY A 9 -5.08 6.81 3.83
N GLY A 10 -5.04 5.61 4.40
CA GLY A 10 -5.97 4.57 4.01
C GLY A 10 -7.38 4.87 4.46
N CYS A 11 -7.63 4.75 5.75
CA CYS A 11 -8.96 4.99 6.31
C CYS A 11 -9.05 6.41 6.86
N GLY A 12 -8.03 6.81 7.62
CA GLY A 12 -8.01 8.15 8.20
C GLY A 12 -7.65 8.14 9.67
N GLU A 13 -7.91 7.01 10.33
CA GLU A 13 -7.62 6.89 11.75
C GLU A 13 -6.16 7.26 12.05
N ASP A 14 -5.92 7.74 13.26
CA ASP A 14 -4.57 8.13 13.66
C ASP A 14 -3.60 6.97 13.54
N VAL A 15 -2.47 7.21 12.89
CA VAL A 15 -1.45 6.19 12.69
C VAL A 15 -0.33 6.32 13.72
N VAL A 16 -0.37 5.46 14.74
CA VAL A 16 0.64 5.48 15.79
C VAL A 16 1.90 4.75 15.34
N GLY A 17 3.06 5.27 15.75
CA GLY A 17 4.32 4.66 15.38
C GLY A 17 4.57 3.37 16.14
N ASP A 18 5.84 3.10 16.44
CA ASP A 18 6.22 1.89 17.17
C ASP A 18 5.96 0.65 16.32
N GLY A 19 6.40 0.70 15.06
CA GLY A 19 6.22 -0.43 14.17
C GLY A 19 4.77 -0.63 13.78
N ALA A 20 4.00 0.45 13.82
CA ALA A 20 2.58 0.39 13.46
C ALA A 20 2.28 1.28 12.26
N GLY A 21 3.08 2.33 12.10
CA GLY A 21 2.88 3.24 10.98
C GLY A 21 3.62 2.80 9.73
N VAL A 22 2.87 2.30 8.75
CA VAL A 22 3.47 1.83 7.50
C VAL A 22 3.26 2.85 6.38
N VAL A 23 4.33 3.55 6.00
CA VAL A 23 4.25 4.54 4.95
C VAL A 23 4.46 3.91 3.57
N ALA A 24 3.80 4.47 2.57
CA ALA A 24 3.92 3.96 1.21
C ALA A 24 3.58 5.04 0.19
N LEU A 25 4.53 5.36 -0.67
CA LEU A 25 4.34 6.37 -1.70
C LEU A 25 4.19 7.76 -1.08
N ASP A 26 5.01 8.04 -0.07
CA ASP A 26 4.96 9.33 0.61
C ASP A 26 3.64 9.52 1.35
N ARG A 27 3.13 8.42 1.92
CA ARG A 27 1.87 8.47 2.65
C ARG A 27 1.95 7.62 3.91
N VAL A 28 0.86 7.62 4.68
CA VAL A 28 0.80 6.84 5.92
C VAL A 28 -0.37 5.88 5.91
N PHE A 29 -0.14 4.65 6.35
CA PHE A 29 -1.19 3.63 6.38
C PHE A 29 -0.99 2.70 7.58
N HIS A 30 -2.10 2.18 8.10
CA HIS A 30 -2.05 1.28 9.25
C HIS A 30 -1.61 -0.11 8.82
N VAL A 31 -0.91 -0.80 9.73
CA VAL A 31 -0.42 -2.14 9.45
C VAL A 31 -1.48 -2.98 8.75
N GLY A 32 -2.75 -2.64 8.99
CA GLY A 32 -3.84 -3.37 8.37
C GLY A 32 -4.34 -2.70 7.10
N CYS A 33 -4.52 -1.38 7.17
CA CYS A 33 -5.00 -0.62 6.01
C CYS A 33 -4.16 -0.90 4.78
N PHE A 34 -2.85 -0.72 4.93
CA PHE A 34 -1.93 -0.95 3.82
C PHE A 34 -2.06 -2.37 3.28
N VAL A 35 -2.64 -2.50 2.09
CA VAL A 35 -2.82 -3.81 1.46
C VAL A 35 -2.81 -3.69 -0.05
N CYS A 36 -2.62 -4.82 -0.72
CA CYS A 36 -2.59 -4.86 -2.18
C CYS A 36 -3.84 -4.21 -2.77
N SER A 37 -3.80 -3.94 -4.07
CA SER A 37 -4.91 -3.31 -4.76
C SER A 37 -5.81 -4.36 -5.42
N THR A 38 -5.20 -5.50 -5.77
CA THR A 38 -5.94 -6.59 -6.40
C THR A 38 -6.37 -7.64 -5.39
N CYS A 39 -5.39 -8.35 -4.84
CA CYS A 39 -5.66 -9.39 -3.85
C CYS A 39 -5.95 -8.78 -2.48
N ARG A 40 -5.61 -7.49 -2.33
CA ARG A 40 -5.84 -6.80 -1.08
C ARG A 40 -5.21 -7.56 0.09
N ALA A 41 -3.98 -8.01 -0.09
CA ALA A 41 -3.27 -8.75 0.95
C ALA A 41 -2.53 -7.80 1.89
N GLN A 42 -2.26 -8.27 3.10
CA GLN A 42 -1.56 -7.47 4.10
C GLN A 42 -0.12 -7.20 3.66
N LEU A 43 0.21 -5.93 3.52
CA LEU A 43 1.55 -5.53 3.10
C LEU A 43 2.27 -4.77 4.22
N ARG A 44 1.75 -4.90 5.43
CA ARG A 44 2.34 -4.23 6.59
C ARG A 44 3.87 -4.24 6.50
N GLY A 45 4.43 -5.35 6.05
CA GLY A 45 5.87 -5.47 5.92
C GLY A 45 6.28 -6.54 4.94
N GLN A 46 6.46 -6.16 3.68
CA GLN A 46 6.86 -7.10 2.64
C GLN A 46 7.27 -6.38 1.37
N HIS A 47 7.69 -7.13 0.36
CA HIS A 47 8.12 -6.56 -0.91
C HIS A 47 6.93 -6.35 -1.84
N PHE A 48 6.58 -5.09 -2.07
CA PHE A 48 5.45 -4.76 -2.94
C PHE A 48 5.88 -3.80 -4.05
N TYR A 49 4.99 -3.57 -5.00
CA TYR A 49 5.28 -2.68 -6.12
C TYR A 49 4.41 -1.43 -6.06
N ALA A 50 4.68 -0.48 -6.95
CA ALA A 50 3.92 0.76 -7.01
C ALA A 50 3.65 1.18 -8.45
N VAL A 51 2.40 1.11 -8.86
CA VAL A 51 2.01 1.50 -10.21
C VAL A 51 0.74 2.33 -10.21
N GLU A 52 0.82 3.52 -10.79
CA GLU A 52 -0.33 4.42 -10.85
C GLU A 52 -0.81 4.78 -9.46
N ARG A 53 0.13 4.95 -8.53
CA ARG A 53 -0.20 5.30 -7.15
C ARG A 53 -0.98 4.17 -6.48
N ARG A 54 -0.67 2.94 -6.87
CA ARG A 54 -1.34 1.77 -6.30
C ARG A 54 -0.35 0.86 -5.61
N ALA A 55 -0.85 -0.25 -5.05
CA ALA A 55 0.00 -1.20 -4.36
C ALA A 55 -0.24 -2.62 -4.87
N TYR A 56 0.80 -3.25 -5.40
CA TYR A 56 0.69 -4.60 -5.92
C TYR A 56 1.79 -5.50 -5.35
N CYS A 57 1.38 -6.54 -4.64
CA CYS A 57 2.33 -7.47 -4.03
C CYS A 57 3.11 -8.22 -5.11
N GLU A 58 4.36 -8.55 -4.79
CA GLU A 58 5.22 -9.26 -5.73
C GLU A 58 4.40 -10.22 -6.60
N GLY A 59 3.61 -11.06 -5.94
CA GLY A 59 2.79 -12.02 -6.67
C GLY A 59 1.93 -11.36 -7.72
N CYS A 60 0.93 -10.59 -7.28
CA CYS A 60 0.03 -9.91 -8.20
C CYS A 60 0.80 -9.20 -9.30
N TYR A 61 1.76 -8.36 -8.90
CA TYR A 61 2.58 -7.62 -9.85
C TYR A 61 3.03 -8.52 -11.00
N VAL A 62 3.43 -9.74 -10.66
CA VAL A 62 3.89 -10.71 -11.66
C VAL A 62 2.74 -11.17 -12.54
N ALA A 63 1.56 -11.33 -11.94
CA ALA A 63 0.38 -11.76 -12.67
C ALA A 63 -0.10 -10.68 -13.65
N THR A 64 0.12 -9.42 -13.27
CA THR A 64 -0.30 -8.29 -14.10
C THR A 64 0.55 -8.22 -15.36
N LEU A 65 1.83 -8.56 -15.24
CA LEU A 65 2.74 -8.53 -16.38
C LEU A 65 2.29 -9.48 -17.47
N GLU A 66 2.00 -10.73 -17.08
CA GLU A 66 1.54 -11.74 -18.02
C GLU A 66 0.14 -11.43 -18.52
N SER A 67 -0.72 -10.98 -17.62
CA SER A 67 -2.10 -10.65 -17.97
C SER A 67 -2.15 -9.41 -18.85
N GLY A 68 -2.75 -9.55 -20.02
CA GLY A 68 -2.86 -8.43 -20.95
C GLY A 68 -4.05 -8.56 -21.88
N PRO A 69 -4.37 -7.47 -22.59
CA PRO A 69 -5.49 -7.44 -23.52
C PRO A 69 -5.25 -8.29 -24.76
N SER A 70 -4.09 -8.95 -24.80
CA SER A 70 -3.73 -9.81 -25.92
C SER A 70 -3.80 -9.03 -27.24
N SER A 71 -3.31 -7.80 -27.21
CA SER A 71 -3.31 -6.94 -28.40
C SER A 71 -1.89 -6.63 -28.85
N GLY A 72 -1.75 -6.26 -30.12
CA GLY A 72 -0.44 -5.94 -30.65
C GLY A 72 -0.29 -4.47 -30.98
N GLY A 1 8.81 14.61 11.26
CA GLY A 1 7.73 15.06 10.40
C GLY A 1 6.95 16.22 10.99
N SER A 2 7.68 17.20 11.53
CA SER A 2 7.05 18.36 12.14
C SER A 2 5.97 18.94 11.23
N SER A 3 6.22 18.92 9.93
CA SER A 3 5.27 19.44 8.96
C SER A 3 4.81 18.34 8.00
N GLY A 4 3.53 18.02 8.04
CA GLY A 4 2.99 16.99 7.18
C GLY A 4 1.63 16.49 7.66
N SER A 5 1.37 15.20 7.44
CA SER A 5 0.10 14.60 7.83
C SER A 5 0.31 13.19 8.37
N SER A 6 -0.10 12.96 9.62
CA SER A 6 0.05 11.66 10.24
C SER A 6 -1.15 10.77 9.93
N GLY A 7 -2.34 11.37 9.93
CA GLY A 7 -3.55 10.62 9.66
C GLY A 7 -3.33 9.51 8.65
N CYS A 8 -4.12 8.45 8.77
CA CYS A 8 -4.00 7.31 7.86
C CYS A 8 -4.51 7.66 6.47
N GLY A 9 -3.99 6.96 5.46
CA GLY A 9 -4.40 7.22 4.09
C GLY A 9 -5.43 6.22 3.61
N GLY A 10 -5.43 5.04 4.21
CA GLY A 10 -6.38 4.01 3.81
C GLY A 10 -7.73 4.18 4.47
N CYS A 11 -7.73 4.53 5.75
CA CYS A 11 -8.97 4.72 6.49
C CYS A 11 -9.15 6.19 6.87
N GLY A 12 -8.05 6.85 7.21
CA GLY A 12 -8.11 8.25 7.59
C GLY A 12 -7.77 8.48 9.05
N GLU A 13 -8.19 7.55 9.90
CA GLU A 13 -7.93 7.66 11.34
C GLU A 13 -6.44 7.85 11.59
N ASP A 14 -6.13 8.46 12.73
CA ASP A 14 -4.73 8.71 13.11
C ASP A 14 -3.96 7.40 13.21
N VAL A 15 -2.69 7.44 12.83
CA VAL A 15 -1.84 6.25 12.89
C VAL A 15 -0.76 6.39 13.96
N VAL A 16 -0.86 5.58 15.01
CA VAL A 16 0.11 5.62 16.09
C VAL A 16 0.90 4.32 16.17
N GLY A 17 2.21 4.44 16.44
CA GLY A 17 3.06 3.27 16.53
C GLY A 17 4.42 3.50 15.91
N ASP A 18 5.37 3.92 16.73
CA ASP A 18 6.73 4.17 16.26
C ASP A 18 7.13 3.16 15.19
N GLY A 19 6.68 1.92 15.35
CA GLY A 19 7.01 0.89 14.39
C GLY A 19 5.83 0.51 13.53
N ALA A 20 4.66 0.32 14.15
CA ALA A 20 3.45 -0.04 13.43
C ALA A 20 3.26 0.85 12.19
N GLY A 21 3.10 2.15 12.43
CA GLY A 21 2.91 3.08 11.34
C GLY A 21 3.67 2.67 10.08
N VAL A 22 2.96 2.52 8.98
CA VAL A 22 3.58 2.13 7.72
C VAL A 22 3.65 3.31 6.75
N VAL A 23 4.86 3.73 6.42
CA VAL A 23 5.07 4.85 5.51
C VAL A 23 5.37 4.36 4.10
N ALA A 24 4.44 4.62 3.18
CA ALA A 24 4.61 4.20 1.80
C ALA A 24 3.97 5.21 0.84
N LEU A 25 4.74 5.64 -0.15
CA LEU A 25 4.26 6.60 -1.14
C LEU A 25 4.00 7.96 -0.48
N ASP A 26 4.90 8.37 0.39
CA ASP A 26 4.78 9.65 1.09
C ASP A 26 3.46 9.73 1.85
N ARG A 27 2.99 8.58 2.34
CA ARG A 27 1.74 8.52 3.08
C ARG A 27 1.86 7.56 4.27
N VAL A 28 0.85 7.57 5.13
CA VAL A 28 0.84 6.71 6.30
C VAL A 28 -0.41 5.84 6.33
N PHE A 29 -0.22 4.53 6.43
CA PHE A 29 -1.33 3.59 6.47
C PHE A 29 -1.16 2.59 7.61
N HIS A 30 -2.28 2.11 8.14
CA HIS A 30 -2.25 1.15 9.25
C HIS A 30 -1.76 -0.21 8.76
N VAL A 31 -0.96 -0.88 9.59
CA VAL A 31 -0.43 -2.19 9.25
C VAL A 31 -1.47 -3.03 8.52
N GLY A 32 -2.74 -2.85 8.87
CA GLY A 32 -3.80 -3.59 8.24
C GLY A 32 -4.29 -2.94 6.97
N CYS A 33 -4.57 -1.64 7.04
CA CYS A 33 -5.06 -0.89 5.89
C CYS A 33 -4.15 -1.11 4.68
N PHE A 34 -2.85 -0.89 4.87
CA PHE A 34 -1.88 -1.06 3.79
C PHE A 34 -1.94 -2.47 3.22
N VAL A 35 -2.54 -2.59 2.04
CA VAL A 35 -2.68 -3.89 1.39
C VAL A 35 -2.71 -3.74 -0.13
N CYS A 36 -2.51 -4.84 -0.84
CA CYS A 36 -2.52 -4.84 -2.30
C CYS A 36 -3.80 -4.19 -2.82
N SER A 37 -3.81 -3.88 -4.11
CA SER A 37 -4.96 -3.25 -4.74
C SER A 37 -5.85 -4.30 -5.40
N THR A 38 -5.26 -5.44 -5.76
CA THR A 38 -6.00 -6.51 -6.41
C THR A 38 -6.41 -7.58 -5.40
N CYS A 39 -5.44 -8.31 -4.89
CA CYS A 39 -5.69 -9.36 -3.91
C CYS A 39 -5.91 -8.77 -2.52
N ARG A 40 -5.52 -7.51 -2.35
CA ARG A 40 -5.68 -6.83 -1.07
C ARG A 40 -5.00 -7.61 0.05
N ALA A 41 -3.79 -8.09 -0.22
CA ALA A 41 -3.04 -8.87 0.77
C ALA A 41 -2.32 -7.94 1.75
N GLN A 42 -2.05 -8.46 2.94
CA GLN A 42 -1.36 -7.69 3.98
C GLN A 42 0.04 -7.32 3.53
N LEU A 43 0.28 -6.02 3.34
CA LEU A 43 1.59 -5.54 2.92
C LEU A 43 2.31 -4.84 4.07
N ARG A 44 1.83 -5.07 5.28
CA ARG A 44 2.43 -4.46 6.48
C ARG A 44 3.96 -4.56 6.42
N GLY A 45 4.46 -5.65 5.84
CA GLY A 45 5.89 -5.85 5.75
C GLY A 45 6.26 -6.92 4.75
N GLN A 46 6.42 -6.53 3.49
CA GLN A 46 6.78 -7.46 2.43
C GLN A 46 7.17 -6.73 1.16
N HIS A 47 7.56 -7.49 0.13
CA HIS A 47 7.96 -6.90 -1.14
C HIS A 47 6.74 -6.64 -2.02
N PHE A 48 6.54 -5.36 -2.37
CA PHE A 48 5.41 -4.98 -3.21
C PHE A 48 5.87 -4.05 -4.33
N TYR A 49 4.93 -3.69 -5.21
CA TYR A 49 5.24 -2.81 -6.33
C TYR A 49 4.38 -1.56 -6.28
N ALA A 50 4.88 -0.48 -6.90
CA ALA A 50 4.16 0.78 -6.93
C ALA A 50 3.81 1.18 -8.36
N VAL A 51 2.52 1.14 -8.68
CA VAL A 51 2.05 1.50 -10.02
C VAL A 51 0.80 2.38 -9.94
N GLU A 52 0.95 3.62 -10.39
CA GLU A 52 -0.16 4.57 -10.38
C GLU A 52 -0.58 4.89 -8.94
N ARG A 53 0.40 5.06 -8.07
CA ARG A 53 0.13 5.38 -6.67
C ARG A 53 -0.63 4.24 -6.00
N ARG A 54 -0.26 3.00 -6.31
CA ARG A 54 -0.91 1.84 -5.74
C ARG A 54 0.13 0.85 -5.22
N ALA A 55 -0.34 -0.25 -4.63
CA ALA A 55 0.54 -1.27 -4.09
C ALA A 55 0.16 -2.66 -4.61
N TYR A 56 1.08 -3.27 -5.34
CA TYR A 56 0.84 -4.60 -5.90
C TYR A 56 1.88 -5.60 -5.39
N CYS A 57 1.42 -6.63 -4.70
CA CYS A 57 2.31 -7.65 -4.17
C CYS A 57 3.03 -8.39 -5.30
N GLU A 58 4.27 -8.80 -5.03
CA GLU A 58 5.06 -9.51 -6.03
C GLU A 58 4.18 -10.40 -6.90
N GLY A 59 3.35 -11.21 -6.25
CA GLY A 59 2.46 -12.10 -6.96
C GLY A 59 1.63 -11.38 -8.00
N CYS A 60 0.67 -10.58 -7.55
CA CYS A 60 -0.19 -9.82 -8.45
C CYS A 60 0.62 -9.12 -9.53
N TYR A 61 1.60 -8.34 -9.11
CA TYR A 61 2.46 -7.61 -10.05
C TYR A 61 2.89 -8.51 -11.19
N VAL A 62 3.27 -9.75 -10.86
CA VAL A 62 3.70 -10.70 -11.86
C VAL A 62 2.54 -11.20 -12.71
N ALA A 63 1.40 -11.43 -12.06
CA ALA A 63 0.21 -11.90 -12.75
C ALA A 63 -0.27 -10.88 -13.76
N THR A 64 -0.17 -9.60 -13.40
CA THR A 64 -0.61 -8.51 -14.27
C THR A 64 0.20 -8.49 -15.56
N LEU A 65 1.52 -8.61 -15.43
CA LEU A 65 2.41 -8.60 -16.58
C LEU A 65 1.90 -9.55 -17.66
N GLU A 66 1.56 -10.77 -17.27
CA GLU A 66 1.06 -11.77 -18.20
C GLU A 66 0.16 -11.13 -19.25
N SER A 67 -0.72 -10.24 -18.79
CA SER A 67 -1.66 -9.56 -19.69
C SER A 67 -0.97 -8.40 -20.40
N GLY A 68 -1.54 -7.99 -21.53
CA GLY A 68 -0.98 -6.89 -22.29
C GLY A 68 -0.53 -5.75 -21.40
N PRO A 69 0.71 -5.29 -21.61
CA PRO A 69 1.29 -4.19 -20.82
C PRO A 69 0.64 -2.84 -21.14
N SER A 70 0.40 -2.05 -20.11
CA SER A 70 -0.22 -0.74 -20.28
C SER A 70 0.73 0.37 -19.86
N SER A 71 0.95 1.33 -20.75
CA SER A 71 1.84 2.45 -20.47
C SER A 71 1.34 3.27 -19.30
N GLY A 72 0.09 3.73 -19.39
CA GLY A 72 -0.50 4.52 -18.33
C GLY A 72 0.29 5.79 -18.05
N GLY A 1 5.11 24.26 8.12
CA GLY A 1 4.10 23.39 8.68
C GLY A 1 4.00 23.50 10.19
N SER A 2 3.40 24.59 10.66
CA SER A 2 3.25 24.81 12.10
C SER A 2 2.55 23.63 12.77
N SER A 3 1.43 23.21 12.19
CA SER A 3 0.66 22.09 12.74
C SER A 3 1.18 20.77 12.20
N GLY A 4 0.63 19.67 12.70
CA GLY A 4 1.05 18.36 12.26
C GLY A 4 0.24 17.24 12.91
N SER A 5 -0.26 16.33 12.08
CA SER A 5 -1.06 15.22 12.58
C SER A 5 -0.93 14.01 11.67
N SER A 6 -0.27 12.96 12.17
CA SER A 6 -0.06 11.74 11.40
C SER A 6 -1.39 11.09 11.04
N GLY A 7 -1.78 11.21 9.77
CA GLY A 7 -3.03 10.63 9.32
C GLY A 7 -2.82 9.38 8.50
N CYS A 8 -3.88 8.58 8.36
CA CYS A 8 -3.81 7.35 7.59
C CYS A 8 -4.47 7.51 6.22
N GLY A 9 -3.65 7.51 5.17
CA GLY A 9 -4.18 7.66 3.83
C GLY A 9 -5.21 6.60 3.48
N GLY A 10 -5.10 5.44 4.11
CA GLY A 10 -6.03 4.35 3.85
C GLY A 10 -7.41 4.64 4.40
N CYS A 11 -7.55 4.54 5.73
CA CYS A 11 -8.82 4.78 6.38
C CYS A 11 -8.99 6.27 6.72
N GLY A 12 -7.95 6.85 7.31
CA GLY A 12 -8.01 8.25 7.67
C GLY A 12 -7.61 8.50 9.11
N GLU A 13 -7.93 7.54 9.97
CA GLU A 13 -7.60 7.65 11.40
C GLU A 13 -6.12 7.96 11.59
N ASP A 14 -5.80 8.58 12.72
CA ASP A 14 -4.42 8.94 13.04
C ASP A 14 -3.55 7.69 13.16
N VAL A 15 -2.36 7.74 12.59
CA VAL A 15 -1.43 6.61 12.64
C VAL A 15 -0.42 6.79 13.76
N VAL A 16 -0.64 6.08 14.87
CA VAL A 16 0.26 6.16 16.01
C VAL A 16 1.45 5.21 15.85
N GLY A 17 2.38 5.26 16.79
CA GLY A 17 3.55 4.41 16.74
C GLY A 17 3.35 3.10 17.47
N ASP A 18 4.24 2.80 18.41
CA ASP A 18 4.15 1.57 19.17
C ASP A 18 4.09 0.36 18.25
N GLY A 19 4.91 0.36 17.20
CA GLY A 19 4.92 -0.74 16.26
C GLY A 19 3.85 -0.61 15.20
N ALA A 20 3.66 0.61 14.71
CA ALA A 20 2.66 0.87 13.67
C ALA A 20 3.12 1.98 12.73
N GLY A 21 2.34 2.21 11.67
CA GLY A 21 2.68 3.24 10.72
C GLY A 21 3.60 2.74 9.62
N VAL A 22 3.10 2.77 8.39
CA VAL A 22 3.87 2.30 7.24
C VAL A 22 3.96 3.38 6.16
N VAL A 23 5.13 4.00 6.06
CA VAL A 23 5.36 5.06 5.08
C VAL A 23 5.59 4.47 3.69
N ALA A 24 4.70 4.81 2.75
CA ALA A 24 4.82 4.32 1.38
C ALA A 24 4.18 5.29 0.39
N LEU A 25 4.94 5.69 -0.61
CA LEU A 25 4.45 6.62 -1.63
C LEU A 25 4.15 7.98 -1.02
N ASP A 26 5.02 8.42 -0.12
CA ASP A 26 4.86 9.72 0.54
C ASP A 26 3.55 9.77 1.31
N ARG A 27 3.12 8.62 1.83
CA ARG A 27 1.87 8.55 2.58
C ARG A 27 2.03 7.64 3.80
N VAL A 28 0.99 7.56 4.61
CA VAL A 28 1.00 6.72 5.81
C VAL A 28 -0.23 5.84 5.87
N PHE A 29 0.00 4.53 5.99
CA PHE A 29 -1.10 3.57 6.07
C PHE A 29 -0.88 2.59 7.22
N HIS A 30 -1.95 2.28 7.95
CA HIS A 30 -1.87 1.37 9.08
C HIS A 30 -1.36 0.00 8.63
N VAL A 31 -0.50 -0.60 9.44
CA VAL A 31 0.07 -1.91 9.13
C VAL A 31 -0.96 -2.81 8.47
N GLY A 32 -2.21 -2.67 8.88
CA GLY A 32 -3.28 -3.49 8.33
C GLY A 32 -3.82 -2.91 7.03
N CYS A 33 -4.11 -1.61 7.03
CA CYS A 33 -4.64 -0.95 5.86
C CYS A 33 -3.74 -1.19 4.65
N PHE A 34 -2.45 -0.88 4.80
CA PHE A 34 -1.49 -1.06 3.71
C PHE A 34 -1.56 -2.49 3.16
N VAL A 35 -2.19 -2.63 2.00
CA VAL A 35 -2.33 -3.94 1.37
C VAL A 35 -2.42 -3.81 -0.15
N CYS A 36 -2.26 -4.93 -0.85
CA CYS A 36 -2.32 -4.94 -2.30
C CYS A 36 -3.60 -4.26 -2.79
N SER A 37 -3.63 -3.97 -4.09
CA SER A 37 -4.80 -3.32 -4.69
C SER A 37 -5.73 -4.35 -5.33
N THR A 38 -5.17 -5.50 -5.68
CA THR A 38 -5.94 -6.56 -6.31
C THR A 38 -6.35 -7.62 -5.28
N CYS A 39 -5.39 -8.38 -4.79
CA CYS A 39 -5.65 -9.42 -3.80
C CYS A 39 -5.80 -8.83 -2.41
N ARG A 40 -5.37 -7.57 -2.26
CA ARG A 40 -5.46 -6.88 -0.98
C ARG A 40 -4.77 -7.70 0.12
N ALA A 41 -3.58 -8.19 -0.18
CA ALA A 41 -2.82 -8.98 0.79
C ALA A 41 -2.05 -8.09 1.75
N GLN A 42 -1.73 -8.62 2.92
CA GLN A 42 -0.98 -7.87 3.93
C GLN A 42 0.42 -7.55 3.44
N LEU A 43 0.70 -6.27 3.23
CA LEU A 43 2.01 -5.84 2.76
C LEU A 43 2.76 -5.09 3.86
N ARG A 44 2.31 -5.26 5.10
CA ARG A 44 2.93 -4.60 6.24
C ARG A 44 4.45 -4.60 6.10
N GLY A 45 5.05 -5.78 6.17
CA GLY A 45 6.49 -5.90 6.04
C GLY A 45 6.91 -6.90 4.97
N GLN A 46 6.93 -6.44 3.72
CA GLN A 46 7.30 -7.30 2.61
C GLN A 46 7.53 -6.48 1.34
N HIS A 47 7.97 -7.15 0.28
CA HIS A 47 8.23 -6.49 -0.99
C HIS A 47 6.93 -6.30 -1.78
N PHE A 48 6.80 -5.14 -2.43
CA PHE A 48 5.62 -4.84 -3.21
C PHE A 48 5.94 -3.84 -4.32
N TYR A 49 4.93 -3.53 -5.14
CA TYR A 49 5.12 -2.60 -6.25
C TYR A 49 4.25 -1.36 -6.06
N ALA A 50 4.48 -0.36 -6.89
CA ALA A 50 3.71 0.88 -6.83
C ALA A 50 3.28 1.35 -8.21
N VAL A 51 1.99 1.28 -8.48
CA VAL A 51 1.45 1.70 -9.77
C VAL A 51 0.22 2.57 -9.59
N GLU A 52 0.29 3.81 -10.10
CA GLU A 52 -0.82 4.75 -10.00
C GLU A 52 -1.20 4.99 -8.54
N ARG A 53 -0.18 5.13 -7.69
CA ARG A 53 -0.40 5.36 -6.27
C ARG A 53 -1.09 4.17 -5.62
N ARG A 54 -0.80 2.98 -6.13
CA ARG A 54 -1.40 1.75 -5.60
C ARG A 54 -0.32 0.79 -5.11
N ALA A 55 -0.75 -0.35 -4.57
CA ALA A 55 0.18 -1.35 -4.07
C ALA A 55 -0.10 -2.72 -4.68
N TYR A 56 0.89 -3.29 -5.34
CA TYR A 56 0.74 -4.60 -5.98
C TYR A 56 1.82 -5.56 -5.50
N CYS A 57 1.40 -6.68 -4.93
CA CYS A 57 2.33 -7.68 -4.44
C CYS A 57 3.04 -8.39 -5.58
N GLU A 58 4.31 -8.73 -5.37
CA GLU A 58 5.10 -9.41 -6.39
C GLU A 58 4.22 -10.34 -7.24
N GLY A 59 3.47 -11.19 -6.57
CA GLY A 59 2.60 -12.12 -7.27
C GLY A 59 1.67 -11.42 -8.23
N CYS A 60 0.82 -10.55 -7.71
CA CYS A 60 -0.13 -9.81 -8.53
C CYS A 60 0.59 -9.09 -9.67
N TYR A 61 1.54 -8.24 -9.31
CA TYR A 61 2.31 -7.47 -10.29
C TYR A 61 2.72 -8.35 -11.46
N VAL A 62 3.17 -9.56 -11.15
CA VAL A 62 3.60 -10.50 -12.18
C VAL A 62 2.40 -11.10 -12.91
N ALA A 63 1.34 -11.38 -12.17
CA ALA A 63 0.13 -11.94 -12.75
C ALA A 63 -0.48 -11.00 -13.77
N THR A 64 -0.48 -9.71 -13.45
CA THR A 64 -1.04 -8.70 -14.34
C THR A 64 -0.34 -8.71 -15.70
N LEU A 65 0.96 -8.98 -15.67
CA LEU A 65 1.75 -9.03 -16.90
C LEU A 65 1.34 -10.21 -17.78
N GLU A 66 1.18 -11.37 -17.16
CA GLU A 66 0.77 -12.56 -17.88
C GLU A 66 -0.45 -12.29 -18.76
N SER A 67 -1.51 -11.79 -18.14
CA SER A 67 -2.74 -11.49 -18.86
C SER A 67 -2.75 -10.03 -19.32
N GLY A 68 -2.92 -9.85 -20.63
CA GLY A 68 -2.95 -8.50 -21.18
C GLY A 68 -4.33 -7.86 -21.07
N PRO A 69 -4.44 -6.62 -21.57
CA PRO A 69 -5.71 -5.87 -21.53
C PRO A 69 -6.74 -6.45 -22.49
N SER A 70 -8.01 -6.34 -22.13
CA SER A 70 -9.11 -6.86 -22.95
C SER A 70 -9.76 -5.73 -23.74
N SER A 71 -9.82 -5.90 -25.06
CA SER A 71 -10.42 -4.90 -25.94
C SER A 71 -9.71 -3.56 -25.79
N GLY A 72 -8.38 -3.60 -25.71
CA GLY A 72 -7.61 -2.38 -25.57
C GLY A 72 -8.01 -1.58 -24.34
N GLY A 1 -2.72 17.00 19.81
CA GLY A 1 -2.36 17.03 18.40
C GLY A 1 -1.24 18.00 18.10
N SER A 2 -0.07 17.76 18.68
CA SER A 2 1.08 18.63 18.47
C SER A 2 2.26 17.84 17.91
N SER A 3 2.72 18.24 16.72
CA SER A 3 3.84 17.57 16.08
C SER A 3 3.52 16.10 15.82
N GLY A 4 2.30 15.84 15.35
CA GLY A 4 1.90 14.47 15.07
C GLY A 4 0.84 14.40 13.99
N SER A 5 -0.29 13.78 14.32
CA SER A 5 -1.39 13.65 13.36
C SER A 5 -0.94 12.88 12.13
N SER A 6 -0.21 11.79 12.35
CA SER A 6 0.29 10.96 11.25
C SER A 6 -0.81 10.67 10.25
N GLY A 7 -1.99 10.32 10.76
CA GLY A 7 -3.11 10.02 9.89
C GLY A 7 -2.84 8.83 8.98
N CYS A 8 -3.89 8.09 8.63
CA CYS A 8 -3.76 6.93 7.76
C CYS A 8 -4.43 7.19 6.42
N GLY A 9 -3.61 7.29 5.37
CA GLY A 9 -4.14 7.53 4.04
C GLY A 9 -5.22 6.54 3.66
N GLY A 10 -5.18 5.36 4.26
CA GLY A 10 -6.17 4.34 3.96
C GLY A 10 -7.54 4.67 4.54
N CYS A 11 -7.64 4.68 5.86
CA CYS A 11 -8.89 4.99 6.53
C CYS A 11 -8.96 6.45 6.92
N GLY A 12 -7.88 6.96 7.52
CA GLY A 12 -7.84 8.34 7.94
C GLY A 12 -7.39 8.50 9.39
N GLU A 13 -7.62 7.46 10.19
CA GLU A 13 -7.25 7.49 11.60
C GLU A 13 -5.73 7.65 11.75
N ASP A 14 -5.33 8.21 12.88
CA ASP A 14 -3.91 8.43 13.16
C ASP A 14 -3.18 7.10 13.30
N VAL A 15 -1.98 7.02 12.73
CA VAL A 15 -1.18 5.81 12.79
C VAL A 15 -0.05 5.95 13.80
N VAL A 16 -0.22 5.35 14.98
CA VAL A 16 0.78 5.40 16.03
C VAL A 16 0.69 4.20 16.94
N GLY A 17 1.85 3.68 17.36
CA GLY A 17 1.87 2.52 18.24
C GLY A 17 3.25 2.28 18.83
N ASP A 18 3.90 3.34 19.29
CA ASP A 18 5.23 3.23 19.87
C ASP A 18 6.22 2.63 18.87
N GLY A 19 6.14 3.09 17.62
CA GLY A 19 7.03 2.60 16.59
C GLY A 19 6.31 1.70 15.59
N ALA A 20 5.11 2.10 15.19
CA ALA A 20 4.33 1.34 14.23
C ALA A 20 3.67 2.25 13.20
N GLY A 21 3.98 2.00 11.92
CA GLY A 21 3.42 2.82 10.86
C GLY A 21 4.02 2.49 9.50
N VAL A 22 3.22 1.90 8.63
CA VAL A 22 3.69 1.54 7.29
C VAL A 22 3.40 2.65 6.30
N VAL A 23 4.46 3.28 5.79
CA VAL A 23 4.32 4.36 4.82
C VAL A 23 4.58 3.87 3.41
N ALA A 24 3.91 4.49 2.44
CA ALA A 24 4.07 4.10 1.04
C ALA A 24 3.70 5.27 0.11
N LEU A 25 4.55 5.54 -0.86
CA LEU A 25 4.31 6.61 -1.81
C LEU A 25 4.17 7.95 -1.09
N ASP A 26 5.01 8.17 -0.08
CA ASP A 26 4.98 9.41 0.69
C ASP A 26 3.66 9.55 1.44
N ARG A 27 3.14 8.42 1.93
CA ARG A 27 1.89 8.41 2.67
C ARG A 27 1.97 7.46 3.85
N VAL A 28 0.95 7.51 4.72
CA VAL A 28 0.91 6.65 5.90
C VAL A 28 -0.24 5.65 5.80
N PHE A 29 0.02 4.42 6.22
CA PHE A 29 -0.99 3.37 6.19
C PHE A 29 -0.85 2.43 7.37
N HIS A 30 -1.97 1.91 7.87
CA HIS A 30 -1.97 1.00 9.00
C HIS A 30 -1.52 -0.39 8.58
N VAL A 31 -0.83 -1.09 9.48
CA VAL A 31 -0.34 -2.44 9.19
C VAL A 31 -1.43 -3.29 8.56
N GLY A 32 -2.69 -2.89 8.75
CA GLY A 32 -3.80 -3.62 8.19
C GLY A 32 -4.40 -2.94 6.97
N CYS A 33 -4.46 -1.61 7.02
CA CYS A 33 -5.02 -0.83 5.92
C CYS A 33 -4.19 -1.03 4.65
N PHE A 34 -2.87 -0.93 4.79
CA PHE A 34 -1.97 -1.08 3.65
C PHE A 34 -2.07 -2.49 3.07
N VAL A 35 -2.78 -2.63 1.96
CA VAL A 35 -2.95 -3.92 1.30
C VAL A 35 -2.91 -3.77 -0.22
N CYS A 36 -2.78 -4.90 -0.91
CA CYS A 36 -2.73 -4.90 -2.36
C CYS A 36 -3.99 -4.26 -2.95
N SER A 37 -3.97 -4.00 -4.25
CA SER A 37 -5.10 -3.39 -4.93
C SER A 37 -5.98 -4.45 -5.58
N THR A 38 -5.36 -5.58 -5.93
CA THR A 38 -6.09 -6.68 -6.56
C THR A 38 -6.49 -7.74 -5.54
N CYS A 39 -5.50 -8.45 -5.01
CA CYS A 39 -5.75 -9.49 -4.03
C CYS A 39 -6.01 -8.88 -2.65
N ARG A 40 -5.70 -7.60 -2.50
CA ARG A 40 -5.91 -6.91 -1.25
C ARG A 40 -5.24 -7.65 -0.10
N ALA A 41 -4.02 -8.14 -0.33
CA ALA A 41 -3.27 -8.87 0.68
C ALA A 41 -2.59 -7.93 1.65
N GLN A 42 -2.17 -8.46 2.79
CA GLN A 42 -1.49 -7.65 3.80
C GLN A 42 -0.06 -7.33 3.38
N LEU A 43 0.21 -6.05 3.16
CA LEU A 43 1.54 -5.61 2.76
C LEU A 43 2.24 -4.87 3.89
N ARG A 44 1.74 -5.05 5.11
CA ARG A 44 2.33 -4.40 6.27
C ARG A 44 3.84 -4.38 6.19
N GLY A 45 4.42 -5.51 5.81
CA GLY A 45 5.87 -5.60 5.69
C GLY A 45 6.31 -6.60 4.64
N GLN A 46 6.46 -6.14 3.41
CA GLN A 46 6.87 -7.01 2.31
C GLN A 46 7.25 -6.20 1.08
N HIS A 47 7.72 -6.88 0.04
CA HIS A 47 8.12 -6.22 -1.19
C HIS A 47 6.92 -6.06 -2.13
N PHE A 48 6.49 -4.83 -2.33
CA PHE A 48 5.35 -4.55 -3.20
C PHE A 48 5.79 -3.72 -4.41
N TYR A 49 4.84 -3.43 -5.29
CA TYR A 49 5.12 -2.65 -6.49
C TYR A 49 4.21 -1.42 -6.57
N ALA A 50 4.74 -0.34 -7.14
CA ALA A 50 3.98 0.89 -7.28
C ALA A 50 3.64 1.16 -8.74
N VAL A 51 2.35 1.19 -9.05
CA VAL A 51 1.89 1.44 -10.42
C VAL A 51 0.61 2.27 -10.42
N GLU A 52 0.70 3.48 -10.96
CA GLU A 52 -0.45 4.36 -11.03
C GLU A 52 -0.90 4.78 -9.63
N ARG A 53 0.06 5.01 -8.74
CA ARG A 53 -0.25 5.40 -7.37
C ARG A 53 -0.98 4.28 -6.64
N ARG A 54 -0.56 3.04 -6.89
CA ARG A 54 -1.18 1.89 -6.25
C ARG A 54 -0.12 0.96 -5.66
N ALA A 55 -0.57 -0.10 -5.00
CA ALA A 55 0.34 -1.06 -4.40
C ALA A 55 -0.01 -2.49 -4.82
N TYR A 56 0.91 -3.13 -5.53
CA TYR A 56 0.70 -4.50 -6.00
C TYR A 56 1.77 -5.43 -5.45
N CYS A 57 1.33 -6.50 -4.80
CA CYS A 57 2.26 -7.48 -4.23
C CYS A 57 3.02 -8.22 -5.33
N GLU A 58 4.26 -8.59 -5.04
CA GLU A 58 5.09 -9.31 -6.00
C GLU A 58 4.24 -10.25 -6.86
N GLY A 59 3.36 -11.00 -6.20
CA GLY A 59 2.51 -11.94 -6.91
C GLY A 59 1.66 -11.26 -7.96
N CYS A 60 0.68 -10.47 -7.52
CA CYS A 60 -0.21 -9.76 -8.43
C CYS A 60 0.60 -9.00 -9.49
N TYR A 61 1.56 -8.21 -9.04
CA TYR A 61 2.40 -7.43 -9.94
C TYR A 61 2.85 -8.27 -11.13
N VAL A 62 3.25 -9.51 -10.84
CA VAL A 62 3.71 -10.43 -11.87
C VAL A 62 2.55 -10.98 -12.69
N ALA A 63 1.47 -11.33 -12.00
CA ALA A 63 0.29 -11.87 -12.66
C ALA A 63 -0.20 -10.92 -13.76
N THR A 64 -0.25 -9.63 -13.43
CA THR A 64 -0.71 -8.63 -14.38
C THR A 64 0.10 -8.67 -15.67
N LEU A 65 1.42 -8.73 -15.52
CA LEU A 65 2.32 -8.78 -16.67
C LEU A 65 2.10 -10.06 -17.47
N GLU A 66 2.01 -11.19 -16.77
CA GLU A 66 1.80 -12.48 -17.41
C GLU A 66 0.86 -12.34 -18.61
N SER A 67 -0.24 -11.62 -18.42
CA SER A 67 -1.21 -11.41 -19.48
C SER A 67 -1.14 -10.00 -20.02
N GLY A 68 -1.28 -9.87 -21.34
CA GLY A 68 -1.22 -8.56 -21.97
C GLY A 68 -0.90 -8.65 -23.44
N PRO A 69 -1.51 -7.76 -24.24
CA PRO A 69 -1.30 -7.71 -25.69
C PRO A 69 0.10 -7.22 -26.06
N SER A 70 0.94 -7.04 -25.05
CA SER A 70 2.30 -6.57 -25.27
C SER A 70 3.02 -7.43 -26.30
N SER A 71 3.90 -6.81 -27.07
CA SER A 71 4.65 -7.53 -28.10
C SER A 71 5.97 -8.06 -27.55
N GLY A 72 6.68 -7.20 -26.81
CA GLY A 72 7.95 -7.59 -26.24
C GLY A 72 8.75 -6.41 -25.73
N GLY A 1 -1.69 18.64 19.19
CA GLY A 1 -2.81 19.06 18.38
C GLY A 1 -3.93 18.04 18.38
N SER A 2 -5.17 18.53 18.31
CA SER A 2 -6.34 17.65 18.31
C SER A 2 -6.48 16.93 16.97
N SER A 3 -6.46 17.70 15.88
CA SER A 3 -6.59 17.13 14.54
C SER A 3 -5.35 16.32 14.17
N GLY A 4 -5.56 15.06 13.83
CA GLY A 4 -4.46 14.19 13.46
C GLY A 4 -3.66 14.74 12.29
N SER A 5 -2.36 14.94 12.49
CA SER A 5 -1.50 15.47 11.45
C SER A 5 -1.07 14.36 10.49
N SER A 6 -0.57 13.26 11.05
CA SER A 6 -0.13 12.14 10.24
C SER A 6 -1.32 11.35 9.69
N GLY A 7 -2.27 11.04 10.57
CA GLY A 7 -3.45 10.31 10.16
C GLY A 7 -3.11 9.10 9.31
N CYS A 8 -4.14 8.43 8.79
CA CYS A 8 -3.93 7.26 7.95
C CYS A 8 -4.47 7.50 6.54
N GLY A 9 -3.56 7.56 5.57
CA GLY A 9 -3.95 7.79 4.20
C GLY A 9 -4.91 6.73 3.69
N GLY A 10 -4.86 5.54 4.29
CA GLY A 10 -5.73 4.46 3.88
C GLY A 10 -7.18 4.70 4.25
N CYS A 11 -7.48 4.59 5.55
CA CYS A 11 -8.83 4.80 6.04
C CYS A 11 -9.01 6.22 6.57
N GLY A 12 -8.06 6.67 7.39
CA GLY A 12 -8.13 8.01 7.94
C GLY A 12 -7.84 8.02 9.43
N GLU A 13 -8.06 6.88 10.09
CA GLU A 13 -7.83 6.78 11.52
C GLU A 13 -6.42 7.26 11.89
N ASP A 14 -6.26 7.71 13.12
CA ASP A 14 -4.97 8.20 13.60
C ASP A 14 -3.91 7.11 13.52
N VAL A 15 -2.76 7.45 12.95
CA VAL A 15 -1.66 6.49 12.82
C VAL A 15 -0.61 6.70 13.90
N VAL A 16 -0.63 5.85 14.92
CA VAL A 16 0.31 5.94 16.02
C VAL A 16 1.63 5.27 15.66
N GLY A 17 2.60 5.34 16.58
CA GLY A 17 3.90 4.73 16.34
C GLY A 17 3.98 3.31 16.85
N ASP A 18 5.16 2.93 17.33
CA ASP A 18 5.37 1.59 17.86
C ASP A 18 5.09 0.53 16.79
N GLY A 19 5.55 0.80 15.57
CA GLY A 19 5.34 -0.13 14.48
C GLY A 19 3.91 -0.15 13.99
N ALA A 20 3.23 0.98 14.14
CA ALA A 20 1.84 1.08 13.71
C ALA A 20 1.68 2.11 12.60
N GLY A 21 2.79 2.51 11.99
CA GLY A 21 2.75 3.49 10.92
C GLY A 21 3.59 3.08 9.73
N VAL A 22 2.94 2.49 8.74
CA VAL A 22 3.62 2.05 7.52
C VAL A 22 3.41 3.03 6.38
N VAL A 23 4.46 3.78 6.05
CA VAL A 23 4.39 4.76 4.98
C VAL A 23 4.65 4.11 3.61
N ALA A 24 3.99 4.62 2.58
CA ALA A 24 4.16 4.09 1.24
C ALA A 24 3.80 5.14 0.18
N LEU A 25 4.77 5.49 -0.65
CA LEU A 25 4.56 6.48 -1.70
C LEU A 25 4.34 7.86 -1.11
N ASP A 26 5.14 8.21 -0.10
CA ASP A 26 5.03 9.50 0.56
C ASP A 26 3.69 9.64 1.26
N ARG A 27 3.21 8.55 1.83
CA ARG A 27 1.93 8.55 2.54
C ARG A 27 2.02 7.71 3.82
N VAL A 28 0.92 7.68 4.57
CA VAL A 28 0.86 6.91 5.80
C VAL A 28 -0.28 5.90 5.78
N PHE A 29 0.00 4.70 6.26
CA PHE A 29 -1.02 3.64 6.29
C PHE A 29 -0.83 2.75 7.52
N HIS A 30 -1.95 2.30 8.09
CA HIS A 30 -1.91 1.44 9.26
C HIS A 30 -1.39 0.06 8.91
N VAL A 31 -0.72 -0.57 9.87
CA VAL A 31 -0.17 -1.91 9.66
C VAL A 31 -1.17 -2.81 8.95
N GLY A 32 -2.46 -2.53 9.13
CA GLY A 32 -3.49 -3.32 8.49
C GLY A 32 -4.01 -2.68 7.22
N CYS A 33 -4.22 -1.37 7.27
CA CYS A 33 -4.72 -0.63 6.11
C CYS A 33 -3.87 -0.92 4.88
N PHE A 34 -2.57 -0.71 5.01
CA PHE A 34 -1.64 -0.94 3.91
C PHE A 34 -1.77 -2.35 3.37
N VAL A 35 -2.26 -2.48 2.14
CA VAL A 35 -2.44 -3.78 1.50
C VAL A 35 -2.51 -3.65 0.00
N CYS A 36 -2.45 -4.79 -0.69
CA CYS A 36 -2.53 -4.80 -2.15
C CYS A 36 -3.83 -4.18 -2.64
N SER A 37 -3.89 -3.88 -3.93
CA SER A 37 -5.07 -3.27 -4.53
C SER A 37 -5.96 -4.34 -5.18
N THR A 38 -5.35 -5.46 -5.53
CA THR A 38 -6.08 -6.56 -6.16
C THR A 38 -6.47 -7.62 -5.14
N CYS A 39 -5.47 -8.34 -4.63
CA CYS A 39 -5.70 -9.39 -3.65
C CYS A 39 -5.87 -8.79 -2.25
N ARG A 40 -5.49 -7.53 -2.10
CA ARG A 40 -5.59 -6.85 -0.82
C ARG A 40 -4.88 -7.63 0.27
N ALA A 41 -3.68 -8.11 -0.02
CA ALA A 41 -2.90 -8.87 0.93
C ALA A 41 -2.08 -7.96 1.85
N GLN A 42 -1.78 -8.44 3.04
CA GLN A 42 -1.02 -7.66 4.01
C GLN A 42 0.38 -7.36 3.48
N LEU A 43 0.65 -6.08 3.22
CA LEU A 43 1.95 -5.66 2.72
C LEU A 43 2.78 -4.99 3.81
N ARG A 44 2.39 -5.23 5.06
CA ARG A 44 3.10 -4.64 6.20
C ARG A 44 4.60 -4.87 6.08
N GLY A 45 4.99 -6.13 5.84
CA GLY A 45 6.40 -6.45 5.70
C GLY A 45 6.66 -7.44 4.59
N GLN A 46 6.78 -6.94 3.36
CA GLN A 46 7.04 -7.80 2.22
C GLN A 46 7.43 -6.96 0.99
N HIS A 47 7.74 -7.65 -0.11
CA HIS A 47 8.13 -6.96 -1.34
C HIS A 47 6.91 -6.67 -2.20
N PHE A 48 6.65 -5.39 -2.45
CA PHE A 48 5.52 -4.98 -3.27
C PHE A 48 5.96 -4.04 -4.39
N TYR A 49 5.02 -3.66 -5.24
CA TYR A 49 5.31 -2.77 -6.35
C TYR A 49 4.49 -1.48 -6.26
N ALA A 50 4.86 -0.48 -7.05
CA ALA A 50 4.16 0.79 -7.06
C ALA A 50 3.77 1.19 -8.48
N VAL A 51 2.46 1.15 -8.76
CA VAL A 51 1.96 1.51 -10.07
C VAL A 51 0.64 2.28 -9.97
N GLU A 52 0.61 3.46 -10.57
CA GLU A 52 -0.58 4.31 -10.55
C GLU A 52 -0.93 4.71 -9.12
N ARG A 53 0.09 4.96 -8.31
CA ARG A 53 -0.10 5.35 -6.92
C ARG A 53 -0.81 4.25 -6.14
N ARG A 54 -0.45 3.00 -6.44
CA ARG A 54 -1.06 1.86 -5.76
C ARG A 54 0.03 0.89 -5.28
N ALA A 55 -0.41 -0.17 -4.61
CA ALA A 55 0.52 -1.17 -4.09
C ALA A 55 0.14 -2.56 -4.57
N TYR A 56 1.02 -3.19 -5.34
CA TYR A 56 0.77 -4.53 -5.87
C TYR A 56 1.85 -5.50 -5.41
N CYS A 57 1.43 -6.53 -4.68
CA CYS A 57 2.37 -7.54 -4.17
C CYS A 57 3.05 -8.26 -5.32
N GLU A 58 4.31 -8.63 -5.11
CA GLU A 58 5.08 -9.34 -6.13
C GLU A 58 4.18 -10.27 -6.95
N GLY A 59 3.36 -11.05 -6.25
CA GLY A 59 2.47 -11.98 -6.92
C GLY A 59 1.57 -11.27 -7.93
N CYS A 60 0.65 -10.45 -7.43
CA CYS A 60 -0.27 -9.72 -8.30
C CYS A 60 0.49 -8.96 -9.38
N TYR A 61 1.48 -8.19 -8.98
CA TYR A 61 2.28 -7.41 -9.91
C TYR A 61 2.68 -8.25 -11.12
N VAL A 62 3.10 -9.49 -10.86
CA VAL A 62 3.51 -10.40 -11.92
C VAL A 62 2.31 -10.86 -12.74
N ALA A 63 1.21 -11.17 -12.06
CA ALA A 63 -0.01 -11.62 -12.72
C ALA A 63 -0.45 -10.62 -13.79
N THR A 64 -0.39 -9.34 -13.45
CA THR A 64 -0.79 -8.28 -14.38
C THR A 64 0.08 -8.28 -15.62
N LEU A 65 1.36 -8.61 -15.43
CA LEU A 65 2.31 -8.66 -16.54
C LEU A 65 1.95 -9.77 -17.52
N GLU A 66 1.75 -10.98 -17.00
CA GLU A 66 1.40 -12.12 -17.83
C GLU A 66 0.01 -11.96 -18.41
N SER A 67 -0.90 -11.38 -17.63
CA SER A 67 -2.27 -11.18 -18.07
C SER A 67 -2.41 -9.88 -18.87
N GLY A 68 -3.38 -9.84 -19.77
CA GLY A 68 -3.59 -8.65 -20.58
C GLY A 68 -2.57 -8.53 -21.70
N PRO A 69 -3.01 -7.96 -22.83
CA PRO A 69 -2.15 -7.77 -24.01
C PRO A 69 -1.08 -6.71 -23.77
N SER A 70 -0.98 -6.25 -22.54
CA SER A 70 0.01 -5.22 -22.18
C SER A 70 -0.33 -3.89 -22.84
N SER A 71 -1.61 -3.56 -22.87
CA SER A 71 -2.07 -2.31 -23.48
C SER A 71 -1.66 -1.12 -22.63
N GLY A 72 -1.97 -1.18 -21.33
CA GLY A 72 -1.62 -0.09 -20.44
C GLY A 72 -2.76 0.88 -20.24
N GLY A 1 -12.27 10.16 13.33
CA GLY A 1 -12.90 10.97 12.30
C GLY A 1 -11.93 11.94 11.65
N SER A 2 -11.94 13.17 12.12
CA SER A 2 -11.06 14.21 11.58
C SER A 2 -9.60 13.78 11.66
N SER A 3 -8.86 13.99 10.58
CA SER A 3 -7.45 13.63 10.54
C SER A 3 -6.57 14.77 11.03
N GLY A 4 -5.44 14.42 11.65
CA GLY A 4 -4.53 15.43 12.16
C GLY A 4 -3.13 15.26 11.63
N SER A 5 -2.14 15.54 12.47
CA SER A 5 -0.73 15.43 12.07
C SER A 5 -0.47 14.10 11.37
N SER A 6 -0.84 13.01 12.04
CA SER A 6 -0.64 11.67 11.49
C SER A 6 -1.98 11.01 11.17
N GLY A 7 -2.25 10.83 9.88
CA GLY A 7 -3.50 10.21 9.48
C GLY A 7 -3.28 8.93 8.70
N CYS A 8 -4.36 8.21 8.41
CA CYS A 8 -4.29 6.96 7.67
C CYS A 8 -4.89 7.11 6.28
N GLY A 9 -4.02 7.14 5.26
CA GLY A 9 -4.49 7.28 3.90
C GLY A 9 -5.52 6.23 3.51
N GLY A 10 -5.42 5.06 4.16
CA GLY A 10 -6.35 3.99 3.87
C GLY A 10 -7.76 4.28 4.36
N CYS A 11 -7.94 4.26 5.68
CA CYS A 11 -9.24 4.52 6.28
C CYS A 11 -9.38 6.00 6.64
N GLY A 12 -8.37 6.53 7.32
CA GLY A 12 -8.40 7.93 7.71
C GLY A 12 -8.02 8.13 9.17
N GLU A 13 -8.23 7.10 9.97
CA GLU A 13 -7.92 7.16 11.39
C GLU A 13 -6.47 7.60 11.62
N ASP A 14 -6.20 8.19 12.77
CA ASP A 14 -4.86 8.65 13.11
C ASP A 14 -3.89 7.48 13.20
N VAL A 15 -2.72 7.64 12.57
CA VAL A 15 -1.70 6.59 12.58
C VAL A 15 -0.55 6.97 13.50
N VAL A 16 -0.50 6.34 14.67
CA VAL A 16 0.56 6.61 15.64
C VAL A 16 0.98 5.33 16.36
N GLY A 17 2.29 5.16 16.52
CA GLY A 17 2.80 3.98 17.19
C GLY A 17 4.12 3.51 16.63
N ASP A 18 5.21 3.79 17.34
CA ASP A 18 6.54 3.39 16.91
C ASP A 18 6.58 1.90 16.56
N GLY A 19 6.56 1.60 15.27
CA GLY A 19 6.59 0.21 14.84
C GLY A 19 5.41 -0.15 13.96
N ALA A 20 4.25 0.44 14.27
CA ALA A 20 3.03 0.17 13.50
C ALA A 20 2.96 1.06 12.27
N GLY A 21 2.78 2.36 12.50
CA GLY A 21 2.68 3.31 11.40
C GLY A 21 3.57 2.91 10.24
N VAL A 22 2.96 2.79 9.06
CA VAL A 22 3.70 2.42 7.85
C VAL A 22 3.69 3.55 6.83
N VAL A 23 4.88 4.00 6.43
CA VAL A 23 5.00 5.08 5.46
C VAL A 23 5.30 4.53 4.07
N ALA A 24 4.42 4.83 3.12
CA ALA A 24 4.59 4.37 1.74
C ALA A 24 4.00 5.36 0.76
N LEU A 25 4.72 5.62 -0.33
CA LEU A 25 4.26 6.55 -1.36
C LEU A 25 3.94 7.91 -0.75
N ASP A 26 4.80 8.36 0.16
CA ASP A 26 4.61 9.65 0.82
C ASP A 26 3.29 9.70 1.56
N ARG A 27 2.86 8.54 2.07
CA ARG A 27 1.60 8.45 2.81
C ARG A 27 1.75 7.54 4.03
N VAL A 28 0.69 7.42 4.81
CA VAL A 28 0.69 6.58 6.00
C VAL A 28 -0.48 5.61 6.00
N PHE A 29 -0.20 4.35 6.29
CA PHE A 29 -1.24 3.33 6.34
C PHE A 29 -1.01 2.36 7.49
N HIS A 30 -2.08 2.03 8.20
CA HIS A 30 -1.99 1.11 9.33
C HIS A 30 -1.46 -0.26 8.89
N VAL A 31 -0.59 -0.84 9.69
CA VAL A 31 -0.02 -2.14 9.39
C VAL A 31 -1.05 -3.05 8.72
N GLY A 32 -2.31 -2.87 9.08
CA GLY A 32 -3.37 -3.68 8.51
C GLY A 32 -3.95 -3.08 7.25
N CYS A 33 -4.31 -1.79 7.32
CA CYS A 33 -4.87 -1.09 6.18
C CYS A 33 -3.98 -1.24 4.95
N PHE A 34 -2.67 -1.11 5.17
CA PHE A 34 -1.71 -1.23 4.08
C PHE A 34 -1.78 -2.60 3.43
N VAL A 35 -2.40 -2.67 2.26
CA VAL A 35 -2.53 -3.93 1.53
C VAL A 35 -2.55 -3.70 0.02
N CYS A 36 -2.42 -4.78 -0.74
CA CYS A 36 -2.41 -4.69 -2.20
C CYS A 36 -3.63 -3.93 -2.70
N SER A 37 -3.62 -3.55 -3.97
CA SER A 37 -4.73 -2.81 -4.56
C SER A 37 -5.67 -3.76 -5.31
N THR A 38 -5.13 -4.90 -5.74
CA THR A 38 -5.92 -5.89 -6.46
C THR A 38 -6.39 -7.01 -5.53
N CYS A 39 -5.45 -7.81 -5.06
CA CYS A 39 -5.77 -8.92 -4.17
C CYS A 39 -5.99 -8.41 -2.74
N ARG A 40 -5.57 -7.17 -2.49
CA ARG A 40 -5.71 -6.58 -1.17
C ARG A 40 -5.10 -7.46 -0.09
N ALA A 41 -3.91 -7.99 -0.38
CA ALA A 41 -3.21 -8.86 0.56
C ALA A 41 -2.39 -8.04 1.56
N GLN A 42 -2.16 -8.61 2.73
CA GLN A 42 -1.39 -7.93 3.77
C GLN A 42 0.05 -7.70 3.32
N LEU A 43 0.41 -6.44 3.13
CA LEU A 43 1.75 -6.08 2.69
C LEU A 43 2.64 -5.72 3.89
N ARG A 44 2.19 -6.10 5.08
CA ARG A 44 2.93 -5.81 6.30
C ARG A 44 4.29 -6.51 6.28
N GLY A 45 5.34 -5.74 6.54
CA GLY A 45 6.68 -6.30 6.54
C GLY A 45 6.93 -7.21 5.36
N GLN A 46 6.91 -6.64 4.15
CA GLN A 46 7.13 -7.41 2.94
C GLN A 46 7.36 -6.49 1.75
N HIS A 47 7.84 -7.06 0.64
CA HIS A 47 8.11 -6.30 -0.57
C HIS A 47 6.82 -6.08 -1.36
N PHE A 48 6.79 -5.00 -2.15
CA PHE A 48 5.62 -4.69 -2.95
C PHE A 48 6.00 -3.79 -4.13
N TYR A 49 5.05 -3.58 -5.03
CA TYR A 49 5.29 -2.74 -6.21
C TYR A 49 4.49 -1.45 -6.13
N ALA A 50 4.84 -0.49 -6.97
CA ALA A 50 4.16 0.80 -7.02
C ALA A 50 3.87 1.23 -8.44
N VAL A 51 2.58 1.28 -8.79
CA VAL A 51 2.17 1.68 -10.13
C VAL A 51 0.95 2.59 -10.08
N GLU A 52 1.11 3.82 -10.57
CA GLU A 52 0.02 4.78 -10.58
C GLU A 52 -0.40 5.15 -9.16
N ARG A 53 0.59 5.28 -8.28
CA ARG A 53 0.33 5.62 -6.88
C ARG A 53 -0.49 4.54 -6.19
N ARG A 54 -0.19 3.29 -6.51
CA ARG A 54 -0.90 2.15 -5.93
C ARG A 54 0.08 1.10 -5.41
N ALA A 55 -0.46 0.05 -4.81
CA ALA A 55 0.37 -1.02 -4.28
C ALA A 55 0.03 -2.37 -4.92
N TYR A 56 1.05 -3.09 -5.35
CA TYR A 56 0.86 -4.39 -5.97
C TYR A 56 1.89 -5.40 -5.49
N CYS A 57 1.41 -6.48 -4.88
CA CYS A 57 2.29 -7.52 -4.36
C CYS A 57 2.94 -8.30 -5.51
N GLU A 58 4.16 -8.77 -5.27
CA GLU A 58 4.89 -9.53 -6.29
C GLU A 58 3.93 -10.39 -7.11
N GLY A 59 3.12 -11.18 -6.43
CA GLY A 59 2.18 -12.04 -7.11
C GLY A 59 1.35 -11.29 -8.14
N CYS A 60 0.53 -10.35 -7.67
CA CYS A 60 -0.32 -9.56 -8.55
C CYS A 60 0.51 -8.91 -9.66
N TYR A 61 1.56 -8.20 -9.27
CA TYR A 61 2.43 -7.53 -10.24
C TYR A 61 2.79 -8.47 -11.39
N VAL A 62 3.15 -9.70 -11.05
CA VAL A 62 3.52 -10.69 -12.06
C VAL A 62 2.30 -11.15 -12.84
N ALA A 63 1.18 -11.31 -12.15
CA ALA A 63 -0.06 -11.75 -12.79
C ALA A 63 -0.49 -10.77 -13.88
N THR A 64 -0.33 -9.47 -13.60
CA THR A 64 -0.70 -8.45 -14.56
C THR A 64 0.06 -8.61 -15.87
N LEU A 65 1.31 -9.07 -15.78
CA LEU A 65 2.14 -9.27 -16.96
C LEU A 65 1.71 -10.52 -17.72
N GLU A 66 1.12 -11.47 -17.00
CA GLU A 66 0.66 -12.71 -17.60
C GLU A 66 -0.68 -12.51 -18.31
N SER A 67 -1.10 -11.26 -18.43
CA SER A 67 -2.36 -10.93 -19.09
C SER A 67 -2.12 -10.45 -20.52
N GLY A 68 -3.12 -10.63 -21.36
CA GLY A 68 -3.00 -10.21 -22.76
C GLY A 68 -2.65 -8.74 -22.88
N PRO A 69 -2.22 -8.34 -24.09
CA PRO A 69 -1.83 -6.95 -24.37
C PRO A 69 -3.03 -6.00 -24.36
N SER A 70 -4.17 -6.51 -23.90
CA SER A 70 -5.39 -5.70 -23.85
C SER A 70 -5.14 -4.38 -23.12
N SER A 71 -5.92 -3.36 -23.49
CA SER A 71 -5.78 -2.05 -22.88
C SER A 71 -5.54 -2.16 -21.37
N GLY A 72 -6.57 -2.63 -20.67
CA GLY A 72 -6.46 -2.78 -19.23
C GLY A 72 -7.08 -4.07 -18.73
N GLY A 1 4.90 16.86 11.02
CA GLY A 1 4.13 16.61 12.22
C GLY A 1 3.05 17.63 12.43
N SER A 2 3.44 18.86 12.74
CA SER A 2 2.49 19.95 12.98
C SER A 2 1.99 20.53 11.65
N SER A 3 2.92 21.03 10.85
CA SER A 3 2.58 21.62 9.56
C SER A 3 1.51 20.80 8.85
N GLY A 4 1.67 19.47 8.89
CA GLY A 4 0.71 18.60 8.25
C GLY A 4 0.01 17.69 9.23
N SER A 5 0.03 16.39 8.97
CA SER A 5 -0.62 15.42 9.84
C SER A 5 -0.15 14.00 9.51
N SER A 6 -0.31 13.10 10.47
CA SER A 6 0.11 11.71 10.29
C SER A 6 -1.11 10.81 10.02
N GLY A 7 -2.24 11.45 9.74
CA GLY A 7 -3.46 10.70 9.45
C GLY A 7 -3.20 9.50 8.57
N CYS A 8 -4.14 8.54 8.59
CA CYS A 8 -4.01 7.34 7.79
C CYS A 8 -4.64 7.53 6.41
N GLY A 9 -3.80 7.51 5.38
CA GLY A 9 -4.28 7.69 4.02
C GLY A 9 -5.38 6.71 3.67
N GLY A 10 -5.32 5.52 4.26
CA GLY A 10 -6.33 4.51 3.99
C GLY A 10 -7.68 4.87 4.57
N CYS A 11 -7.81 4.73 5.89
CA CYS A 11 -9.05 5.05 6.58
C CYS A 11 -9.14 6.53 6.92
N GLY A 12 -8.07 7.05 7.53
CA GLY A 12 -8.03 8.45 7.90
C GLY A 12 -7.57 8.65 9.33
N GLU A 13 -7.93 7.73 10.22
CA GLU A 13 -7.55 7.82 11.62
C GLU A 13 -6.04 8.00 11.75
N ASP A 14 -5.63 8.67 12.82
CA ASP A 14 -4.21 8.91 13.07
C ASP A 14 -3.45 7.60 13.19
N VAL A 15 -2.24 7.58 12.66
CA VAL A 15 -1.40 6.39 12.69
C VAL A 15 -0.28 6.54 13.72
N VAL A 16 -0.39 5.80 14.82
CA VAL A 16 0.62 5.85 15.88
C VAL A 16 0.64 4.55 16.67
N GLY A 17 1.65 3.73 16.45
CA GLY A 17 1.76 2.47 17.16
C GLY A 17 3.20 2.12 17.51
N ASP A 18 3.94 3.11 18.00
CA ASP A 18 5.33 2.91 18.37
C ASP A 18 6.12 2.30 17.22
N GLY A 19 5.86 2.78 16.01
CA GLY A 19 6.55 2.27 14.83
C GLY A 19 5.60 1.61 13.85
N ALA A 20 4.60 0.92 14.36
CA ALA A 20 3.62 0.24 13.51
C ALA A 20 3.37 1.02 12.23
N GLY A 21 3.18 2.32 12.38
CA GLY A 21 2.92 3.16 11.22
C GLY A 21 3.72 2.74 10.00
N VAL A 22 3.05 2.62 8.86
CA VAL A 22 3.71 2.21 7.62
C VAL A 22 3.76 3.36 6.62
N VAL A 23 4.98 3.75 6.24
CA VAL A 23 5.16 4.84 5.28
C VAL A 23 5.41 4.30 3.88
N ALA A 24 4.51 4.65 2.95
CA ALA A 24 4.63 4.20 1.58
C ALA A 24 4.06 5.24 0.61
N LEU A 25 4.76 5.46 -0.50
CA LEU A 25 4.32 6.43 -1.50
C LEU A 25 4.10 7.80 -0.87
N ASP A 26 5.00 8.18 0.03
CA ASP A 26 4.92 9.47 0.71
C ASP A 26 3.60 9.60 1.48
N ARG A 27 3.12 8.47 2.00
CA ARG A 27 1.87 8.44 2.75
C ARG A 27 1.99 7.53 3.97
N VAL A 28 0.93 7.49 4.77
CA VAL A 28 0.91 6.65 5.97
C VAL A 28 -0.33 5.77 6.01
N PHE A 29 -0.13 4.47 6.12
CA PHE A 29 -1.24 3.52 6.17
C PHE A 29 -1.04 2.50 7.29
N HIS A 30 -2.14 2.14 7.95
CA HIS A 30 -2.09 1.18 9.04
C HIS A 30 -1.62 -0.18 8.56
N VAL A 31 -0.79 -0.84 9.35
CA VAL A 31 -0.28 -2.16 9.00
C VAL A 31 -1.34 -3.00 8.29
N GLY A 32 -2.59 -2.85 8.73
CA GLY A 32 -3.67 -3.60 8.12
C GLY A 32 -4.18 -2.95 6.86
N CYS A 33 -4.44 -1.65 6.91
CA CYS A 33 -4.94 -0.90 5.76
C CYS A 33 -4.04 -1.11 4.55
N PHE A 34 -2.74 -0.92 4.74
CA PHE A 34 -1.76 -1.08 3.67
C PHE A 34 -1.82 -2.51 3.10
N VAL A 35 -2.39 -2.64 1.90
CA VAL A 35 -2.49 -3.94 1.26
C VAL A 35 -2.54 -3.79 -0.26
N CYS A 36 -2.48 -4.92 -0.96
CA CYS A 36 -2.52 -4.93 -2.41
C CYS A 36 -3.80 -4.27 -2.92
N SER A 37 -3.82 -3.96 -4.21
CA SER A 37 -4.99 -3.33 -4.82
C SER A 37 -5.89 -4.36 -5.48
N THR A 38 -5.31 -5.50 -5.85
CA THR A 38 -6.05 -6.57 -6.48
C THR A 38 -6.45 -7.65 -5.47
N CYS A 39 -5.45 -8.38 -4.98
CA CYS A 39 -5.69 -9.44 -4.00
C CYS A 39 -5.90 -8.85 -2.61
N ARG A 40 -5.51 -7.59 -2.44
CA ARG A 40 -5.65 -6.92 -1.15
C ARG A 40 -4.99 -7.73 -0.04
N ALA A 41 -3.77 -8.18 -0.29
CA ALA A 41 -3.03 -8.97 0.70
C ALA A 41 -2.21 -8.06 1.62
N GLN A 42 -1.96 -8.54 2.83
CA GLN A 42 -1.20 -7.77 3.81
C GLN A 42 0.22 -7.51 3.30
N LEU A 43 0.53 -6.25 3.05
CA LEU A 43 1.85 -5.86 2.57
C LEU A 43 2.71 -5.31 3.70
N ARG A 44 2.30 -5.60 4.93
CA ARG A 44 3.04 -5.13 6.11
C ARG A 44 4.30 -5.97 6.33
N GLY A 45 5.46 -5.32 6.25
CA GLY A 45 6.70 -6.03 6.45
C GLY A 45 7.00 -7.01 5.34
N GLN A 46 6.98 -6.53 4.10
CA GLN A 46 7.25 -7.38 2.94
C GLN A 46 7.45 -6.54 1.69
N HIS A 47 7.81 -7.20 0.59
CA HIS A 47 8.04 -6.51 -0.68
C HIS A 47 6.72 -6.23 -1.39
N PHE A 48 6.73 -5.24 -2.26
CA PHE A 48 5.52 -4.87 -3.00
C PHE A 48 5.87 -4.00 -4.21
N TYR A 49 4.86 -3.64 -4.99
CA TYR A 49 5.06 -2.81 -6.17
C TYR A 49 4.18 -1.56 -6.11
N ALA A 50 4.56 -0.55 -6.88
CA ALA A 50 3.80 0.69 -6.92
C ALA A 50 3.45 1.08 -8.36
N VAL A 51 2.15 1.05 -8.67
CA VAL A 51 1.69 1.39 -10.01
C VAL A 51 0.44 2.26 -9.94
N GLU A 52 0.55 3.49 -10.44
CA GLU A 52 -0.57 4.42 -10.45
C GLU A 52 -1.00 4.77 -9.03
N ARG A 53 -0.01 4.97 -8.15
CA ARG A 53 -0.28 5.30 -6.77
C ARG A 53 -1.03 4.17 -6.06
N ARG A 54 -0.65 2.94 -6.38
CA ARG A 54 -1.30 1.77 -5.78
C ARG A 54 -0.26 0.79 -5.25
N ALA A 55 -0.73 -0.28 -4.62
CA ALA A 55 0.16 -1.30 -4.07
C ALA A 55 -0.13 -2.67 -4.67
N TYR A 56 0.88 -3.27 -5.29
CA TYR A 56 0.73 -4.58 -5.91
C TYR A 56 1.80 -5.55 -5.41
N CYS A 57 1.36 -6.66 -4.82
CA CYS A 57 2.29 -7.67 -4.31
C CYS A 57 3.01 -8.37 -5.45
N GLU A 58 4.27 -8.73 -5.21
CA GLU A 58 5.08 -9.41 -6.22
C GLU A 58 4.21 -10.33 -7.07
N GLY A 59 3.43 -11.18 -6.41
CA GLY A 59 2.57 -12.10 -7.12
C GLY A 59 1.67 -11.40 -8.12
N CYS A 60 0.80 -10.53 -7.62
CA CYS A 60 -0.13 -9.79 -8.49
C CYS A 60 0.63 -9.05 -9.58
N TYR A 61 1.66 -8.30 -9.19
CA TYR A 61 2.46 -7.55 -10.14
C TYR A 61 2.84 -8.41 -11.34
N VAL A 62 3.29 -9.64 -11.07
CA VAL A 62 3.68 -10.56 -12.13
C VAL A 62 2.46 -11.05 -12.90
N ALA A 63 1.37 -11.30 -12.19
CA ALA A 63 0.14 -11.77 -12.80
C ALA A 63 -0.42 -10.74 -13.78
N THR A 64 -0.32 -9.47 -13.41
CA THR A 64 -0.82 -8.38 -14.25
C THR A 64 -0.08 -8.33 -15.58
N LEU A 65 1.22 -8.56 -15.53
CA LEU A 65 2.04 -8.54 -16.74
C LEU A 65 1.66 -9.68 -17.68
N GLU A 66 1.51 -10.88 -17.11
CA GLU A 66 1.14 -12.05 -17.89
C GLU A 66 0.19 -11.68 -19.02
N SER A 67 -0.74 -10.76 -18.74
CA SER A 67 -1.71 -10.31 -19.73
C SER A 67 -1.01 -9.57 -20.87
N GLY A 68 -1.32 -9.98 -22.09
CA GLY A 68 -0.72 -9.35 -23.26
C GLY A 68 0.30 -10.24 -23.94
N PRO A 69 0.11 -10.47 -25.24
CA PRO A 69 1.02 -11.32 -26.04
C PRO A 69 2.38 -10.66 -26.25
N SER A 70 2.60 -9.53 -25.59
CA SER A 70 3.86 -8.81 -25.69
C SER A 70 4.98 -9.54 -24.97
N SER A 71 4.68 -10.00 -23.75
CA SER A 71 5.66 -10.72 -22.95
C SER A 71 6.95 -9.92 -22.82
N GLY A 72 6.81 -8.62 -22.63
CA GLY A 72 7.98 -7.76 -22.49
C GLY A 72 8.13 -7.19 -21.10
N GLY A 1 -4.40 26.77 2.98
CA GLY A 1 -4.13 25.37 2.72
C GLY A 1 -2.78 24.95 3.25
N SER A 2 -2.77 24.17 4.33
CA SER A 2 -1.54 23.69 4.94
C SER A 2 -1.51 22.17 5.00
N SER A 3 -0.30 21.61 5.09
CA SER A 3 -0.14 20.18 5.16
C SER A 3 0.85 19.78 6.25
N GLY A 4 0.43 18.88 7.14
CA GLY A 4 1.29 18.45 8.21
C GLY A 4 0.61 17.45 9.13
N SER A 5 0.02 16.41 8.55
CA SER A 5 -0.67 15.39 9.32
C SER A 5 -0.23 13.99 8.89
N SER A 6 -0.30 13.05 9.82
CA SER A 6 0.08 11.67 9.55
C SER A 6 -1.14 10.80 9.27
N GLY A 7 -2.26 11.45 8.98
CA GLY A 7 -3.48 10.72 8.70
C GLY A 7 -3.25 9.49 7.84
N CYS A 8 -4.10 8.48 8.00
CA CYS A 8 -3.98 7.24 7.24
C CYS A 8 -4.63 7.38 5.87
N GLY A 9 -4.03 6.75 4.86
CA GLY A 9 -4.58 6.82 3.52
C GLY A 9 -5.60 5.73 3.25
N GLY A 10 -5.50 4.63 4.00
CA GLY A 10 -6.43 3.53 3.82
C GLY A 10 -7.77 3.80 4.46
N CYS A 11 -7.77 4.01 5.77
CA CYS A 11 -9.00 4.28 6.50
C CYS A 11 -9.22 5.78 6.68
N GLY A 12 -8.17 6.47 7.13
CA GLY A 12 -8.27 7.91 7.33
C GLY A 12 -7.84 8.33 8.72
N GLU A 13 -8.10 7.47 9.70
CA GLU A 13 -7.74 7.75 11.09
C GLU A 13 -6.26 8.09 11.20
N ASP A 14 -5.92 8.90 12.19
CA ASP A 14 -4.53 9.30 12.42
C ASP A 14 -3.65 8.07 12.66
N VAL A 15 -2.46 8.09 12.08
CA VAL A 15 -1.52 6.98 12.23
C VAL A 15 -0.51 7.27 13.33
N VAL A 16 -0.68 6.59 14.47
CA VAL A 16 0.21 6.77 15.60
C VAL A 16 0.29 5.50 16.44
N GLY A 17 1.50 5.16 16.87
CA GLY A 17 1.69 3.96 17.68
C GLY A 17 3.15 3.52 17.74
N ASP A 18 3.70 3.49 18.94
CA ASP A 18 5.10 3.09 19.12
C ASP A 18 5.36 1.73 18.47
N GLY A 19 5.99 1.76 17.30
CA GLY A 19 6.29 0.53 16.59
C GLY A 19 5.29 0.24 15.49
N ALA A 20 4.86 1.28 14.79
CA ALA A 20 3.89 1.13 13.71
C ALA A 20 3.97 2.30 12.74
N GLY A 21 3.20 2.22 11.66
CA GLY A 21 3.19 3.29 10.67
C GLY A 21 3.92 2.90 9.40
N VAL A 22 3.18 2.40 8.41
CA VAL A 22 3.75 2.00 7.15
C VAL A 22 3.73 3.13 6.13
N VAL A 23 4.90 3.67 5.81
CA VAL A 23 5.01 4.76 4.86
C VAL A 23 5.32 4.24 3.46
N ALA A 24 4.45 4.56 2.50
CA ALA A 24 4.64 4.13 1.13
C ALA A 24 3.92 5.06 0.16
N LEU A 25 4.59 5.43 -0.92
CA LEU A 25 4.02 6.31 -1.92
C LEU A 25 3.70 7.68 -1.32
N ASP A 26 4.62 8.19 -0.50
CA ASP A 26 4.43 9.49 0.13
C ASP A 26 3.15 9.51 0.96
N ARG A 27 2.79 8.36 1.52
CA ARG A 27 1.59 8.24 2.34
C ARG A 27 1.84 7.36 3.56
N VAL A 28 0.82 7.24 4.41
CA VAL A 28 0.94 6.42 5.61
C VAL A 28 -0.31 5.56 5.81
N PHE A 29 -0.10 4.26 5.94
CA PHE A 29 -1.20 3.32 6.14
C PHE A 29 -0.92 2.37 7.31
N HIS A 30 -1.94 2.15 8.13
CA HIS A 30 -1.80 1.26 9.28
C HIS A 30 -1.26 -0.10 8.86
N VAL A 31 -0.40 -0.68 9.70
CA VAL A 31 0.19 -1.98 9.41
C VAL A 31 -0.84 -2.92 8.79
N GLY A 32 -2.10 -2.71 9.13
CA GLY A 32 -3.17 -3.55 8.59
C GLY A 32 -3.75 -2.98 7.31
N CYS A 33 -4.08 -1.70 7.33
CA CYS A 33 -4.65 -1.03 6.16
C CYS A 33 -3.78 -1.25 4.92
N PHE A 34 -2.47 -1.18 5.11
CA PHE A 34 -1.53 -1.37 4.00
C PHE A 34 -1.69 -2.75 3.39
N VAL A 35 -2.30 -2.79 2.21
CA VAL A 35 -2.52 -4.05 1.51
C VAL A 35 -2.59 -3.83 0.00
N CYS A 36 -2.59 -4.94 -0.74
CA CYS A 36 -2.65 -4.87 -2.20
C CYS A 36 -3.92 -4.18 -2.67
N SER A 37 -3.99 -3.86 -3.96
CA SER A 37 -5.16 -3.21 -4.53
C SER A 37 -6.01 -4.19 -5.32
N THR A 38 -5.40 -5.30 -5.72
CA THR A 38 -6.09 -6.32 -6.49
C THR A 38 -6.58 -7.46 -5.60
N CYS A 39 -5.66 -8.05 -4.86
CA CYS A 39 -5.98 -9.15 -3.96
C CYS A 39 -6.16 -8.65 -2.53
N ARG A 40 -5.75 -7.41 -2.29
CA ARG A 40 -5.87 -6.81 -0.97
C ARG A 40 -5.22 -7.68 0.09
N ALA A 41 -4.00 -8.16 -0.22
CA ALA A 41 -3.27 -9.02 0.71
C ALA A 41 -2.34 -8.19 1.61
N GLN A 42 -2.04 -8.73 2.79
CA GLN A 42 -1.18 -8.04 3.73
C GLN A 42 0.22 -7.83 3.14
N LEU A 43 0.63 -6.56 3.05
CA LEU A 43 1.94 -6.22 2.50
C LEU A 43 2.88 -5.76 3.60
N ARG A 44 2.54 -6.09 4.85
CA ARG A 44 3.36 -5.71 5.99
C ARG A 44 4.58 -6.63 6.11
N GLY A 45 5.77 -6.02 6.12
CA GLY A 45 6.99 -6.80 6.23
C GLY A 45 7.24 -7.67 5.01
N GLN A 46 7.22 -7.05 3.83
CA GLN A 46 7.44 -7.78 2.59
C GLN A 46 7.67 -6.81 1.43
N HIS A 47 8.14 -7.34 0.31
CA HIS A 47 8.41 -6.54 -0.87
C HIS A 47 7.14 -6.35 -1.70
N PHE A 48 6.99 -5.16 -2.27
CA PHE A 48 5.81 -4.85 -3.09
C PHE A 48 6.17 -3.88 -4.20
N TYR A 49 5.22 -3.64 -5.10
CA TYR A 49 5.44 -2.74 -6.22
C TYR A 49 4.56 -1.50 -6.10
N ALA A 50 5.12 -0.34 -6.42
CA ALA A 50 4.40 0.92 -6.35
C ALA A 50 4.02 1.42 -7.73
N VAL A 51 2.72 1.38 -8.03
CA VAL A 51 2.22 1.82 -9.33
C VAL A 51 0.96 2.67 -9.17
N GLU A 52 0.82 3.68 -10.01
CA GLU A 52 -0.34 4.56 -9.97
C GLU A 52 -0.67 4.96 -8.53
N ARG A 53 0.37 5.15 -7.73
CA ARG A 53 0.20 5.54 -6.33
C ARG A 53 -0.54 4.44 -5.56
N ARG A 54 -0.28 3.19 -5.92
CA ARG A 54 -0.92 2.06 -5.26
C ARG A 54 0.11 1.01 -4.87
N ALA A 55 -0.35 -0.02 -4.16
CA ALA A 55 0.53 -1.10 -3.72
C ALA A 55 0.10 -2.43 -4.30
N TYR A 56 1.03 -3.11 -4.99
CA TYR A 56 0.74 -4.40 -5.60
C TYR A 56 1.77 -5.44 -5.17
N CYS A 57 1.28 -6.58 -4.69
CA CYS A 57 2.16 -7.66 -4.25
C CYS A 57 2.82 -8.34 -5.44
N GLU A 58 4.07 -8.75 -5.26
CA GLU A 58 4.82 -9.42 -6.31
C GLU A 58 3.90 -10.28 -7.17
N GLY A 59 3.17 -11.19 -6.52
CA GLY A 59 2.26 -12.06 -7.23
C GLY A 59 1.39 -11.32 -8.21
N CYS A 60 0.61 -10.37 -7.71
CA CYS A 60 -0.28 -9.57 -8.54
C CYS A 60 0.50 -8.84 -9.63
N TYR A 61 1.47 -8.03 -9.21
CA TYR A 61 2.28 -7.26 -10.14
C TYR A 61 2.68 -8.11 -11.34
N VAL A 62 3.03 -9.37 -11.08
CA VAL A 62 3.43 -10.29 -12.13
C VAL A 62 2.23 -10.79 -12.91
N ALA A 63 1.14 -11.08 -12.21
CA ALA A 63 -0.08 -11.56 -12.83
C ALA A 63 -0.61 -10.55 -13.86
N THR A 64 -0.53 -9.27 -13.51
CA THR A 64 -0.99 -8.21 -14.41
C THR A 64 -0.27 -8.27 -15.75
N LEU A 65 1.05 -8.36 -15.70
CA LEU A 65 1.86 -8.42 -16.92
C LEU A 65 1.33 -9.49 -17.88
N GLU A 66 1.10 -10.69 -17.35
CA GLU A 66 0.59 -11.79 -18.15
C GLU A 66 -0.53 -11.30 -19.09
N SER A 67 -1.41 -10.47 -18.56
CA SER A 67 -2.52 -9.95 -19.34
C SER A 67 -2.06 -8.79 -20.23
N GLY A 68 -2.78 -8.59 -21.33
CA GLY A 68 -2.43 -7.51 -22.26
C GLY A 68 -1.87 -6.30 -21.54
N PRO A 69 -0.97 -5.56 -22.22
CA PRO A 69 -0.36 -4.36 -21.67
C PRO A 69 -1.34 -3.20 -21.53
N SER A 70 -1.52 -2.74 -20.30
CA SER A 70 -2.45 -1.63 -20.03
C SER A 70 -1.69 -0.36 -19.67
N SER A 71 -2.22 0.78 -20.09
CA SER A 71 -1.59 2.07 -19.81
C SER A 71 -2.05 2.62 -18.46
N GLY A 72 -1.40 3.70 -18.03
CA GLY A 72 -1.76 4.31 -16.75
C GLY A 72 -1.08 3.63 -15.59
N GLY A 1 -12.46 16.84 7.68
CA GLY A 1 -13.09 15.85 8.54
C GLY A 1 -12.12 15.26 9.55
N SER A 2 -11.03 14.69 9.05
CA SER A 2 -10.03 14.08 9.92
C SER A 2 -9.09 15.14 10.48
N SER A 3 -8.95 15.15 11.80
CA SER A 3 -8.07 16.11 12.47
C SER A 3 -6.88 15.41 13.09
N GLY A 4 -5.68 15.93 12.81
CA GLY A 4 -4.46 15.35 13.35
C GLY A 4 -3.29 15.45 12.38
N SER A 5 -2.09 15.38 12.93
CA SER A 5 -0.88 15.47 12.11
C SER A 5 -0.66 14.19 11.32
N SER A 6 -0.67 13.06 12.02
CA SER A 6 -0.47 11.76 11.39
C SER A 6 -1.81 11.13 11.01
N GLY A 7 -2.05 11.01 9.71
CA GLY A 7 -3.28 10.43 9.23
C GLY A 7 -3.05 9.20 8.37
N CYS A 8 -4.06 8.34 8.30
CA CYS A 8 -3.96 7.11 7.50
C CYS A 8 -4.63 7.29 6.14
N GLY A 9 -3.86 7.09 5.07
CA GLY A 9 -4.40 7.24 3.74
C GLY A 9 -5.37 6.13 3.38
N GLY A 10 -5.27 5.02 4.11
CA GLY A 10 -6.15 3.89 3.84
C GLY A 10 -7.55 4.11 4.37
N CYS A 11 -7.68 4.14 5.69
CA CYS A 11 -8.98 4.35 6.33
C CYS A 11 -9.23 5.83 6.59
N GLY A 12 -8.23 6.50 7.14
CA GLY A 12 -8.36 7.92 7.44
C GLY A 12 -8.00 8.25 8.88
N GLU A 13 -8.27 7.31 9.77
CA GLU A 13 -7.99 7.51 11.20
C GLU A 13 -6.51 7.82 11.41
N ASP A 14 -6.22 8.59 12.45
CA ASP A 14 -4.85 8.97 12.77
C ASP A 14 -4.00 7.73 13.06
N VAL A 15 -2.70 7.84 12.83
CA VAL A 15 -1.78 6.74 13.06
C VAL A 15 -0.78 7.08 14.17
N VAL A 16 -0.87 6.36 15.28
CA VAL A 16 0.02 6.59 16.41
C VAL A 16 0.49 5.27 17.01
N GLY A 17 1.78 5.17 17.29
CA GLY A 17 2.33 3.96 17.86
C GLY A 17 3.83 3.82 17.63
N ASP A 18 4.60 3.94 18.70
CA ASP A 18 6.06 3.83 18.60
C ASP A 18 6.46 2.54 17.88
N GLY A 19 6.84 2.67 16.61
CA GLY A 19 7.23 1.52 15.84
C GLY A 19 6.24 1.18 14.73
N ALA A 20 4.96 1.37 15.03
CA ALA A 20 3.92 1.09 14.05
C ALA A 20 3.83 2.18 13.00
N GLY A 21 2.93 2.01 12.04
CA GLY A 21 2.77 3.00 10.99
C GLY A 21 3.61 2.69 9.77
N VAL A 22 2.98 2.20 8.71
CA VAL A 22 3.68 1.87 7.48
C VAL A 22 3.71 3.06 6.53
N VAL A 23 4.91 3.62 6.33
CA VAL A 23 5.07 4.76 5.44
C VAL A 23 5.42 4.31 4.03
N ALA A 24 4.51 4.56 3.09
CA ALA A 24 4.72 4.19 1.70
C ALA A 24 4.10 5.21 0.75
N LEU A 25 4.80 5.47 -0.36
CA LEU A 25 4.31 6.44 -1.34
C LEU A 25 4.09 7.81 -0.70
N ASP A 26 5.01 8.20 0.18
CA ASP A 26 4.90 9.49 0.86
C ASP A 26 3.59 9.60 1.63
N ARG A 27 3.12 8.46 2.13
CA ARG A 27 1.87 8.43 2.89
C ARG A 27 1.99 7.49 4.09
N VAL A 28 0.93 7.44 4.90
CA VAL A 28 0.92 6.59 6.08
C VAL A 28 -0.29 5.67 6.08
N PHE A 29 -0.06 4.39 6.32
CA PHE A 29 -1.14 3.41 6.35
C PHE A 29 -0.95 2.42 7.49
N HIS A 30 -2.05 1.97 8.09
CA HIS A 30 -2.00 1.03 9.19
C HIS A 30 -1.53 -0.34 8.72
N VAL A 31 -0.67 -0.97 9.50
CA VAL A 31 -0.14 -2.28 9.15
C VAL A 31 -1.19 -3.13 8.44
N GLY A 32 -2.43 -3.02 8.88
CA GLY A 32 -3.52 -3.78 8.27
C GLY A 32 -4.06 -3.10 7.02
N CYS A 33 -4.31 -1.81 7.12
CA CYS A 33 -4.85 -1.04 6.00
C CYS A 33 -3.99 -1.25 4.75
N PHE A 34 -2.70 -1.00 4.89
CA PHE A 34 -1.77 -1.16 3.77
C PHE A 34 -1.85 -2.57 3.19
N VAL A 35 -2.54 -2.69 2.06
CA VAL A 35 -2.69 -3.97 1.39
C VAL A 35 -2.66 -3.82 -0.13
N CYS A 36 -2.68 -4.95 -0.83
CA CYS A 36 -2.66 -4.94 -2.29
C CYS A 36 -3.90 -4.27 -2.85
N SER A 37 -3.87 -3.96 -4.15
CA SER A 37 -5.01 -3.33 -4.80
C SER A 37 -5.87 -4.35 -5.53
N THR A 38 -5.30 -5.52 -5.79
CA THR A 38 -6.02 -6.58 -6.48
C THR A 38 -6.58 -7.60 -5.48
N CYS A 39 -5.69 -8.37 -4.87
CA CYS A 39 -6.10 -9.38 -3.89
C CYS A 39 -6.27 -8.76 -2.51
N ARG A 40 -5.75 -7.55 -2.34
CA ARG A 40 -5.85 -6.85 -1.06
C ARG A 40 -5.17 -7.64 0.05
N ALA A 41 -3.97 -8.13 -0.25
CA ALA A 41 -3.21 -8.91 0.73
C ALA A 41 -2.35 -8.00 1.60
N GLN A 42 -2.02 -8.48 2.79
CA GLN A 42 -1.20 -7.71 3.72
C GLN A 42 0.20 -7.50 3.17
N LEU A 43 0.54 -6.26 2.85
CA LEU A 43 1.85 -5.93 2.32
C LEU A 43 2.76 -5.34 3.40
N ARG A 44 2.36 -5.53 4.65
CA ARG A 44 3.13 -5.02 5.78
C ARG A 44 4.45 -5.78 5.92
N GLY A 45 5.56 -5.08 5.69
CA GLY A 45 6.87 -5.70 5.79
C GLY A 45 7.29 -6.37 4.51
N GLN A 46 6.44 -7.25 3.99
CA GLN A 46 6.74 -7.97 2.75
C GLN A 46 7.00 -6.98 1.61
N HIS A 47 7.54 -7.50 0.51
CA HIS A 47 7.84 -6.68 -0.66
C HIS A 47 6.57 -6.42 -1.47
N PHE A 48 6.58 -5.33 -2.24
CA PHE A 48 5.44 -4.97 -3.07
C PHE A 48 5.86 -4.07 -4.22
N TYR A 49 4.92 -3.74 -5.09
CA TYR A 49 5.19 -2.89 -6.25
C TYR A 49 4.35 -1.62 -6.20
N ALA A 50 4.84 -0.57 -6.85
CA ALA A 50 4.13 0.71 -6.88
C ALA A 50 3.84 1.14 -8.31
N VAL A 51 2.57 1.12 -8.69
CA VAL A 51 2.16 1.51 -10.03
C VAL A 51 0.91 2.38 -9.99
N GLU A 52 1.05 3.62 -10.47
CA GLU A 52 -0.08 4.55 -10.49
C GLU A 52 -0.54 4.88 -9.06
N ARG A 53 0.42 5.03 -8.17
CA ARG A 53 0.12 5.34 -6.77
C ARG A 53 -0.68 4.22 -6.12
N ARG A 54 -0.29 2.98 -6.42
CA ARG A 54 -0.97 1.82 -5.86
C ARG A 54 0.03 0.82 -5.28
N ALA A 55 -0.48 -0.26 -4.72
CA ALA A 55 0.38 -1.29 -4.12
C ALA A 55 0.00 -2.67 -4.63
N TYR A 56 0.91 -3.29 -5.39
CA TYR A 56 0.66 -4.61 -5.94
C TYR A 56 1.72 -5.60 -5.45
N CYS A 57 1.27 -6.69 -4.85
CA CYS A 57 2.17 -7.73 -4.35
C CYS A 57 2.88 -8.44 -5.49
N GLU A 58 4.12 -8.85 -5.25
CA GLU A 58 4.90 -9.55 -6.27
C GLU A 58 4.00 -10.43 -7.14
N GLY A 59 3.31 -11.37 -6.51
CA GLY A 59 2.41 -12.26 -7.24
C GLY A 59 1.58 -11.52 -8.26
N CYS A 60 0.70 -10.64 -7.78
CA CYS A 60 -0.17 -9.87 -8.65
C CYS A 60 0.64 -9.12 -9.71
N TYR A 61 1.55 -8.26 -9.25
CA TYR A 61 2.38 -7.48 -10.15
C TYR A 61 2.82 -8.31 -11.35
N VAL A 62 3.17 -9.57 -11.10
CA VAL A 62 3.60 -10.47 -12.15
C VAL A 62 2.41 -10.96 -12.98
N ALA A 63 1.32 -11.28 -12.29
CA ALA A 63 0.12 -11.76 -12.94
C ALA A 63 -0.43 -10.73 -13.92
N THR A 64 -0.37 -9.46 -13.53
CA THR A 64 -0.87 -8.37 -14.37
C THR A 64 -0.10 -8.32 -15.69
N LEU A 65 1.22 -8.40 -15.62
CA LEU A 65 2.05 -8.36 -16.82
C LEU A 65 1.49 -9.29 -17.89
N GLU A 66 1.22 -10.53 -17.52
CA GLU A 66 0.68 -11.51 -18.45
C GLU A 66 -0.33 -10.87 -19.39
N SER A 67 -1.44 -10.41 -18.82
CA SER A 67 -2.50 -9.78 -19.61
C SER A 67 -2.07 -8.38 -20.07
N GLY A 68 -1.14 -7.79 -19.34
CA GLY A 68 -0.66 -6.47 -19.68
C GLY A 68 0.01 -6.42 -21.05
N PRO A 69 -0.54 -5.59 -21.95
CA PRO A 69 -0.01 -5.44 -23.30
C PRO A 69 1.35 -4.75 -23.32
N SER A 70 1.97 -4.63 -22.15
CA SER A 70 3.27 -3.98 -22.03
C SER A 70 4.12 -4.22 -23.29
N SER A 71 4.13 -5.47 -23.75
CA SER A 71 4.89 -5.83 -24.94
C SER A 71 4.16 -5.42 -26.21
N GLY A 72 4.81 -4.58 -27.02
CA GLY A 72 4.20 -4.13 -28.25
C GLY A 72 4.88 -2.89 -28.81
N GLY A 1 0.89 22.58 19.00
CA GLY A 1 1.93 21.57 18.92
C GLY A 1 2.64 21.59 17.58
N SER A 2 2.51 20.50 16.83
CA SER A 2 3.15 20.38 15.53
C SER A 2 2.19 20.77 14.41
N SER A 3 2.74 21.19 13.28
CA SER A 3 1.93 21.59 12.13
C SER A 3 1.20 20.40 11.53
N GLY A 4 1.97 19.43 11.05
CA GLY A 4 1.38 18.24 10.44
C GLY A 4 1.47 17.02 11.36
N SER A 5 0.71 15.99 11.02
CA SER A 5 0.70 14.77 11.82
C SER A 5 0.69 13.54 10.92
N SER A 6 0.90 12.37 11.52
CA SER A 6 0.92 11.12 10.77
C SER A 6 -0.48 10.53 10.67
N GLY A 7 -1.10 10.70 9.51
CA GLY A 7 -2.44 10.17 9.30
C GLY A 7 -2.45 8.90 8.48
N CYS A 8 -3.60 8.25 8.43
CA CYS A 8 -3.73 7.00 7.66
C CYS A 8 -4.31 7.27 6.28
N GLY A 9 -3.48 7.10 5.26
CA GLY A 9 -3.93 7.34 3.89
C GLY A 9 -5.11 6.45 3.51
N GLY A 10 -5.20 5.29 4.15
CA GLY A 10 -6.29 4.38 3.85
C GLY A 10 -7.64 4.89 4.34
N CYS A 11 -7.81 4.92 5.66
CA CYS A 11 -9.06 5.39 6.24
C CYS A 11 -8.96 6.87 6.60
N GLY A 12 -7.93 7.24 7.34
CA GLY A 12 -7.74 8.63 7.73
C GLY A 12 -7.31 8.77 9.18
N GLU A 13 -7.83 7.90 10.04
CA GLU A 13 -7.49 7.93 11.46
C GLU A 13 -5.97 7.93 11.65
N ASP A 14 -5.52 8.70 12.63
CA ASP A 14 -4.10 8.79 12.93
C ASP A 14 -3.52 7.41 13.24
N VAL A 15 -2.35 7.12 12.69
CA VAL A 15 -1.69 5.84 12.91
C VAL A 15 -0.82 5.88 14.16
N VAL A 16 -1.31 5.30 15.25
CA VAL A 16 -0.58 5.26 16.51
C VAL A 16 0.21 3.97 16.64
N GLY A 17 0.92 3.84 17.75
CA GLY A 17 1.72 2.64 17.99
C GLY A 17 3.10 2.96 18.55
N ASP A 18 3.33 4.23 18.84
CA ASP A 18 4.62 4.67 19.38
C ASP A 18 5.76 4.18 18.52
N GLY A 19 5.55 4.17 17.20
CA GLY A 19 6.58 3.72 16.28
C GLY A 19 6.01 3.01 15.07
N ALA A 20 4.80 2.48 15.22
CA ALA A 20 4.14 1.77 14.14
C ALA A 20 3.83 2.70 12.97
N GLY A 21 3.33 2.13 11.87
CA GLY A 21 3.01 2.93 10.70
C GLY A 21 3.80 2.52 9.48
N VAL A 22 3.13 1.88 8.53
CA VAL A 22 3.77 1.42 7.31
C VAL A 22 3.94 2.57 6.32
N VAL A 23 5.16 3.06 6.18
CA VAL A 23 5.45 4.16 5.27
C VAL A 23 5.56 3.67 3.84
N ALA A 24 4.65 4.13 2.97
CA ALA A 24 4.64 3.74 1.58
C ALA A 24 4.18 4.88 0.69
N LEU A 25 5.01 5.26 -0.27
CA LEU A 25 4.69 6.34 -1.19
C LEU A 25 4.54 7.67 -0.44
N ASP A 26 5.46 7.92 0.47
CA ASP A 26 5.44 9.15 1.26
C ASP A 26 4.13 9.28 2.03
N ARG A 27 3.57 8.14 2.44
CA ARG A 27 2.32 8.12 3.18
C ARG A 27 2.35 7.07 4.29
N VAL A 28 1.35 7.09 5.16
CA VAL A 28 1.27 6.14 6.26
C VAL A 28 -0.06 5.40 6.25
N PHE A 29 0.01 4.07 6.33
CA PHE A 29 -1.20 3.25 6.34
C PHE A 29 -1.14 2.20 7.45
N HIS A 30 -2.28 1.95 8.08
CA HIS A 30 -2.36 0.97 9.16
C HIS A 30 -1.91 -0.41 8.68
N VAL A 31 -1.04 -1.03 9.47
CA VAL A 31 -0.52 -2.36 9.13
C VAL A 31 -1.58 -3.19 8.41
N GLY A 32 -2.84 -2.99 8.78
CA GLY A 32 -3.92 -3.73 8.15
C GLY A 32 -4.38 -3.09 6.85
N CYS A 33 -4.60 -1.78 6.87
CA CYS A 33 -5.05 -1.06 5.69
C CYS A 33 -4.08 -1.27 4.53
N PHE A 34 -2.80 -1.07 4.78
CA PHE A 34 -1.78 -1.25 3.75
C PHE A 34 -1.84 -2.65 3.16
N VAL A 35 -2.42 -2.76 1.97
CA VAL A 35 -2.55 -4.04 1.29
C VAL A 35 -2.65 -3.86 -0.22
N CYS A 36 -2.53 -4.96 -0.96
CA CYS A 36 -2.60 -4.92 -2.41
C CYS A 36 -3.90 -4.28 -2.87
N SER A 37 -3.97 -3.93 -4.14
CA SER A 37 -5.17 -3.30 -4.71
C SER A 37 -6.05 -4.34 -5.39
N THR A 38 -5.45 -5.46 -5.78
CA THR A 38 -6.19 -6.53 -6.46
C THR A 38 -6.58 -7.63 -5.47
N CYS A 39 -5.58 -8.34 -4.95
CA CYS A 39 -5.81 -9.41 -4.00
C CYS A 39 -5.98 -8.86 -2.59
N ARG A 40 -5.58 -7.60 -2.40
CA ARG A 40 -5.69 -6.96 -1.10
C ARG A 40 -5.01 -7.80 -0.02
N ALA A 41 -3.79 -8.25 -0.30
CA ALA A 41 -3.03 -9.07 0.64
C ALA A 41 -2.11 -8.20 1.48
N GLN A 42 -1.88 -8.62 2.72
CA GLN A 42 -1.01 -7.88 3.63
C GLN A 42 0.35 -7.63 2.99
N LEU A 43 0.72 -6.36 2.89
CA LEU A 43 2.00 -5.97 2.30
C LEU A 43 2.96 -5.48 3.38
N ARG A 44 2.66 -5.78 4.63
CA ARG A 44 3.49 -5.37 5.75
C ARG A 44 4.73 -6.25 5.87
N GLY A 45 5.89 -5.63 6.05
CA GLY A 45 7.12 -6.37 6.17
C GLY A 45 7.41 -7.20 4.93
N GLN A 46 7.16 -6.63 3.75
CA GLN A 46 7.39 -7.34 2.50
C GLN A 46 7.52 -6.35 1.34
N HIS A 47 8.03 -6.82 0.22
CA HIS A 47 8.20 -5.99 -0.97
C HIS A 47 6.87 -5.79 -1.68
N PHE A 48 6.83 -4.81 -2.57
CA PHE A 48 5.61 -4.52 -3.34
C PHE A 48 5.91 -3.64 -4.54
N TYR A 49 4.89 -3.35 -5.33
CA TYR A 49 5.05 -2.52 -6.52
C TYR A 49 4.15 -1.28 -6.45
N ALA A 50 4.53 -0.24 -7.17
CA ALA A 50 3.77 1.00 -7.19
C ALA A 50 3.38 1.38 -8.62
N VAL A 51 2.08 1.31 -8.91
CA VAL A 51 1.58 1.65 -10.23
C VAL A 51 0.29 2.46 -10.14
N GLU A 52 0.31 3.68 -10.67
CA GLU A 52 -0.85 4.55 -10.64
C GLU A 52 -1.24 4.90 -9.21
N ARG A 53 -0.24 5.12 -8.36
CA ARG A 53 -0.48 5.46 -6.97
C ARG A 53 -1.18 4.32 -6.24
N ARG A 54 -0.77 3.09 -6.56
CA ARG A 54 -1.36 1.91 -5.93
C ARG A 54 -0.27 0.97 -5.42
N ALA A 55 -0.69 -0.12 -4.79
CA ALA A 55 0.24 -1.10 -4.25
C ALA A 55 -0.11 -2.51 -4.72
N TYR A 56 0.82 -3.13 -5.45
CA TYR A 56 0.60 -4.48 -5.96
C TYR A 56 1.69 -5.43 -5.47
N CYS A 57 1.28 -6.60 -4.99
CA CYS A 57 2.21 -7.59 -4.48
C CYS A 57 2.92 -8.30 -5.63
N GLU A 58 4.19 -8.63 -5.42
CA GLU A 58 4.99 -9.30 -6.44
C GLU A 58 4.12 -10.25 -7.26
N GLY A 59 3.38 -11.11 -6.59
CA GLY A 59 2.52 -12.05 -7.28
C GLY A 59 1.59 -11.38 -8.27
N CYS A 60 0.73 -10.49 -7.76
CA CYS A 60 -0.21 -9.77 -8.60
C CYS A 60 0.52 -9.02 -9.71
N TYR A 61 1.50 -8.21 -9.32
CA TYR A 61 2.27 -7.43 -10.29
C TYR A 61 2.72 -8.30 -11.46
N VAL A 62 3.22 -9.49 -11.15
CA VAL A 62 3.68 -10.41 -12.18
C VAL A 62 2.49 -11.02 -12.94
N ALA A 63 1.43 -11.35 -12.20
CA ALA A 63 0.25 -11.93 -12.80
C ALA A 63 -0.35 -11.00 -13.86
N THR A 64 -0.44 -9.72 -13.53
CA THR A 64 -1.01 -8.73 -14.44
C THR A 64 -0.25 -8.73 -15.78
N LEU A 65 1.07 -8.77 -15.70
CA LEU A 65 1.90 -8.77 -16.90
C LEU A 65 1.50 -9.92 -17.83
N GLU A 66 1.27 -11.09 -17.25
CA GLU A 66 0.88 -12.26 -18.03
C GLU A 66 -0.59 -12.18 -18.44
N SER A 67 -1.48 -12.19 -17.45
CA SER A 67 -2.91 -12.13 -17.70
C SER A 67 -3.49 -10.79 -17.22
N GLY A 68 -4.36 -10.20 -18.03
CA GLY A 68 -4.97 -8.94 -17.68
C GLY A 68 -5.52 -8.20 -18.87
N PRO A 69 -6.71 -7.61 -18.72
CA PRO A 69 -7.37 -6.85 -19.79
C PRO A 69 -6.65 -5.54 -20.10
N SER A 70 -5.84 -5.55 -21.15
CA SER A 70 -5.09 -4.37 -21.55
C SER A 70 -4.97 -4.29 -23.07
N SER A 71 -4.98 -3.07 -23.60
CA SER A 71 -4.88 -2.85 -25.04
C SER A 71 -3.64 -2.02 -25.38
N GLY A 72 -3.42 -1.81 -26.67
CA GLY A 72 -2.28 -1.02 -27.10
C GLY A 72 -2.11 0.26 -26.31
N GLY A 1 1.71 28.48 10.91
CA GLY A 1 1.87 27.13 11.42
C GLY A 1 2.38 26.16 10.37
N SER A 2 1.63 25.09 10.14
CA SER A 2 2.01 24.09 9.15
C SER A 2 0.80 23.30 8.67
N SER A 3 0.78 23.00 7.37
CA SER A 3 -0.33 22.26 6.77
C SER A 3 0.04 20.79 6.60
N GLY A 4 -0.69 19.92 7.29
CA GLY A 4 -0.44 18.49 7.19
C GLY A 4 -0.29 17.84 8.55
N SER A 5 -1.04 16.76 8.77
CA SER A 5 -0.99 16.06 10.04
C SER A 5 -0.79 14.55 9.82
N SER A 6 -0.12 13.90 10.76
CA SER A 6 0.14 12.48 10.67
C SER A 6 -1.15 11.67 10.76
N GLY A 7 -1.60 11.14 9.63
CA GLY A 7 -2.83 10.36 9.61
C GLY A 7 -2.69 9.09 8.81
N CYS A 8 -3.81 8.44 8.52
CA CYS A 8 -3.82 7.20 7.76
C CYS A 8 -4.52 7.39 6.42
N GLY A 9 -3.73 7.42 5.34
CA GLY A 9 -4.30 7.59 4.02
C GLY A 9 -5.35 6.56 3.70
N GLY A 10 -5.20 5.37 4.28
CA GLY A 10 -6.15 4.31 4.04
C GLY A 10 -7.52 4.60 4.61
N CYS A 11 -7.63 4.51 5.93
CA CYS A 11 -8.89 4.78 6.61
C CYS A 11 -9.01 6.25 7.01
N GLY A 12 -7.95 6.78 7.62
CA GLY A 12 -7.94 8.17 8.03
C GLY A 12 -7.60 8.33 9.50
N GLU A 13 -7.87 7.30 10.29
CA GLU A 13 -7.59 7.33 11.72
C GLU A 13 -6.13 7.73 11.97
N ASP A 14 -5.90 8.39 13.10
CA ASP A 14 -4.55 8.82 13.47
C ASP A 14 -3.59 7.65 13.50
N VAL A 15 -2.44 7.81 12.85
CA VAL A 15 -1.44 6.76 12.80
C VAL A 15 -0.37 6.97 13.87
N VAL A 16 -0.47 6.19 14.94
CA VAL A 16 0.48 6.28 16.05
C VAL A 16 1.73 5.45 15.77
N GLY A 17 2.69 5.51 16.68
CA GLY A 17 3.92 4.76 16.52
C GLY A 17 3.81 3.33 17.02
N ASP A 18 4.91 2.79 17.51
CA ASP A 18 4.93 1.43 18.03
C ASP A 18 4.53 0.44 16.95
N GLY A 19 4.97 0.68 15.72
CA GLY A 19 4.65 -0.19 14.62
C GLY A 19 3.21 -0.05 14.17
N ALA A 20 2.68 1.16 14.25
CA ALA A 20 1.31 1.43 13.85
C ALA A 20 1.26 2.36 12.65
N GLY A 21 2.38 2.48 11.94
CA GLY A 21 2.43 3.35 10.78
C GLY A 21 3.42 2.84 9.75
N VAL A 22 2.98 2.76 8.49
CA VAL A 22 3.82 2.30 7.41
C VAL A 22 3.93 3.34 6.31
N VAL A 23 5.08 4.00 6.24
CA VAL A 23 5.32 5.03 5.22
C VAL A 23 5.56 4.41 3.86
N ALA A 24 4.64 4.67 2.93
CA ALA A 24 4.75 4.14 1.58
C ALA A 24 4.14 5.10 0.56
N LEU A 25 4.91 5.45 -0.46
CA LEU A 25 4.44 6.36 -1.50
C LEU A 25 4.16 7.75 -0.93
N ASP A 26 5.06 8.21 -0.06
CA ASP A 26 4.91 9.53 0.55
C ASP A 26 3.58 9.62 1.31
N ARG A 27 3.15 8.51 1.88
CA ARG A 27 1.91 8.45 2.63
C ARG A 27 2.05 7.59 3.87
N VAL A 28 1.00 7.55 4.69
CA VAL A 28 1.01 6.76 5.91
C VAL A 28 -0.21 5.84 5.99
N PHE A 29 0.03 4.55 6.14
CA PHE A 29 -1.04 3.57 6.23
C PHE A 29 -0.80 2.59 7.37
N HIS A 30 -1.89 2.18 8.02
CA HIS A 30 -1.79 1.24 9.14
C HIS A 30 -1.34 -0.14 8.66
N VAL A 31 -0.41 -0.75 9.38
CA VAL A 31 0.11 -2.06 9.02
C VAL A 31 -0.98 -2.93 8.41
N GLY A 32 -2.18 -2.83 8.94
CA GLY A 32 -3.29 -3.61 8.42
C GLY A 32 -3.89 -3.00 7.18
N CYS A 33 -4.14 -1.70 7.21
CA CYS A 33 -4.72 -0.99 6.08
C CYS A 33 -3.87 -1.19 4.82
N PHE A 34 -2.56 -0.93 4.95
CA PHE A 34 -1.64 -1.07 3.84
C PHE A 34 -1.70 -2.49 3.26
N VAL A 35 -2.38 -2.64 2.13
CA VAL A 35 -2.50 -3.94 1.48
C VAL A 35 -2.62 -3.79 -0.03
N CYS A 36 -2.42 -4.89 -0.74
CA CYS A 36 -2.51 -4.90 -2.19
C CYS A 36 -3.85 -4.32 -2.66
N SER A 37 -3.93 -4.01 -3.96
CA SER A 37 -5.15 -3.46 -4.53
C SER A 37 -6.02 -4.54 -5.14
N THR A 38 -5.38 -5.65 -5.54
CA THR A 38 -6.09 -6.77 -6.14
C THR A 38 -6.39 -7.85 -5.11
N CYS A 39 -5.36 -8.53 -4.65
CA CYS A 39 -5.52 -9.59 -3.65
C CYS A 39 -5.67 -9.01 -2.25
N ARG A 40 -5.34 -7.73 -2.12
CA ARG A 40 -5.43 -7.05 -0.83
C ARG A 40 -4.66 -7.80 0.24
N ALA A 41 -3.43 -8.19 -0.08
CA ALA A 41 -2.59 -8.92 0.86
C ALA A 41 -1.87 -7.97 1.81
N GLN A 42 -1.48 -8.48 2.97
CA GLN A 42 -0.78 -7.67 3.97
C GLN A 42 0.61 -7.27 3.47
N LEU A 43 0.76 -5.98 3.17
CA LEU A 43 2.03 -5.46 2.68
C LEU A 43 2.79 -4.73 3.79
N ARG A 44 2.40 -5.00 5.03
CA ARG A 44 3.05 -4.37 6.19
C ARG A 44 4.55 -4.65 6.18
N GLY A 45 4.91 -5.90 5.94
CA GLY A 45 6.31 -6.28 5.91
C GLY A 45 6.63 -7.26 4.81
N GLN A 46 6.69 -6.78 3.58
CA GLN A 46 6.99 -7.64 2.43
C GLN A 46 7.29 -6.81 1.20
N HIS A 47 7.69 -7.47 0.12
CA HIS A 47 8.00 -6.79 -1.13
C HIS A 47 6.75 -6.52 -1.94
N PHE A 48 6.58 -5.27 -2.35
CA PHE A 48 5.41 -4.87 -3.13
C PHE A 48 5.82 -3.99 -4.30
N TYR A 49 4.85 -3.68 -5.18
CA TYR A 49 5.11 -2.85 -6.34
C TYR A 49 4.28 -1.57 -6.29
N ALA A 50 4.72 -0.56 -7.02
CA ALA A 50 4.02 0.72 -7.06
C ALA A 50 3.63 1.09 -8.49
N VAL A 51 2.33 1.06 -8.77
CA VAL A 51 1.83 1.40 -10.10
C VAL A 51 0.57 2.24 -10.02
N GLU A 52 0.63 3.45 -10.57
CA GLU A 52 -0.51 4.35 -10.56
C GLU A 52 -0.88 4.74 -9.13
N ARG A 53 0.13 4.92 -8.30
CA ARG A 53 -0.08 5.31 -6.90
C ARG A 53 -0.82 4.20 -6.15
N ARG A 54 -0.46 2.95 -6.45
CA ARG A 54 -1.09 1.81 -5.80
C ARG A 54 -0.04 0.83 -5.29
N ALA A 55 -0.50 -0.24 -4.65
CA ALA A 55 0.40 -1.26 -4.11
C ALA A 55 0.04 -2.64 -4.64
N TYR A 56 0.96 -3.25 -5.38
CA TYR A 56 0.73 -4.58 -5.94
C TYR A 56 1.82 -5.55 -5.50
N CYS A 57 1.42 -6.60 -4.80
CA CYS A 57 2.35 -7.61 -4.32
C CYS A 57 2.99 -8.36 -5.48
N GLU A 58 4.24 -8.77 -5.30
CA GLU A 58 4.96 -9.50 -6.34
C GLU A 58 4.02 -10.39 -7.14
N GLY A 59 3.33 -11.29 -6.45
CA GLY A 59 2.40 -12.18 -7.11
C GLY A 59 1.49 -11.46 -8.09
N CYS A 60 0.63 -10.59 -7.55
CA CYS A 60 -0.30 -9.84 -8.38
C CYS A 60 0.44 -9.09 -9.48
N TYR A 61 1.42 -8.29 -9.09
CA TYR A 61 2.21 -7.52 -10.05
C TYR A 61 2.57 -8.36 -11.26
N VAL A 62 3.03 -9.58 -11.01
CA VAL A 62 3.41 -10.49 -12.09
C VAL A 62 2.19 -10.92 -12.91
N ALA A 63 1.08 -11.15 -12.22
CA ALA A 63 -0.16 -11.56 -12.88
C ALA A 63 -0.58 -10.55 -13.93
N THR A 64 -0.52 -9.26 -13.58
CA THR A 64 -0.90 -8.19 -14.49
C THR A 64 0.01 -8.18 -15.72
N LEU A 65 1.31 -8.39 -15.49
CA LEU A 65 2.28 -8.39 -16.58
C LEU A 65 1.98 -9.51 -17.57
N GLU A 66 1.79 -10.72 -17.05
CA GLU A 66 1.50 -11.87 -17.90
C GLU A 66 0.13 -11.73 -18.55
N SER A 67 -0.85 -11.25 -17.78
CA SER A 67 -2.20 -11.06 -18.30
C SER A 67 -2.75 -12.38 -18.84
N GLY A 68 -2.59 -13.45 -18.07
CA GLY A 68 -3.08 -14.75 -18.50
C GLY A 68 -2.33 -15.28 -19.70
N PRO A 69 -3.07 -15.94 -20.61
CA PRO A 69 -2.49 -16.51 -21.83
C PRO A 69 -2.03 -15.44 -22.81
N SER A 70 -0.75 -15.46 -23.16
CA SER A 70 -0.18 -14.50 -24.09
C SER A 70 0.73 -15.18 -25.10
N SER A 71 0.69 -14.70 -26.34
CA SER A 71 1.52 -15.26 -27.40
C SER A 71 2.98 -14.83 -27.26
N GLY A 72 3.18 -13.61 -26.79
CA GLY A 72 4.52 -13.08 -26.62
C GLY A 72 4.56 -11.57 -26.57
#